data_5KEK
# 
_entry.id   5KEK 
# 
_audit_conform.dict_name       mmcif_pdbx.dic 
_audit_conform.dict_version    5.387 
_audit_conform.dict_location   http://mmcif.pdb.org/dictionaries/ascii/mmcif_pdbx.dic 
# 
loop_
_database_2.database_id 
_database_2.database_code 
_database_2.pdbx_database_accession 
_database_2.pdbx_DOI 
PDB   5KEK         pdb_00005kek 10.2210/pdb5kek/pdb 
WWPDB D_1000222084 ?            ?                   
# 
loop_
_pdbx_audit_revision_history.ordinal 
_pdbx_audit_revision_history.data_content_type 
_pdbx_audit_revision_history.major_revision 
_pdbx_audit_revision_history.minor_revision 
_pdbx_audit_revision_history.revision_date 
1 'Structure model' 1 0 2016-08-10 
2 'Structure model' 1 1 2016-08-24 
3 'Structure model' 1 2 2017-09-13 
4 'Structure model' 1 3 2019-11-27 
5 'Structure model' 1 4 2024-03-06 
# 
_pdbx_audit_revision_details.ordinal             1 
_pdbx_audit_revision_details.revision_ordinal    1 
_pdbx_audit_revision_details.data_content_type   'Structure model' 
_pdbx_audit_revision_details.provider            repository 
_pdbx_audit_revision_details.type                'Initial release' 
_pdbx_audit_revision_details.description         ? 
_pdbx_audit_revision_details.details             ? 
# 
loop_
_pdbx_audit_revision_group.ordinal 
_pdbx_audit_revision_group.revision_ordinal 
_pdbx_audit_revision_group.data_content_type 
_pdbx_audit_revision_group.group 
1 2 'Structure model' 'Database references'        
2 3 'Structure model' 'Author supporting evidence' 
3 3 'Structure model' 'Derived calculations'       
4 4 'Structure model' 'Author supporting evidence' 
5 5 'Structure model' 'Data collection'            
6 5 'Structure model' 'Database references'        
# 
loop_
_pdbx_audit_revision_category.ordinal 
_pdbx_audit_revision_category.revision_ordinal 
_pdbx_audit_revision_category.data_content_type 
_pdbx_audit_revision_category.category 
1 3 'Structure model' pdbx_audit_support    
2 3 'Structure model' pdbx_struct_oper_list 
3 4 'Structure model' pdbx_audit_support    
4 5 'Structure model' chem_comp_atom        
5 5 'Structure model' chem_comp_bond        
6 5 'Structure model' database_2            
# 
loop_
_pdbx_audit_revision_item.ordinal 
_pdbx_audit_revision_item.revision_ordinal 
_pdbx_audit_revision_item.data_content_type 
_pdbx_audit_revision_item.item 
1 3 'Structure model' '_pdbx_audit_support.funding_organization'  
2 3 'Structure model' '_pdbx_struct_oper_list.symmetry_operation' 
3 4 'Structure model' '_pdbx_audit_support.funding_organization'  
4 5 'Structure model' '_database_2.pdbx_DOI'                      
5 5 'Structure model' '_database_2.pdbx_database_accession'       
# 
_pdbx_database_status.status_code                     REL 
_pdbx_database_status.status_code_sf                  REL 
_pdbx_database_status.status_code_mr                  ? 
_pdbx_database_status.entry_id                        5KEK 
_pdbx_database_status.recvd_initial_deposition_date   2016-06-09 
_pdbx_database_status.SG_entry                        N 
_pdbx_database_status.deposit_site                    RCSB 
_pdbx_database_status.process_site                    RCSB 
_pdbx_database_status.status_code_cs                  ? 
_pdbx_database_status.methods_development_category    ? 
_pdbx_database_status.pdb_format_compatible           Y 
_pdbx_database_status.status_code_nmr_data            ? 
# 
_pdbx_database_related.db_name        PDB 
_pdbx_database_related.details        . 
_pdbx_database_related.db_id          5KEO 
_pdbx_database_related.content_type   unspecified 
# 
loop_
_audit_author.name 
_audit_author.pdbx_ordinal 
_audit_author.identifier_ORCID 
'Simmons, C.R.'  1 ? 
'Birktoft, J.J.' 2 ? 
'Seeman, N.C.'   3 ? 
'Yan, H.'        4 ? 
# 
_citation.abstract                  ? 
_citation.abstract_id_CAS           ? 
_citation.book_id_ISBN              ? 
_citation.book_publisher            ? 
_citation.book_publisher_city       ? 
_citation.book_title                ? 
_citation.coordinate_linkage        ? 
_citation.country                   US 
_citation.database_id_Medline       ? 
_citation.details                   ? 
_citation.id                        primary 
_citation.journal_abbrev            J.Am.Chem.Soc. 
_citation.journal_id_ASTM           JACSAT 
_citation.journal_id_CSD            ? 
_citation.journal_id_ISSN           1520-5126 
_citation.journal_full              ? 
_citation.journal_issue             ? 
_citation.journal_volume            138 
_citation.language                  ? 
_citation.page_first                10047 
_citation.page_last                 10054 
_citation.title                     'Construction and Structure Determination of a Three-Dimensional DNA Crystal.' 
_citation.year                      2016 
_citation.database_id_CSD           ? 
_citation.pdbx_database_id_DOI      10.1021/jacs.6b06508 
_citation.pdbx_database_id_PubMed   27447429 
_citation.unpublished_flag          ? 
# 
loop_
_citation_author.citation_id 
_citation_author.name 
_citation_author.ordinal 
_citation_author.identifier_ORCID 
primary 'Simmons, C.R.'  1  ? 
primary 'Zhang, F.'      2  ? 
primary 'Birktoft, J.J.' 3  ? 
primary 'Qi, X.'         4  ? 
primary 'Han, D.'        5  ? 
primary 'Liu, Y.'        6  ? 
primary 'Sha, R.'        7  ? 
primary 'Abdallah, H.O.' 8  ? 
primary 'Hernandez, C.'  9  ? 
primary 'Ohayon, Y.P.'   10 ? 
primary 'Seeman, N.C.'   11 ? 
primary 'Yan, H.'        12 ? 
# 
loop_
_entity.id 
_entity.type 
_entity.src_method 
_entity.pdbx_description 
_entity.formula_weight 
_entity.pdbx_number_of_molecules 
_entity.pdbx_ec 
_entity.pdbx_mutation 
_entity.pdbx_fragment 
_entity.details 
1 polymer     syn 
;DNA (5'-D(*GP*AP*GP*CP*AP*GP*AP*CP*CP*TP*GP*AP*CP*GP*AP*CP*AP*CP*TP*CP*A)-3')
;
6426.177 1 ? ? ? ? 
2 polymer     syn 
;DNA (5'-D(P*CP*GP*TP*CP*A)-3')
;
1480.012 1 ? ? ? ? 
3 polymer     syn 
;DNA (5'-D(*TP*CP*TP*GP*AP*GP*TP*GP*T)-3')
;
2761.820 1 ? ? ? ? 
4 polymer     syn 
;DNA (5'-D(P*GP*GP*TP*CP*TP*GP*C)-3')
;
2129.409 1 ? ? ? ? 
5 non-polymer syn 'CACODYLATE ION'                                                                136.989  2 ? ? ? ? 
# 
loop_
_entity_poly.entity_id 
_entity_poly.type 
_entity_poly.nstd_linkage 
_entity_poly.nstd_monomer 
_entity_poly.pdbx_seq_one_letter_code 
_entity_poly.pdbx_seq_one_letter_code_can 
_entity_poly.pdbx_strand_id 
_entity_poly.pdbx_target_identifier 
1 polydeoxyribonucleotide no no 
;(DG)(DA)(DG)(DC)(DA)(DG)(DA)(DC)(DC)(DT)(DG)(DA)(DC)(DG)(DA)(DC)(DA)(DC)(DT)(DC)
(DA)
;
GAGCAGACCTGACGACACTCA A ? 
2 polydeoxyribonucleotide no no '(DC)(DG)(DT)(DC)(DA)'                                                                  CGTCA B ? 
3 polydeoxyribonucleotide no no '(DT)(DC)(DT)(DG)(DA)(DG)(DT)(DG)(DT)'                                                  TCTGAGTGT 
C ? 
4 polydeoxyribonucleotide no no '(DG)(DG)(DT)(DC)(DT)(DG)(DC)'                                                          GGTCTGC D 
? 
# 
_pdbx_entity_nonpoly.entity_id   5 
_pdbx_entity_nonpoly.name        'CACODYLATE ION' 
_pdbx_entity_nonpoly.comp_id     CAC 
# 
loop_
_entity_poly_seq.entity_id 
_entity_poly_seq.num 
_entity_poly_seq.mon_id 
_entity_poly_seq.hetero 
1 1  DG n 
1 2  DA n 
1 3  DG n 
1 4  DC n 
1 5  DA n 
1 6  DG n 
1 7  DA n 
1 8  DC n 
1 9  DC n 
1 10 DT n 
1 11 DG n 
1 12 DA n 
1 13 DC n 
1 14 DG n 
1 15 DA n 
1 16 DC n 
1 17 DA n 
1 18 DC n 
1 19 DT n 
1 20 DC n 
1 21 DA n 
2 1  DC n 
2 2  DG n 
2 3  DT n 
2 4  DC n 
2 5  DA n 
3 1  DT n 
3 2  DC n 
3 3  DT n 
3 4  DG n 
3 5  DA n 
3 6  DG n 
3 7  DT n 
3 8  DG n 
3 9  DT n 
4 1  DG n 
4 2  DG n 
4 3  DT n 
4 4  DC n 
4 5  DT n 
4 6  DG n 
4 7  DC n 
# 
loop_
_pdbx_entity_src_syn.entity_id 
_pdbx_entity_src_syn.pdbx_src_id 
_pdbx_entity_src_syn.pdbx_alt_source_flag 
_pdbx_entity_src_syn.pdbx_beg_seq_num 
_pdbx_entity_src_syn.pdbx_end_seq_num 
_pdbx_entity_src_syn.organism_scientific 
_pdbx_entity_src_syn.organism_common_name 
_pdbx_entity_src_syn.ncbi_taxonomy_id 
_pdbx_entity_src_syn.details 
1 1 sample 1 21 'Endothia gyrosa' ? 40263 ? 
2 1 sample 1 5  'Endothia gyrosa' ? 40263 ? 
3 1 sample 1 9  'Endothia gyrosa' ? 40263 ? 
4 1 sample 1 7  'Endothia gyrosa' ? 40263 ? 
# 
loop_
_chem_comp.id 
_chem_comp.type 
_chem_comp.mon_nstd_flag 
_chem_comp.name 
_chem_comp.pdbx_synonyms 
_chem_comp.formula 
_chem_comp.formula_weight 
CAC non-polymer   . 'CACODYLATE ION'                     dimethylarsinate 'C2 H6 As O2 -1'  136.989 
DA  'DNA linking' y "2'-DEOXYADENOSINE-5'-MONOPHOSPHATE" ?                'C10 H14 N5 O6 P' 331.222 
DC  'DNA linking' y "2'-DEOXYCYTIDINE-5'-MONOPHOSPHATE"  ?                'C9 H14 N3 O7 P'  307.197 
DG  'DNA linking' y "2'-DEOXYGUANOSINE-5'-MONOPHOSPHATE" ?                'C10 H14 N5 O7 P' 347.221 
DT  'DNA linking' y "THYMIDINE-5'-MONOPHOSPHATE"         ?                'C10 H15 N2 O8 P' 322.208 
# 
loop_
_pdbx_poly_seq_scheme.asym_id 
_pdbx_poly_seq_scheme.entity_id 
_pdbx_poly_seq_scheme.seq_id 
_pdbx_poly_seq_scheme.mon_id 
_pdbx_poly_seq_scheme.ndb_seq_num 
_pdbx_poly_seq_scheme.pdb_seq_num 
_pdbx_poly_seq_scheme.auth_seq_num 
_pdbx_poly_seq_scheme.pdb_mon_id 
_pdbx_poly_seq_scheme.auth_mon_id 
_pdbx_poly_seq_scheme.pdb_strand_id 
_pdbx_poly_seq_scheme.pdb_ins_code 
_pdbx_poly_seq_scheme.hetero 
A 1 1  DG 1  1  1  DG DG A . n 
A 1 2  DA 2  2  2  DA DA A . n 
A 1 3  DG 3  3  3  DG DG A . n 
A 1 4  DC 4  4  4  DC DC A . n 
A 1 5  DA 5  5  5  DA DA A . n 
A 1 6  DG 6  6  6  DG DG A . n 
A 1 7  DA 7  7  7  DA DA A . n 
A 1 8  DC 8  8  8  DC DC A . n 
A 1 9  DC 9  9  9  DC DC A . n 
A 1 10 DT 10 10 10 DT DT A . n 
A 1 11 DG 11 11 11 DG DG A . n 
A 1 12 DA 12 12 12 DA DA A . n 
A 1 13 DC 13 13 13 DC DC A . n 
A 1 14 DG 14 14 14 DG DG A . n 
A 1 15 DA 15 15 15 DA DA A . n 
A 1 16 DC 16 16 16 DC DC A . n 
A 1 17 DA 17 17 17 DA DA A . n 
A 1 18 DC 18 18 18 DC DC A . n 
A 1 19 DT 19 19 19 DT DT A . n 
A 1 20 DC 20 20 20 DC DC A . n 
A 1 21 DA 21 21 21 DA DA A . n 
B 2 1  DC 1  1  1  DC DC B . n 
B 2 2  DG 2  2  2  DG DG B . n 
B 2 3  DT 3  3  3  DT DT B . n 
B 2 4  DC 4  4  4  DC DC B . n 
B 2 5  DA 5  5  5  DA DA B . n 
C 3 1  DT 1  1  1  DT DT C . n 
C 3 2  DC 2  2  2  DC DC C . n 
C 3 3  DT 3  3  3  DT DT C . n 
C 3 4  DG 4  4  4  DG DG C . n 
C 3 5  DA 5  5  5  DA DA C . n 
C 3 6  DG 6  6  6  DG DG C . n 
C 3 7  DT 7  7  7  DT DT C . n 
C 3 8  DG 8  8  8  DG DG C . n 
C 3 9  DT 9  9  9  DT DT C . n 
D 4 1  DG 1  10 10 DG DG D . n 
D 4 2  DG 2  11 11 DG DG D . n 
D 4 3  DT 3  12 12 DT DT D . n 
D 4 4  DC 4  13 13 DC DC D . n 
D 4 5  DT 5  14 14 DT DT D . n 
D 4 6  DG 6  15 15 DG DG D . n 
D 4 7  DC 7  16 16 DC DC D . n 
# 
loop_
_pdbx_nonpoly_scheme.asym_id 
_pdbx_nonpoly_scheme.entity_id 
_pdbx_nonpoly_scheme.mon_id 
_pdbx_nonpoly_scheme.ndb_seq_num 
_pdbx_nonpoly_scheme.pdb_seq_num 
_pdbx_nonpoly_scheme.auth_seq_num 
_pdbx_nonpoly_scheme.pdb_mon_id 
_pdbx_nonpoly_scheme.auth_mon_id 
_pdbx_nonpoly_scheme.pdb_strand_id 
_pdbx_nonpoly_scheme.pdb_ins_code 
E 5 CAC 1 101 2 CAC CAC C . 
F 5 CAC 1 101 1 CAC CAC D . 
# 
loop_
_pdbx_unobs_or_zero_occ_atoms.id 
_pdbx_unobs_or_zero_occ_atoms.PDB_model_num 
_pdbx_unobs_or_zero_occ_atoms.polymer_flag 
_pdbx_unobs_or_zero_occ_atoms.occupancy_flag 
_pdbx_unobs_or_zero_occ_atoms.auth_asym_id 
_pdbx_unobs_or_zero_occ_atoms.auth_comp_id 
_pdbx_unobs_or_zero_occ_atoms.auth_seq_id 
_pdbx_unobs_or_zero_occ_atoms.PDB_ins_code 
_pdbx_unobs_or_zero_occ_atoms.auth_atom_id 
_pdbx_unobs_or_zero_occ_atoms.label_alt_id 
_pdbx_unobs_or_zero_occ_atoms.label_asym_id 
_pdbx_unobs_or_zero_occ_atoms.label_comp_id 
_pdbx_unobs_or_zero_occ_atoms.label_seq_id 
_pdbx_unobs_or_zero_occ_atoms.label_atom_id 
1  1 Y 1 A DG  1   ? "O5'" ? A DG  1 "O5'" 
2  1 Y 1 C DT  1   ? "O5'" ? C DT  1 "O5'" 
3  1 N 1 C CAC 101 ? O1    ? E CAC 1 O1    
4  1 N 1 C CAC 101 ? O2    ? E CAC 1 O2    
5  1 N 1 C CAC 101 ? C1    ? E CAC 1 C1    
6  1 N 1 C CAC 101 ? C2    ? E CAC 1 C2    
7  1 N 1 D CAC 101 ? O1    ? F CAC 1 O1    
8  1 N 1 D CAC 101 ? O2    ? F CAC 1 O2    
9  1 N 1 D CAC 101 ? C1    ? F CAC 1 C1    
10 1 N 1 D CAC 101 ? C2    ? F CAC 1 C2    
# 
loop_
_software.citation_id 
_software.classification 
_software.compiler_name 
_software.compiler_version 
_software.contact_author 
_software.contact_author_email 
_software.date 
_software.description 
_software.dependencies 
_software.hardware 
_software.language 
_software.location 
_software.mods 
_software.name 
_software.os 
_software.os_version 
_software.type 
_software.version 
_software.pdbx_ordinal 
? refinement       ? ? ? ? ? ? ? ? ? ? ? PHENIX   ? ? ? '(1.10_2152: ???)' 1 
? 'data reduction' ? ? ? ? ? ? ? ? ? ? ? HKL-2000 ? ? ? .                  2 
? 'data scaling'   ? ? ? ? ? ? ? ? ? ? ? HKL-2000 ? ? ? .                  3 
? phasing          ? ? ? ? ? ? ? ? ? ? ? PHASER   ? ? ? .                  4 
# 
_cell.entry_id           5KEK 
_cell.length_a           67.926 
_cell.length_b           67.926 
_cell.length_c           59.262 
_cell.angle_alpha        90.00 
_cell.angle_beta         90.00 
_cell.angle_gamma        120.00 
_cell.Z_PDB              6 
_cell.pdbx_unique_axis   ? 
# 
_symmetry.entry_id                         5KEK 
_symmetry.space_group_name_H-M             'P 32 2 1' 
_symmetry.pdbx_full_space_group_name_H-M   ? 
_symmetry.cell_setting                     ? 
_symmetry.Int_Tables_number                154 
# 
_exptl.absorpt_coefficient_mu     ? 
_exptl.absorpt_correction_T_max   ? 
_exptl.absorpt_correction_T_min   ? 
_exptl.absorpt_correction_type    ? 
_exptl.absorpt_process_details    ? 
_exptl.entry_id                   5KEK 
_exptl.crystals_number            1 
_exptl.details                    ? 
_exptl.method                     'X-RAY DIFFRACTION' 
_exptl.method_details             ? 
# 
_exptl_crystal.colour                      ? 
_exptl_crystal.density_diffrn              ? 
_exptl_crystal.density_Matthews            3 
_exptl_crystal.density_method              ? 
_exptl_crystal.density_percent_sol         55.0 
_exptl_crystal.description                 'Triangular prisms' 
_exptl_crystal.F_000                       ? 
_exptl_crystal.id                          1 
_exptl_crystal.preparation                 ? 
_exptl_crystal.size_max                    ? 
_exptl_crystal.size_mid                    ? 
_exptl_crystal.size_min                    ? 
_exptl_crystal.size_rad                    ? 
_exptl_crystal.colour_lustre               ? 
_exptl_crystal.colour_modifier             ? 
_exptl_crystal.colour_primary              ? 
_exptl_crystal.density_meas                ? 
_exptl_crystal.density_meas_esd            ? 
_exptl_crystal.density_meas_gt             ? 
_exptl_crystal.density_meas_lt             ? 
_exptl_crystal.density_meas_temp           ? 
_exptl_crystal.density_meas_temp_esd       ? 
_exptl_crystal.density_meas_temp_gt        ? 
_exptl_crystal.density_meas_temp_lt        ? 
_exptl_crystal.pdbx_crystal_image_url      ? 
_exptl_crystal.pdbx_crystal_image_format   ? 
_exptl_crystal.pdbx_mosaicity              ? 
_exptl_crystal.pdbx_mosaicity_esd          ? 
# 
_exptl_crystal_grow.apparatus       ? 
_exptl_crystal_grow.atmosphere      ? 
_exptl_crystal_grow.crystal_id      1 
_exptl_crystal_grow.details         ? 
_exptl_crystal_grow.method          'VAPOR DIFFUSION, SITTING DROP' 
_exptl_crystal_grow.method_ref      ? 
_exptl_crystal_grow.pH              6.0 
_exptl_crystal_grow.pressure        ? 
_exptl_crystal_grow.pressure_esd    ? 
_exptl_crystal_grow.seeding         ? 
_exptl_crystal_grow.seeding_ref     ? 
_exptl_crystal_grow.temp            298 
_exptl_crystal_grow.temp_details    'Crystals obtained using a temperature gradient from 333 K - 298 K.' 
_exptl_crystal_grow.temp_esd        ? 
_exptl_crystal_grow.time            ? 
_exptl_crystal_grow.pdbx_details    '50 mM cacodylate pH 6.0, 20 mM MgCl2, 1.0 mM spermine,  and 15% ethanol' 
_exptl_crystal_grow.pdbx_pH_range   ? 
# 
_diffrn.ambient_environment    ? 
_diffrn.ambient_temp           100 
_diffrn.ambient_temp_details   ? 
_diffrn.ambient_temp_esd       ? 
_diffrn.crystal_id             1 
_diffrn.crystal_support        ? 
_diffrn.crystal_treatment      ? 
_diffrn.details                ? 
_diffrn.id                     1 
_diffrn.ambient_pressure       ? 
_diffrn.ambient_pressure_esd   ? 
_diffrn.ambient_pressure_gt    ? 
_diffrn.ambient_pressure_lt    ? 
_diffrn.ambient_temp_gt        ? 
_diffrn.ambient_temp_lt        ? 
# 
_diffrn_detector.details                      ? 
_diffrn_detector.detector                     CCD 
_diffrn_detector.diffrn_id                    1 
_diffrn_detector.type                         'ADSC QUANTUM 315r' 
_diffrn_detector.area_resol_mean              ? 
_diffrn_detector.dtime                        ? 
_diffrn_detector.pdbx_frames_total            ? 
_diffrn_detector.pdbx_collection_time_total   ? 
_diffrn_detector.pdbx_collection_date         2013-10-16 
# 
_diffrn_radiation.collimation                      ? 
_diffrn_radiation.diffrn_id                        1 
_diffrn_radiation.filter_edge                      ? 
_diffrn_radiation.inhomogeneity                    ? 
_diffrn_radiation.monochromator                    ? 
_diffrn_radiation.polarisn_norm                    ? 
_diffrn_radiation.polarisn_ratio                   ? 
_diffrn_radiation.probe                            ? 
_diffrn_radiation.type                             ? 
_diffrn_radiation.xray_symbol                      ? 
_diffrn_radiation.wavelength_id                    1 
_diffrn_radiation.pdbx_monochromatic_or_laue_m_l   M 
_diffrn_radiation.pdbx_wavelength_list             ? 
_diffrn_radiation.pdbx_wavelength                  ? 
_diffrn_radiation.pdbx_diffrn_protocol             'SINGLE WAVELENGTH' 
_diffrn_radiation.pdbx_analyzer                    ? 
_diffrn_radiation.pdbx_scattering_type             x-ray 
# 
_diffrn_radiation_wavelength.id           1 
_diffrn_radiation_wavelength.wavelength   1.0 
_diffrn_radiation_wavelength.wt           1.0 
# 
_diffrn_source.current                     ? 
_diffrn_source.details                     ? 
_diffrn_source.diffrn_id                   1 
_diffrn_source.power                       ? 
_diffrn_source.size                        ? 
_diffrn_source.source                      SYNCHROTRON 
_diffrn_source.target                      ? 
_diffrn_source.type                        'ALS BEAMLINE 8.2.2' 
_diffrn_source.voltage                     ? 
_diffrn_source.take-off_angle              ? 
_diffrn_source.pdbx_wavelength_list        1.0 
_diffrn_source.pdbx_wavelength             ? 
_diffrn_source.pdbx_synchrotron_beamline   8.2.2 
_diffrn_source.pdbx_synchrotron_site       ALS 
# 
_reflns.B_iso_Wilson_estimate            ? 
_reflns.entry_id                         5KEK 
_reflns.data_reduction_details           ? 
_reflns.data_reduction_method            ? 
_reflns.d_resolution_high                3.1 
_reflns.d_resolution_low                 30 
_reflns.details                          ? 
_reflns.limit_h_max                      ? 
_reflns.limit_h_min                      ? 
_reflns.limit_k_max                      ? 
_reflns.limit_k_min                      ? 
_reflns.limit_l_max                      ? 
_reflns.limit_l_min                      ? 
_reflns.number_all                       ? 
_reflns.number_obs                       3030 
_reflns.observed_criterion               ? 
_reflns.observed_criterion_F_max         ? 
_reflns.observed_criterion_F_min         ? 
_reflns.observed_criterion_I_max         ? 
_reflns.observed_criterion_I_min         ? 
_reflns.observed_criterion_sigma_F       ? 
_reflns.observed_criterion_sigma_I       ? 
_reflns.percent_possible_obs             99.4 
_reflns.R_free_details                   ? 
_reflns.Rmerge_F_all                     ? 
_reflns.Rmerge_F_obs                     ? 
_reflns.Friedel_coverage                 ? 
_reflns.number_gt                        ? 
_reflns.threshold_expression             ? 
_reflns.pdbx_redundancy                  9.8 
_reflns.pdbx_Rmerge_I_obs                0.065 
_reflns.pdbx_Rmerge_I_all                ? 
_reflns.pdbx_Rsym_value                  ? 
_reflns.pdbx_netI_over_av_sigmaI         ? 
_reflns.pdbx_netI_over_sigmaI            74.9 
_reflns.pdbx_res_netI_over_av_sigmaI_2   ? 
_reflns.pdbx_res_netI_over_sigmaI_2      ? 
_reflns.pdbx_chi_squared                 ? 
_reflns.pdbx_scaling_rejects             ? 
_reflns.pdbx_d_res_high_opt              ? 
_reflns.pdbx_d_res_low_opt               ? 
_reflns.pdbx_d_res_opt_method            ? 
_reflns.phase_calculation_details        ? 
_reflns.pdbx_Rrim_I_all                  ? 
_reflns.pdbx_Rpim_I_all                  ? 
_reflns.pdbx_d_opt                       ? 
_reflns.pdbx_number_measured_all         ? 
_reflns.pdbx_diffrn_id                   1 
_reflns.pdbx_ordinal                     1 
_reflns.pdbx_CC_half                     ? 
_reflns.pdbx_R_split                     ? 
# 
_reflns_shell.d_res_high                  3.1 
_reflns_shell.d_res_low                   ? 
_reflns_shell.meanI_over_sigI_all         ? 
_reflns_shell.meanI_over_sigI_obs         3.0 
_reflns_shell.number_measured_all         ? 
_reflns_shell.number_measured_obs         ? 
_reflns_shell.number_possible             ? 
_reflns_shell.number_unique_all           ? 
_reflns_shell.number_unique_obs           ? 
_reflns_shell.percent_possible_all        93.5 
_reflns_shell.percent_possible_obs        ? 
_reflns_shell.Rmerge_F_all                ? 
_reflns_shell.Rmerge_F_obs                ? 
_reflns_shell.Rmerge_I_all                ? 
_reflns_shell.Rmerge_I_obs                0.342 
_reflns_shell.meanI_over_sigI_gt          ? 
_reflns_shell.meanI_over_uI_all           ? 
_reflns_shell.meanI_over_uI_gt            ? 
_reflns_shell.number_measured_gt          ? 
_reflns_shell.number_unique_gt            ? 
_reflns_shell.percent_possible_gt         ? 
_reflns_shell.Rmerge_F_gt                 ? 
_reflns_shell.Rmerge_I_gt                 ? 
_reflns_shell.pdbx_redundancy             7.0 
_reflns_shell.pdbx_Rsym_value             ? 
_reflns_shell.pdbx_chi_squared            ? 
_reflns_shell.pdbx_netI_over_sigmaI_all   ? 
_reflns_shell.pdbx_netI_over_sigmaI_obs   ? 
_reflns_shell.pdbx_Rrim_I_all             ? 
_reflns_shell.pdbx_Rpim_I_all             ? 
_reflns_shell.pdbx_rejects                ? 
_reflns_shell.pdbx_ordinal                1 
_reflns_shell.pdbx_diffrn_id              1 
_reflns_shell.pdbx_CC_half                ? 
_reflns_shell.pdbx_R_split                ? 
# 
_refine.pdbx_refine_id                           'X-RAY DIFFRACTION' 
_refine.entry_id                                 5KEK 
_refine.pdbx_diffrn_id                           1 
_refine.pdbx_TLS_residual_ADP_flag               ? 
_refine.ls_number_reflns_obs                     2976 
_refine.ls_number_reflns_all                     ? 
_refine.pdbx_ls_sigma_I                          ? 
_refine.pdbx_ls_sigma_F                          1.36 
_refine.pdbx_data_cutoff_high_absF               ? 
_refine.pdbx_data_cutoff_low_absF                ? 
_refine.pdbx_data_cutoff_high_rms_absF           ? 
_refine.ls_d_res_low                             29.467 
_refine.ls_d_res_high                            3.098 
_refine.ls_percent_reflns_obs                    97.64 
_refine.ls_R_factor_obs                          0.2107 
_refine.ls_R_factor_all                          ? 
_refine.ls_R_factor_R_work                       0.2045 
_refine.ls_R_factor_R_free                       0.2599 
_refine.ls_R_factor_R_free_error                 ? 
_refine.ls_R_factor_R_free_error_details         ? 
_refine.ls_percent_reflns_R_free                 10.01 
_refine.ls_number_reflns_R_free                  298 
_refine.ls_number_parameters                     ? 
_refine.ls_number_restraints                     ? 
_refine.occupancy_min                            ? 
_refine.occupancy_max                            ? 
_refine.correlation_coeff_Fo_to_Fc               ? 
_refine.correlation_coeff_Fo_to_Fc_free          ? 
_refine.B_iso_mean                               ? 
_refine.aniso_B[1][1]                            ? 
_refine.aniso_B[2][2]                            ? 
_refine.aniso_B[3][3]                            ? 
_refine.aniso_B[1][2]                            ? 
_refine.aniso_B[1][3]                            ? 
_refine.aniso_B[2][3]                            ? 
_refine.solvent_model_details                    'FLAT BULK SOLVENT MODEL' 
_refine.solvent_model_param_ksol                 ? 
_refine.solvent_model_param_bsol                 ? 
_refine.pdbx_solvent_vdw_probe_radii             1.11 
_refine.pdbx_solvent_ion_probe_radii             ? 
_refine.pdbx_solvent_shrinkage_radii             0.90 
_refine.pdbx_ls_cross_valid_method               'FREE R-VALUE' 
_refine.details                                  ? 
_refine.pdbx_starting_model                      ? 
_refine.pdbx_method_to_determine_struct          ? 
_refine.pdbx_isotropic_thermal_model             ? 
_refine.pdbx_stereochemistry_target_values       ML 
_refine.pdbx_stereochem_target_val_spec_case     ? 
_refine.pdbx_R_Free_selection_details            ? 
_refine.pdbx_overall_ESU_R                       ? 
_refine.pdbx_overall_ESU_R_Free                  ? 
_refine.overall_SU_ML                            0.37 
_refine.pdbx_overall_phase_error                 21.17 
_refine.overall_SU_B                             ? 
_refine.overall_SU_R_Cruickshank_DPI             ? 
_refine.pdbx_overall_SU_R_free_Cruickshank_DPI   ? 
_refine.pdbx_overall_SU_R_Blow_DPI               ? 
_refine.pdbx_overall_SU_R_free_Blow_DPI          ? 
# 
_refine_hist.pdbx_refine_id                   'X-RAY DIFFRACTION' 
_refine_hist.cycle_id                         LAST 
_refine_hist.pdbx_number_atoms_protein        0 
_refine_hist.pdbx_number_atoms_nucleic_acid   853 
_refine_hist.pdbx_number_atoms_ligand         2 
_refine_hist.number_atoms_solvent             0 
_refine_hist.number_atoms_total               855 
_refine_hist.d_res_high                       3.098 
_refine_hist.d_res_low                        29.467 
# 
loop_
_refine_ls_restr.type 
_refine_ls_restr.dev_ideal 
_refine_ls_restr.dev_ideal_target 
_refine_ls_restr.weight 
_refine_ls_restr.number 
_refine_ls_restr.pdbx_refine_id 
_refine_ls_restr.pdbx_restraint_function 
f_bond_d           0.014  ? ? 954  'X-RAY DIFFRACTION' ? 
f_angle_d          1.316  ? ? 1465 'X-RAY DIFFRACTION' ? 
f_dihedral_angle_d 36.196 ? ? 404  'X-RAY DIFFRACTION' ? 
f_chiral_restr     0.069  ? ? 166  'X-RAY DIFFRACTION' ? 
f_plane_restr      0.009  ? ? 42   'X-RAY DIFFRACTION' ? 
# 
loop_
_refine_ls_shell.pdbx_refine_id 
_refine_ls_shell.pdbx_total_number_of_bins_used 
_refine_ls_shell.d_res_high 
_refine_ls_shell.d_res_low 
_refine_ls_shell.number_reflns_R_work 
_refine_ls_shell.R_factor_R_work 
_refine_ls_shell.percent_reflns_obs 
_refine_ls_shell.R_factor_R_free 
_refine_ls_shell.R_factor_R_free_error 
_refine_ls_shell.percent_reflns_R_free 
_refine_ls_shell.number_reflns_R_free 
_refine_ls_shell.number_reflns_all 
_refine_ls_shell.R_factor_all 
_refine_ls_shell.R_factor_obs 
_refine_ls_shell.number_reflns_obs 
'X-RAY DIFFRACTION' . 3.0984 3.9022  1281 0.2523 95.00  0.3192 . . 135 . . . . 
'X-RAY DIFFRACTION' . 3.9022 29.4682 1397 0.1898 100.00 0.2438 . . 163 . . . . 
# 
_struct.entry_id                     5KEK 
_struct.title                        'Structure Determination of a Self-Assembling DNA Crystal' 
_struct.pdbx_model_details           ? 
_struct.pdbx_formula_weight          ? 
_struct.pdbx_formula_weight_method   ? 
_struct.pdbx_model_type_details      ? 
_struct.pdbx_CASP_flag               N 
# 
_struct_keywords.entry_id        5KEK 
_struct_keywords.text            'Structural DNA Nanoechnology, self-assembled crystals, self-assembly, DNA' 
_struct_keywords.pdbx_keywords   DNA 
# 
loop_
_struct_asym.id 
_struct_asym.pdbx_blank_PDB_chainid_flag 
_struct_asym.pdbx_modified 
_struct_asym.entity_id 
_struct_asym.details 
A N N 1 ? 
B N N 2 ? 
C N N 3 ? 
D N N 4 ? 
E N N 5 ? 
F N N 5 ? 
# 
loop_
_struct_ref.id 
_struct_ref.db_name 
_struct_ref.db_code 
_struct_ref.pdbx_db_accession 
_struct_ref.pdbx_db_isoform 
_struct_ref.entity_id 
_struct_ref.pdbx_seq_one_letter_code 
_struct_ref.pdbx_align_begin 
1 PDB 5KEK 5KEK ? 1 ? 1 
2 PDB 5KEK 5KEK ? 2 ? 1 
3 PDB 5KEK 5KEK ? 3 ? 1 
4 PDB 5KEK 5KEK ? 4 ? 1 
# 
loop_
_struct_ref_seq.align_id 
_struct_ref_seq.ref_id 
_struct_ref_seq.pdbx_PDB_id_code 
_struct_ref_seq.pdbx_strand_id 
_struct_ref_seq.seq_align_beg 
_struct_ref_seq.pdbx_seq_align_beg_ins_code 
_struct_ref_seq.seq_align_end 
_struct_ref_seq.pdbx_seq_align_end_ins_code 
_struct_ref_seq.pdbx_db_accession 
_struct_ref_seq.db_align_beg 
_struct_ref_seq.pdbx_db_align_beg_ins_code 
_struct_ref_seq.db_align_end 
_struct_ref_seq.pdbx_db_align_end_ins_code 
_struct_ref_seq.pdbx_auth_seq_align_beg 
_struct_ref_seq.pdbx_auth_seq_align_end 
1 1 5KEK A 1 ? 21 ? 5KEK 1  ? 21 ? 1  21 
2 2 5KEK B 1 ? 5  ? 5KEK 1  ? 5  ? 1  5  
3 3 5KEK C 1 ? 9  ? 5KEK 1  ? 9  ? 1  9  
4 4 5KEK D 1 ? 7  ? 5KEK 10 ? 16 ? 10 16 
# 
_pdbx_struct_assembly.id                   1 
_pdbx_struct_assembly.details              author_defined_assembly 
_pdbx_struct_assembly.method_details       ? 
_pdbx_struct_assembly.oligomeric_details   tetrameric 
_pdbx_struct_assembly.oligomeric_count     4 
# 
_pdbx_struct_assembly_gen.assembly_id       1 
_pdbx_struct_assembly_gen.oper_expression   1 
_pdbx_struct_assembly_gen.asym_id_list      A,B,C,D,E,F 
# 
_pdbx_struct_oper_list.id                   1 
_pdbx_struct_oper_list.type                 'identity operation' 
_pdbx_struct_oper_list.name                 1_555 
_pdbx_struct_oper_list.symmetry_operation   x,y,z 
_pdbx_struct_oper_list.matrix[1][1]         1.0000000000 
_pdbx_struct_oper_list.matrix[1][2]         0.0000000000 
_pdbx_struct_oper_list.matrix[1][3]         0.0000000000 
_pdbx_struct_oper_list.vector[1]            0.0000000000 
_pdbx_struct_oper_list.matrix[2][1]         0.0000000000 
_pdbx_struct_oper_list.matrix[2][2]         1.0000000000 
_pdbx_struct_oper_list.matrix[2][3]         0.0000000000 
_pdbx_struct_oper_list.vector[2]            0.0000000000 
_pdbx_struct_oper_list.matrix[3][1]         0.0000000000 
_pdbx_struct_oper_list.matrix[3][2]         0.0000000000 
_pdbx_struct_oper_list.matrix[3][3]         1.0000000000 
_pdbx_struct_oper_list.vector[3]            0.0000000000 
# 
loop_
_struct_conn.id 
_struct_conn.conn_type_id 
_struct_conn.pdbx_leaving_atom_flag 
_struct_conn.pdbx_PDB_id 
_struct_conn.ptnr1_label_asym_id 
_struct_conn.ptnr1_label_comp_id 
_struct_conn.ptnr1_label_seq_id 
_struct_conn.ptnr1_label_atom_id 
_struct_conn.pdbx_ptnr1_label_alt_id 
_struct_conn.pdbx_ptnr1_PDB_ins_code 
_struct_conn.pdbx_ptnr1_standard_comp_id 
_struct_conn.ptnr1_symmetry 
_struct_conn.ptnr2_label_asym_id 
_struct_conn.ptnr2_label_comp_id 
_struct_conn.ptnr2_label_seq_id 
_struct_conn.ptnr2_label_atom_id 
_struct_conn.pdbx_ptnr2_label_alt_id 
_struct_conn.pdbx_ptnr2_PDB_ins_code 
_struct_conn.ptnr1_auth_asym_id 
_struct_conn.ptnr1_auth_comp_id 
_struct_conn.ptnr1_auth_seq_id 
_struct_conn.ptnr2_auth_asym_id 
_struct_conn.ptnr2_auth_comp_id 
_struct_conn.ptnr2_auth_seq_id 
_struct_conn.ptnr2_symmetry 
_struct_conn.pdbx_ptnr3_label_atom_id 
_struct_conn.pdbx_ptnr3_label_seq_id 
_struct_conn.pdbx_ptnr3_label_comp_id 
_struct_conn.pdbx_ptnr3_label_asym_id 
_struct_conn.pdbx_ptnr3_label_alt_id 
_struct_conn.pdbx_ptnr3_PDB_ins_code 
_struct_conn.details 
_struct_conn.pdbx_dist_value 
_struct_conn.pdbx_value_order 
_struct_conn.pdbx_role 
hydrog1  hydrog ? ? A DG 3  N1 ? ? ? 1_555 D DC 7 N3 ? ? A DG 3  D DC 16 1_555 ? ? ? ? ? ? WATSON-CRICK    ? ? ? 
hydrog2  hydrog ? ? A DG 3  N2 ? ? ? 1_555 D DC 7 O2 ? ? A DG 3  D DC 16 1_555 ? ? ? ? ? ? WATSON-CRICK    ? ? ? 
hydrog3  hydrog ? ? A DG 3  O6 ? ? ? 1_555 D DC 7 N4 ? ? A DG 3  D DC 16 1_555 ? ? ? ? ? ? WATSON-CRICK    ? ? ? 
hydrog4  hydrog ? ? A DC 4  N3 ? ? ? 1_555 D DG 6 N1 ? ? A DC 4  D DG 15 1_555 ? ? ? ? ? ? WATSON-CRICK    ? ? ? 
hydrog5  hydrog ? ? A DC 4  N4 ? ? ? 1_555 D DG 6 O6 ? ? A DC 4  D DG 15 1_555 ? ? ? ? ? ? WATSON-CRICK    ? ? ? 
hydrog6  hydrog ? ? A DC 4  O2 ? ? ? 1_555 D DG 6 N2 ? ? A DC 4  D DG 15 1_555 ? ? ? ? ? ? WATSON-CRICK    ? ? ? 
hydrog7  hydrog ? ? A DA 5  N1 ? ? ? 1_555 D DT 5 N3 ? ? A DA 5  D DT 14 1_555 ? ? ? ? ? ? WATSON-CRICK    ? ? ? 
hydrog8  hydrog ? ? A DA 5  N6 ? ? ? 1_555 D DT 5 O4 ? ? A DA 5  D DT 14 1_555 ? ? ? ? ? ? WATSON-CRICK    ? ? ? 
hydrog9  hydrog ? ? A DG 6  N1 ? ? ? 1_555 D DC 4 N3 ? ? A DG 6  D DC 13 1_555 ? ? ? ? ? ? WATSON-CRICK    ? ? ? 
hydrog10 hydrog ? ? A DG 6  N2 ? ? ? 1_555 D DC 4 O2 ? ? A DG 6  D DC 13 1_555 ? ? ? ? ? ? WATSON-CRICK    ? ? ? 
hydrog11 hydrog ? ? A DG 6  O6 ? ? ? 1_555 D DC 4 N4 ? ? A DG 6  D DC 13 1_555 ? ? ? ? ? ? WATSON-CRICK    ? ? ? 
hydrog12 hydrog ? ? A DA 7  N1 ? ? ? 1_555 D DT 3 N3 ? ? A DA 7  D DT 12 1_555 ? ? ? ? ? ? WATSON-CRICK    ? ? ? 
hydrog13 hydrog ? ? A DA 7  N6 ? ? ? 1_555 D DT 3 O4 ? ? A DA 7  D DT 12 1_555 ? ? ? ? ? ? WATSON-CRICK    ? ? ? 
hydrog14 hydrog ? ? A DC 8  N3 ? ? ? 1_555 D DG 2 N1 ? ? A DC 8  D DG 11 1_555 ? ? ? ? ? ? WATSON-CRICK    ? ? ? 
hydrog15 hydrog ? ? A DC 8  N4 ? ? ? 1_555 D DG 2 O6 ? ? A DC 8  D DG 11 1_555 ? ? ? ? ? ? WATSON-CRICK    ? ? ? 
hydrog16 hydrog ? ? A DC 8  O2 ? ? ? 1_555 D DG 2 N2 ? ? A DC 8  D DG 11 1_555 ? ? ? ? ? ? WATSON-CRICK    ? ? ? 
hydrog17 hydrog ? ? A DC 9  N3 ? ? ? 1_555 D DG 1 N1 ? ? A DC 9  D DG 10 1_555 ? ? ? ? ? ? WATSON-CRICK    ? ? ? 
hydrog18 hydrog ? ? A DC 9  N4 ? ? ? 1_555 D DG 1 O6 ? ? A DC 9  D DG 10 1_555 ? ? ? ? ? ? WATSON-CRICK    ? ? ? 
hydrog19 hydrog ? ? A DC 9  O2 ? ? ? 1_555 D DG 1 N2 ? ? A DC 9  D DG 10 1_555 ? ? ? ? ? ? WATSON-CRICK    ? ? ? 
hydrog20 hydrog ? ? A DT 10 O4 ? ? ? 1_555 B DC 4 N4 ? ? A DT 10 B DC 4  1_555 ? ? ? ? ? ? 'DT-DC MISPAIR' ? ? ? 
hydrog21 hydrog ? ? A DT 10 N3 ? ? ? 1_555 B DA 5 N1 ? ? A DT 10 B DA 5  1_555 ? ? ? ? ? ? 'DT-DA PAIR'    ? ? ? 
hydrog22 hydrog ? ? A DG 11 N1 ? ? ? 1_555 B DC 4 N3 ? ? A DG 11 B DC 4  1_555 ? ? ? ? ? ? WATSON-CRICK    ? ? ? 
hydrog23 hydrog ? ? A DG 11 N2 ? ? ? 1_555 B DC 4 O2 ? ? A DG 11 B DC 4  1_555 ? ? ? ? ? ? WATSON-CRICK    ? ? ? 
hydrog24 hydrog ? ? A DG 11 O6 ? ? ? 1_555 B DC 4 N4 ? ? A DG 11 B DC 4  1_555 ? ? ? ? ? ? WATSON-CRICK    ? ? ? 
hydrog25 hydrog ? ? A DA 12 N1 ? ? ? 1_555 B DT 3 N3 ? ? A DA 12 B DT 3  1_555 ? ? ? ? ? ? WATSON-CRICK    ? ? ? 
hydrog26 hydrog ? ? A DA 12 N6 ? ? ? 1_555 B DT 3 O4 ? ? A DA 12 B DT 3  1_555 ? ? ? ? ? ? WATSON-CRICK    ? ? ? 
hydrog27 hydrog ? ? A DC 13 N3 ? ? ? 1_555 B DG 2 N1 ? ? A DC 13 B DG 2  1_555 ? ? ? ? ? ? WATSON-CRICK    ? ? ? 
hydrog28 hydrog ? ? A DC 13 N4 ? ? ? 1_555 B DG 2 O6 ? ? A DC 13 B DG 2  1_555 ? ? ? ? ? ? WATSON-CRICK    ? ? ? 
hydrog29 hydrog ? ? A DC 13 O2 ? ? ? 1_555 B DG 2 N2 ? ? A DC 13 B DG 2  1_555 ? ? ? ? ? ? WATSON-CRICK    ? ? ? 
hydrog30 hydrog ? ? A DG 14 N1 ? ? ? 1_555 B DC 1 N3 ? ? A DG 14 B DC 1  1_555 ? ? ? ? ? ? WATSON-CRICK    ? ? ? 
hydrog31 hydrog ? ? A DG 14 N2 ? ? ? 1_555 B DC 1 O2 ? ? A DG 14 B DC 1  1_555 ? ? ? ? ? ? WATSON-CRICK    ? ? ? 
hydrog32 hydrog ? ? A DG 14 O6 ? ? ? 1_555 B DC 1 N4 ? ? A DG 14 B DC 1  1_555 ? ? ? ? ? ? WATSON-CRICK    ? ? ? 
hydrog33 hydrog ? ? A DA 15 N1 ? ? ? 1_555 C DT 9 N3 ? ? A DA 15 C DT 9  1_555 ? ? ? ? ? ? WATSON-CRICK    ? ? ? 
hydrog34 hydrog ? ? A DA 15 N6 ? ? ? 1_555 C DT 9 O4 ? ? A DA 15 C DT 9  1_555 ? ? ? ? ? ? WATSON-CRICK    ? ? ? 
hydrog35 hydrog ? ? A DC 16 N3 ? ? ? 1_555 C DG 8 N1 ? ? A DC 16 C DG 8  1_555 ? ? ? ? ? ? WATSON-CRICK    ? ? ? 
hydrog36 hydrog ? ? A DC 16 N4 ? ? ? 1_555 C DG 8 O6 ? ? A DC 16 C DG 8  1_555 ? ? ? ? ? ? WATSON-CRICK    ? ? ? 
hydrog37 hydrog ? ? A DC 16 O2 ? ? ? 1_555 C DG 8 N2 ? ? A DC 16 C DG 8  1_555 ? ? ? ? ? ? WATSON-CRICK    ? ? ? 
hydrog38 hydrog ? ? A DA 17 N1 ? ? ? 1_555 C DT 7 N3 ? ? A DA 17 C DT 7  1_555 ? ? ? ? ? ? WATSON-CRICK    ? ? ? 
hydrog39 hydrog ? ? A DA 17 N6 ? ? ? 1_555 C DT 7 O4 ? ? A DA 17 C DT 7  1_555 ? ? ? ? ? ? WATSON-CRICK    ? ? ? 
hydrog40 hydrog ? ? A DC 18 N3 ? ? ? 1_555 C DG 6 N1 ? ? A DC 18 C DG 6  1_555 ? ? ? ? ? ? WATSON-CRICK    ? ? ? 
hydrog41 hydrog ? ? A DC 18 N4 ? ? ? 1_555 C DG 6 O6 ? ? A DC 18 C DG 6  1_555 ? ? ? ? ? ? WATSON-CRICK    ? ? ? 
hydrog42 hydrog ? ? A DC 18 O2 ? ? ? 1_555 C DG 6 N2 ? ? A DC 18 C DG 6  1_555 ? ? ? ? ? ? WATSON-CRICK    ? ? ? 
hydrog43 hydrog ? ? A DT 19 N3 ? ? ? 1_555 C DA 5 N1 ? ? A DT 19 C DA 5  1_555 ? ? ? ? ? ? WATSON-CRICK    ? ? ? 
hydrog44 hydrog ? ? A DT 19 O4 ? ? ? 1_555 C DA 5 N6 ? ? A DT 19 C DA 5  1_555 ? ? ? ? ? ? WATSON-CRICK    ? ? ? 
hydrog45 hydrog ? ? A DC 20 N3 ? ? ? 1_555 C DG 4 N1 ? ? A DC 20 C DG 4  1_555 ? ? ? ? ? ? WATSON-CRICK    ? ? ? 
hydrog46 hydrog ? ? A DC 20 N4 ? ? ? 1_555 C DG 4 O6 ? ? A DC 20 C DG 4  1_555 ? ? ? ? ? ? WATSON-CRICK    ? ? ? 
hydrog47 hydrog ? ? A DC 20 O2 ? ? ? 1_555 C DG 4 N2 ? ? A DC 20 C DG 4  1_555 ? ? ? ? ? ? WATSON-CRICK    ? ? ? 
hydrog48 hydrog ? ? A DA 21 N1 ? ? ? 1_555 C DT 3 N3 ? ? A DA 21 C DT 3  1_555 ? ? ? ? ? ? WATSON-CRICK    ? ? ? 
hydrog49 hydrog ? ? A DA 21 N6 ? ? ? 1_555 C DT 3 O4 ? ? A DA 21 C DT 3  1_555 ? ? ? ? ? ? WATSON-CRICK    ? ? ? 
# 
_struct_conn_type.id          hydrog 
_struct_conn_type.criteria    ? 
_struct_conn_type.reference   ? 
# 
loop_
_struct_site.id 
_struct_site.pdbx_evidence_code 
_struct_site.pdbx_auth_asym_id 
_struct_site.pdbx_auth_comp_id 
_struct_site.pdbx_auth_seq_id 
_struct_site.pdbx_auth_ins_code 
_struct_site.pdbx_num_residues 
_struct_site.details 
AC1 Software C CAC 101 ? 1 'binding site for residue CAC C 101' 
AC2 Software D CAC 101 ? 1 'binding site for residue CAC D 101' 
# 
loop_
_struct_site_gen.id 
_struct_site_gen.site_id 
_struct_site_gen.pdbx_num_res 
_struct_site_gen.label_comp_id 
_struct_site_gen.label_asym_id 
_struct_site_gen.label_seq_id 
_struct_site_gen.pdbx_auth_ins_code 
_struct_site_gen.auth_comp_id 
_struct_site_gen.auth_asym_id 
_struct_site_gen.auth_seq_id 
_struct_site_gen.label_atom_id 
_struct_site_gen.label_alt_id 
_struct_site_gen.symmetry 
_struct_site_gen.details 
1 AC1 1 DT C 9 ? DT C 9  . ? 1_555 ? 
2 AC2 1 DG D 2 ? DG D 11 . ? 1_555 ? 
# 
loop_
_pdbx_validate_rmsd_bond.id 
_pdbx_validate_rmsd_bond.PDB_model_num 
_pdbx_validate_rmsd_bond.auth_atom_id_1 
_pdbx_validate_rmsd_bond.auth_asym_id_1 
_pdbx_validate_rmsd_bond.auth_comp_id_1 
_pdbx_validate_rmsd_bond.auth_seq_id_1 
_pdbx_validate_rmsd_bond.PDB_ins_code_1 
_pdbx_validate_rmsd_bond.label_alt_id_1 
_pdbx_validate_rmsd_bond.auth_atom_id_2 
_pdbx_validate_rmsd_bond.auth_asym_id_2 
_pdbx_validate_rmsd_bond.auth_comp_id_2 
_pdbx_validate_rmsd_bond.auth_seq_id_2 
_pdbx_validate_rmsd_bond.PDB_ins_code_2 
_pdbx_validate_rmsd_bond.label_alt_id_2 
_pdbx_validate_rmsd_bond.bond_value 
_pdbx_validate_rmsd_bond.bond_target_value 
_pdbx_validate_rmsd_bond.bond_deviation 
_pdbx_validate_rmsd_bond.bond_standard_deviation 
_pdbx_validate_rmsd_bond.linker_flag 
1 1 "O3'" A DG 6  ? ? "C3'" A DG 6  ? ? 1.359 1.419 -0.060 0.006 N 
2 1 "O3'" A DG 11 ? ? "C3'" A DG 11 ? ? 1.378 1.419 -0.041 0.006 N 
3 1 "O3'" B DC 1  ? ? "C3'" B DC 1  ? ? 1.366 1.419 -0.053 0.006 N 
4 1 "O3'" C DT 3  ? ? "C3'" C DT 3  ? ? 1.379 1.419 -0.040 0.006 N 
5 1 "O3'" D DT 12 ? ? "C3'" D DT 12 ? ? 1.379 1.419 -0.040 0.006 N 
# 
loop_
_pdbx_validate_rmsd_angle.id 
_pdbx_validate_rmsd_angle.PDB_model_num 
_pdbx_validate_rmsd_angle.auth_atom_id_1 
_pdbx_validate_rmsd_angle.auth_asym_id_1 
_pdbx_validate_rmsd_angle.auth_comp_id_1 
_pdbx_validate_rmsd_angle.auth_seq_id_1 
_pdbx_validate_rmsd_angle.PDB_ins_code_1 
_pdbx_validate_rmsd_angle.label_alt_id_1 
_pdbx_validate_rmsd_angle.auth_atom_id_2 
_pdbx_validate_rmsd_angle.auth_asym_id_2 
_pdbx_validate_rmsd_angle.auth_comp_id_2 
_pdbx_validate_rmsd_angle.auth_seq_id_2 
_pdbx_validate_rmsd_angle.PDB_ins_code_2 
_pdbx_validate_rmsd_angle.label_alt_id_2 
_pdbx_validate_rmsd_angle.auth_atom_id_3 
_pdbx_validate_rmsd_angle.auth_asym_id_3 
_pdbx_validate_rmsd_angle.auth_comp_id_3 
_pdbx_validate_rmsd_angle.auth_seq_id_3 
_pdbx_validate_rmsd_angle.PDB_ins_code_3 
_pdbx_validate_rmsd_angle.label_alt_id_3 
_pdbx_validate_rmsd_angle.angle_value 
_pdbx_validate_rmsd_angle.angle_target_value 
_pdbx_validate_rmsd_angle.angle_deviation 
_pdbx_validate_rmsd_angle.angle_standard_deviation 
_pdbx_validate_rmsd_angle.linker_flag 
1 1 "O4'" A DG 1  ? ? "C1'" A DG 1  ? ? N9    A DG 1  ? ? 110.29 108.30 1.99  0.30 N 
2 1 "O4'" A DG 3  ? ? "C1'" A DG 3  ? ? N9    A DG 3  ? ? 110.45 108.30 2.15  0.30 N 
3 1 "O4'" A DC 13 ? ? "C4'" A DC 13 ? ? "C3'" A DC 13 ? ? 101.77 104.50 -2.73 0.40 N 
4 1 "O4'" A DC 13 ? ? "C1'" A DC 13 ? ? N1    A DC 13 ? ? 110.82 108.30 2.52  0.30 N 
5 1 "O4'" C DT 9  ? ? "C1'" C DT 9  ? ? N1    C DT 9  ? ? 111.67 108.30 3.37  0.30 N 
# 
loop_
_chem_comp_atom.comp_id 
_chem_comp_atom.atom_id 
_chem_comp_atom.type_symbol 
_chem_comp_atom.pdbx_aromatic_flag 
_chem_comp_atom.pdbx_stereo_config 
_chem_comp_atom.pdbx_ordinal 
CAC AS     AS N N 1   
CAC O1     O  N N 2   
CAC O2     O  N N 3   
CAC C1     C  N N 4   
CAC C2     C  N N 5   
CAC H11    H  N N 6   
CAC H12    H  N N 7   
CAC H13    H  N N 8   
CAC H21    H  N N 9   
CAC H22    H  N N 10  
CAC H23    H  N N 11  
DA  OP3    O  N N 12  
DA  P      P  N N 13  
DA  OP1    O  N N 14  
DA  OP2    O  N N 15  
DA  "O5'"  O  N N 16  
DA  "C5'"  C  N N 17  
DA  "C4'"  C  N R 18  
DA  "O4'"  O  N N 19  
DA  "C3'"  C  N S 20  
DA  "O3'"  O  N N 21  
DA  "C2'"  C  N N 22  
DA  "C1'"  C  N R 23  
DA  N9     N  Y N 24  
DA  C8     C  Y N 25  
DA  N7     N  Y N 26  
DA  C5     C  Y N 27  
DA  C6     C  Y N 28  
DA  N6     N  N N 29  
DA  N1     N  Y N 30  
DA  C2     C  Y N 31  
DA  N3     N  Y N 32  
DA  C4     C  Y N 33  
DA  HOP3   H  N N 34  
DA  HOP2   H  N N 35  
DA  "H5'"  H  N N 36  
DA  "H5''" H  N N 37  
DA  "H4'"  H  N N 38  
DA  "H3'"  H  N N 39  
DA  "HO3'" H  N N 40  
DA  "H2'"  H  N N 41  
DA  "H2''" H  N N 42  
DA  "H1'"  H  N N 43  
DA  H8     H  N N 44  
DA  H61    H  N N 45  
DA  H62    H  N N 46  
DA  H2     H  N N 47  
DC  OP3    O  N N 48  
DC  P      P  N N 49  
DC  OP1    O  N N 50  
DC  OP2    O  N N 51  
DC  "O5'"  O  N N 52  
DC  "C5'"  C  N N 53  
DC  "C4'"  C  N R 54  
DC  "O4'"  O  N N 55  
DC  "C3'"  C  N S 56  
DC  "O3'"  O  N N 57  
DC  "C2'"  C  N N 58  
DC  "C1'"  C  N R 59  
DC  N1     N  N N 60  
DC  C2     C  N N 61  
DC  O2     O  N N 62  
DC  N3     N  N N 63  
DC  C4     C  N N 64  
DC  N4     N  N N 65  
DC  C5     C  N N 66  
DC  C6     C  N N 67  
DC  HOP3   H  N N 68  
DC  HOP2   H  N N 69  
DC  "H5'"  H  N N 70  
DC  "H5''" H  N N 71  
DC  "H4'"  H  N N 72  
DC  "H3'"  H  N N 73  
DC  "HO3'" H  N N 74  
DC  "H2'"  H  N N 75  
DC  "H2''" H  N N 76  
DC  "H1'"  H  N N 77  
DC  H41    H  N N 78  
DC  H42    H  N N 79  
DC  H5     H  N N 80  
DC  H6     H  N N 81  
DG  OP3    O  N N 82  
DG  P      P  N N 83  
DG  OP1    O  N N 84  
DG  OP2    O  N N 85  
DG  "O5'"  O  N N 86  
DG  "C5'"  C  N N 87  
DG  "C4'"  C  N R 88  
DG  "O4'"  O  N N 89  
DG  "C3'"  C  N S 90  
DG  "O3'"  O  N N 91  
DG  "C2'"  C  N N 92  
DG  "C1'"  C  N R 93  
DG  N9     N  Y N 94  
DG  C8     C  Y N 95  
DG  N7     N  Y N 96  
DG  C5     C  Y N 97  
DG  C6     C  N N 98  
DG  O6     O  N N 99  
DG  N1     N  N N 100 
DG  C2     C  N N 101 
DG  N2     N  N N 102 
DG  N3     N  N N 103 
DG  C4     C  Y N 104 
DG  HOP3   H  N N 105 
DG  HOP2   H  N N 106 
DG  "H5'"  H  N N 107 
DG  "H5''" H  N N 108 
DG  "H4'"  H  N N 109 
DG  "H3'"  H  N N 110 
DG  "HO3'" H  N N 111 
DG  "H2'"  H  N N 112 
DG  "H2''" H  N N 113 
DG  "H1'"  H  N N 114 
DG  H8     H  N N 115 
DG  H1     H  N N 116 
DG  H21    H  N N 117 
DG  H22    H  N N 118 
DT  OP3    O  N N 119 
DT  P      P  N N 120 
DT  OP1    O  N N 121 
DT  OP2    O  N N 122 
DT  "O5'"  O  N N 123 
DT  "C5'"  C  N N 124 
DT  "C4'"  C  N R 125 
DT  "O4'"  O  N N 126 
DT  "C3'"  C  N S 127 
DT  "O3'"  O  N N 128 
DT  "C2'"  C  N N 129 
DT  "C1'"  C  N R 130 
DT  N1     N  N N 131 
DT  C2     C  N N 132 
DT  O2     O  N N 133 
DT  N3     N  N N 134 
DT  C4     C  N N 135 
DT  O4     O  N N 136 
DT  C5     C  N N 137 
DT  C7     C  N N 138 
DT  C6     C  N N 139 
DT  HOP3   H  N N 140 
DT  HOP2   H  N N 141 
DT  "H5'"  H  N N 142 
DT  "H5''" H  N N 143 
DT  "H4'"  H  N N 144 
DT  "H3'"  H  N N 145 
DT  "HO3'" H  N N 146 
DT  "H2'"  H  N N 147 
DT  "H2''" H  N N 148 
DT  "H1'"  H  N N 149 
DT  H3     H  N N 150 
DT  H71    H  N N 151 
DT  H72    H  N N 152 
DT  H73    H  N N 153 
DT  H6     H  N N 154 
# 
loop_
_chem_comp_bond.comp_id 
_chem_comp_bond.atom_id_1 
_chem_comp_bond.atom_id_2 
_chem_comp_bond.value_order 
_chem_comp_bond.pdbx_aromatic_flag 
_chem_comp_bond.pdbx_stereo_config 
_chem_comp_bond.pdbx_ordinal 
CAC AS    O1     doub N N 1   
CAC AS    O2     sing N N 2   
CAC AS    C1     sing N N 3   
CAC AS    C2     sing N N 4   
CAC C1    H11    sing N N 5   
CAC C1    H12    sing N N 6   
CAC C1    H13    sing N N 7   
CAC C2    H21    sing N N 8   
CAC C2    H22    sing N N 9   
CAC C2    H23    sing N N 10  
DA  OP3   P      sing N N 11  
DA  OP3   HOP3   sing N N 12  
DA  P     OP1    doub N N 13  
DA  P     OP2    sing N N 14  
DA  P     "O5'"  sing N N 15  
DA  OP2   HOP2   sing N N 16  
DA  "O5'" "C5'"  sing N N 17  
DA  "C5'" "C4'"  sing N N 18  
DA  "C5'" "H5'"  sing N N 19  
DA  "C5'" "H5''" sing N N 20  
DA  "C4'" "O4'"  sing N N 21  
DA  "C4'" "C3'"  sing N N 22  
DA  "C4'" "H4'"  sing N N 23  
DA  "O4'" "C1'"  sing N N 24  
DA  "C3'" "O3'"  sing N N 25  
DA  "C3'" "C2'"  sing N N 26  
DA  "C3'" "H3'"  sing N N 27  
DA  "O3'" "HO3'" sing N N 28  
DA  "C2'" "C1'"  sing N N 29  
DA  "C2'" "H2'"  sing N N 30  
DA  "C2'" "H2''" sing N N 31  
DA  "C1'" N9     sing N N 32  
DA  "C1'" "H1'"  sing N N 33  
DA  N9    C8     sing Y N 34  
DA  N9    C4     sing Y N 35  
DA  C8    N7     doub Y N 36  
DA  C8    H8     sing N N 37  
DA  N7    C5     sing Y N 38  
DA  C5    C6     sing Y N 39  
DA  C5    C4     doub Y N 40  
DA  C6    N6     sing N N 41  
DA  C6    N1     doub Y N 42  
DA  N6    H61    sing N N 43  
DA  N6    H62    sing N N 44  
DA  N1    C2     sing Y N 45  
DA  C2    N3     doub Y N 46  
DA  C2    H2     sing N N 47  
DA  N3    C4     sing Y N 48  
DC  OP3   P      sing N N 49  
DC  OP3   HOP3   sing N N 50  
DC  P     OP1    doub N N 51  
DC  P     OP2    sing N N 52  
DC  P     "O5'"  sing N N 53  
DC  OP2   HOP2   sing N N 54  
DC  "O5'" "C5'"  sing N N 55  
DC  "C5'" "C4'"  sing N N 56  
DC  "C5'" "H5'"  sing N N 57  
DC  "C5'" "H5''" sing N N 58  
DC  "C4'" "O4'"  sing N N 59  
DC  "C4'" "C3'"  sing N N 60  
DC  "C4'" "H4'"  sing N N 61  
DC  "O4'" "C1'"  sing N N 62  
DC  "C3'" "O3'"  sing N N 63  
DC  "C3'" "C2'"  sing N N 64  
DC  "C3'" "H3'"  sing N N 65  
DC  "O3'" "HO3'" sing N N 66  
DC  "C2'" "C1'"  sing N N 67  
DC  "C2'" "H2'"  sing N N 68  
DC  "C2'" "H2''" sing N N 69  
DC  "C1'" N1     sing N N 70  
DC  "C1'" "H1'"  sing N N 71  
DC  N1    C2     sing N N 72  
DC  N1    C6     sing N N 73  
DC  C2    O2     doub N N 74  
DC  C2    N3     sing N N 75  
DC  N3    C4     doub N N 76  
DC  C4    N4     sing N N 77  
DC  C4    C5     sing N N 78  
DC  N4    H41    sing N N 79  
DC  N4    H42    sing N N 80  
DC  C5    C6     doub N N 81  
DC  C5    H5     sing N N 82  
DC  C6    H6     sing N N 83  
DG  OP3   P      sing N N 84  
DG  OP3   HOP3   sing N N 85  
DG  P     OP1    doub N N 86  
DG  P     OP2    sing N N 87  
DG  P     "O5'"  sing N N 88  
DG  OP2   HOP2   sing N N 89  
DG  "O5'" "C5'"  sing N N 90  
DG  "C5'" "C4'"  sing N N 91  
DG  "C5'" "H5'"  sing N N 92  
DG  "C5'" "H5''" sing N N 93  
DG  "C4'" "O4'"  sing N N 94  
DG  "C4'" "C3'"  sing N N 95  
DG  "C4'" "H4'"  sing N N 96  
DG  "O4'" "C1'"  sing N N 97  
DG  "C3'" "O3'"  sing N N 98  
DG  "C3'" "C2'"  sing N N 99  
DG  "C3'" "H3'"  sing N N 100 
DG  "O3'" "HO3'" sing N N 101 
DG  "C2'" "C1'"  sing N N 102 
DG  "C2'" "H2'"  sing N N 103 
DG  "C2'" "H2''" sing N N 104 
DG  "C1'" N9     sing N N 105 
DG  "C1'" "H1'"  sing N N 106 
DG  N9    C8     sing Y N 107 
DG  N9    C4     sing Y N 108 
DG  C8    N7     doub Y N 109 
DG  C8    H8     sing N N 110 
DG  N7    C5     sing Y N 111 
DG  C5    C6     sing N N 112 
DG  C5    C4     doub Y N 113 
DG  C6    O6     doub N N 114 
DG  C6    N1     sing N N 115 
DG  N1    C2     sing N N 116 
DG  N1    H1     sing N N 117 
DG  C2    N2     sing N N 118 
DG  C2    N3     doub N N 119 
DG  N2    H21    sing N N 120 
DG  N2    H22    sing N N 121 
DG  N3    C4     sing N N 122 
DT  OP3   P      sing N N 123 
DT  OP3   HOP3   sing N N 124 
DT  P     OP1    doub N N 125 
DT  P     OP2    sing N N 126 
DT  P     "O5'"  sing N N 127 
DT  OP2   HOP2   sing N N 128 
DT  "O5'" "C5'"  sing N N 129 
DT  "C5'" "C4'"  sing N N 130 
DT  "C5'" "H5'"  sing N N 131 
DT  "C5'" "H5''" sing N N 132 
DT  "C4'" "O4'"  sing N N 133 
DT  "C4'" "C3'"  sing N N 134 
DT  "C4'" "H4'"  sing N N 135 
DT  "O4'" "C1'"  sing N N 136 
DT  "C3'" "O3'"  sing N N 137 
DT  "C3'" "C2'"  sing N N 138 
DT  "C3'" "H3'"  sing N N 139 
DT  "O3'" "HO3'" sing N N 140 
DT  "C2'" "C1'"  sing N N 141 
DT  "C2'" "H2'"  sing N N 142 
DT  "C2'" "H2''" sing N N 143 
DT  "C1'" N1     sing N N 144 
DT  "C1'" "H1'"  sing N N 145 
DT  N1    C2     sing N N 146 
DT  N1    C6     sing N N 147 
DT  C2    O2     doub N N 148 
DT  C2    N3     sing N N 149 
DT  N3    C4     sing N N 150 
DT  N3    H3     sing N N 151 
DT  C4    O4     doub N N 152 
DT  C4    C5     sing N N 153 
DT  C5    C7     sing N N 154 
DT  C5    C6     doub N N 155 
DT  C7    H71    sing N N 156 
DT  C7    H72    sing N N 157 
DT  C7    H73    sing N N 158 
DT  C6    H6     sing N N 159 
# 
loop_
_ndb_struct_conf_na.entry_id 
_ndb_struct_conf_na.feature 
5KEK 'double helix'        
5KEK 'a-form double helix' 
5KEK 'b-form double helix' 
# 
loop_
_ndb_struct_na_base_pair.model_number 
_ndb_struct_na_base_pair.i_label_asym_id 
_ndb_struct_na_base_pair.i_label_comp_id 
_ndb_struct_na_base_pair.i_label_seq_id 
_ndb_struct_na_base_pair.i_symmetry 
_ndb_struct_na_base_pair.j_label_asym_id 
_ndb_struct_na_base_pair.j_label_comp_id 
_ndb_struct_na_base_pair.j_label_seq_id 
_ndb_struct_na_base_pair.j_symmetry 
_ndb_struct_na_base_pair.shear 
_ndb_struct_na_base_pair.stretch 
_ndb_struct_na_base_pair.stagger 
_ndb_struct_na_base_pair.buckle 
_ndb_struct_na_base_pair.propeller 
_ndb_struct_na_base_pair.opening 
_ndb_struct_na_base_pair.pair_number 
_ndb_struct_na_base_pair.pair_name 
_ndb_struct_na_base_pair.i_auth_asym_id 
_ndb_struct_na_base_pair.i_auth_seq_id 
_ndb_struct_na_base_pair.i_PDB_ins_code 
_ndb_struct_na_base_pair.j_auth_asym_id 
_ndb_struct_na_base_pair.j_auth_seq_id 
_ndb_struct_na_base_pair.j_PDB_ins_code 
_ndb_struct_na_base_pair.hbond_type_28 
_ndb_struct_na_base_pair.hbond_type_12 
1 A DG 3  1_555 D DC 7 1_555 -0.124 -0.324 0.109  -6.103 -9.602  -8.586 1  A_DG3:DC16_D A 3  ? D 16 ? 19 1 
1 A DC 4  1_555 D DG 6 1_555 -0.965 0.313  0.392  -9.264 -5.564  -0.194 2  A_DC4:DG15_D A 4  ? D 15 ? 19 1 
1 A DA 5  1_555 D DT 5 1_555 -0.733 -0.004 0.100  0.790  -5.105  7.745  3  A_DA5:DT14_D A 5  ? D 14 ? 20 1 
1 A DG 6  1_555 D DC 4 1_555 0.438  -0.222 -0.011 4.055  -5.772  1.744  4  A_DG6:DC13_D A 6  ? D 13 ? 19 1 
1 A DA 7  1_555 D DT 3 1_555 0.069  -0.307 0.084  -1.995 -8.193  -2.433 5  A_DA7:DT12_D A 7  ? D 12 ? 20 1 
1 A DC 8  1_555 D DG 2 1_555 0.609  -0.689 0.165  2.045  -6.816  1.398  6  A_DC8:DG11_D A 8  ? D 11 ? 19 1 
1 A DC 9  1_555 D DG 1 1_555 -0.268 -0.248 0.573  -5.220 -7.001  0.230  7  A_DC9:DG10_D A 9  ? D 10 ? 19 1 
1 A DT 10 1_555 B DA 5 1_555 -0.834 -0.158 0.889  -4.372 -4.243  13.479 8  A_DT10:DA5_B A 10 ? B 5  ? ?  1 
1 A DG 11 1_555 B DC 4 1_555 0.663  0.047  0.806  11.432 -4.439  8.349  9  A_DG11:DC4_B A 11 ? B 4  ? 19 1 
1 A DA 12 1_555 B DT 3 1_555 0.283  -0.288 0.384  8.949  -8.021  -1.791 10 A_DA12:DT3_B A 12 ? B 3  ? 20 1 
1 A DC 13 1_555 B DG 2 1_555 0.301  -0.491 0.530  0.141  -16.438 -4.316 11 A_DC13:DG2_B A 13 ? B 2  ? 19 1 
1 A DG 14 1_555 B DC 1 1_555 -0.156 -0.156 0.596  4.915  -5.152  -5.975 12 A_DG14:DC1_B A 14 ? B 1  ? 19 1 
1 A DA 15 1_555 C DT 9 1_555 0.532  -0.066 0.210  1.920  -10.182 -3.363 13 A_DA15:DT9_C A 15 ? C 9  ? 20 1 
1 A DC 16 1_555 C DG 8 1_555 0.494  0.169  0.369  5.220  -5.599  -0.200 14 A_DC16:DG8_C A 16 ? C 8  ? 19 1 
1 A DA 17 1_555 C DT 7 1_555 0.060  -0.509 0.093  5.668  -7.687  2.956  15 A_DA17:DT7_C A 17 ? C 7  ? 20 1 
1 A DC 18 1_555 C DG 6 1_555 -0.626 -0.512 -0.063 3.086  -11.924 -5.246 16 A_DC18:DG6_C A 18 ? C 6  ? 19 1 
1 A DT 19 1_555 C DA 5 1_555 0.064  -0.224 0.087  0.625  -8.435  1.587  17 A_DT19:DA5_C A 19 ? C 5  ? 20 1 
1 A DC 20 1_555 C DG 4 1_555 0.267  -0.042 0.226  -0.634 -13.088 -3.860 18 A_DC20:DG4_C A 20 ? C 4  ? 19 1 
1 A DA 21 1_555 C DT 3 1_555 0.598  -0.152 0.483  2.594  -9.387  6.993  19 A_DA21:DT3_C A 21 ? C 3  ? 20 1 
# 
loop_
_ndb_struct_na_base_pair_step.model_number 
_ndb_struct_na_base_pair_step.i_label_asym_id_1 
_ndb_struct_na_base_pair_step.i_label_comp_id_1 
_ndb_struct_na_base_pair_step.i_label_seq_id_1 
_ndb_struct_na_base_pair_step.i_symmetry_1 
_ndb_struct_na_base_pair_step.j_label_asym_id_1 
_ndb_struct_na_base_pair_step.j_label_comp_id_1 
_ndb_struct_na_base_pair_step.j_label_seq_id_1 
_ndb_struct_na_base_pair_step.j_symmetry_1 
_ndb_struct_na_base_pair_step.i_label_asym_id_2 
_ndb_struct_na_base_pair_step.i_label_comp_id_2 
_ndb_struct_na_base_pair_step.i_label_seq_id_2 
_ndb_struct_na_base_pair_step.i_symmetry_2 
_ndb_struct_na_base_pair_step.j_label_asym_id_2 
_ndb_struct_na_base_pair_step.j_label_comp_id_2 
_ndb_struct_na_base_pair_step.j_label_seq_id_2 
_ndb_struct_na_base_pair_step.j_symmetry_2 
_ndb_struct_na_base_pair_step.shift 
_ndb_struct_na_base_pair_step.slide 
_ndb_struct_na_base_pair_step.rise 
_ndb_struct_na_base_pair_step.tilt 
_ndb_struct_na_base_pair_step.roll 
_ndb_struct_na_base_pair_step.twist 
_ndb_struct_na_base_pair_step.x_displacement 
_ndb_struct_na_base_pair_step.y_displacement 
_ndb_struct_na_base_pair_step.helical_rise 
_ndb_struct_na_base_pair_step.inclination 
_ndb_struct_na_base_pair_step.tip 
_ndb_struct_na_base_pair_step.helical_twist 
_ndb_struct_na_base_pair_step.step_number 
_ndb_struct_na_base_pair_step.step_name 
_ndb_struct_na_base_pair_step.i_auth_asym_id_1 
_ndb_struct_na_base_pair_step.i_auth_seq_id_1 
_ndb_struct_na_base_pair_step.i_PDB_ins_code_1 
_ndb_struct_na_base_pair_step.j_auth_asym_id_1 
_ndb_struct_na_base_pair_step.j_auth_seq_id_1 
_ndb_struct_na_base_pair_step.j_PDB_ins_code_1 
_ndb_struct_na_base_pair_step.i_auth_asym_id_2 
_ndb_struct_na_base_pair_step.i_auth_seq_id_2 
_ndb_struct_na_base_pair_step.i_PDB_ins_code_2 
_ndb_struct_na_base_pair_step.j_auth_asym_id_2 
_ndb_struct_na_base_pair_step.j_auth_seq_id_2 
_ndb_struct_na_base_pair_step.j_PDB_ins_code_2 
1 A DG 3  1_555 D DC 7 1_555 A DC 4  1_555 D DG 6 1_555 -0.296 -0.571 3.212 -4.469 3.497  25.924 -2.147 -0.509 3.115 7.678  9.812  
26.527 1  AA_DG3DC4:DG15DC16_DD A 3  ? D 16 ? A 4  ? D 15 ? 
1 A DC 4  1_555 D DG 6 1_555 A DA 5  1_555 D DT 5 1_555 0.035  1.103  3.156 0.674  7.248  37.231 0.773  0.032  3.306 11.222 -1.044 
37.911 2  AA_DC4DA5:DT14DG15_DD A 4  ? D 15 ? A 5  ? D 14 ? 
1 A DA 5  1_555 D DT 5 1_555 A DG 6  1_555 D DC 4 1_555 -0.184 0.250  3.267 -1.221 1.557  35.534 0.183  0.123  3.279 2.549  1.998  
35.587 3  AA_DA5DG6:DC13DT14_DD A 5  ? D 14 ? A 6  ? D 13 ? 
1 A DG 6  1_555 D DC 4 1_555 A DA 7  1_555 D DT 3 1_555 0.092  -0.815 3.358 -3.926 -2.273 34.664 -1.002 -0.765 3.373 -3.795 6.554  
34.950 4  AA_DG6DA7:DT12DC13_DD A 6  ? D 13 ? A 7  ? D 12 ? 
1 A DA 7  1_555 D DT 3 1_555 A DC 8  1_555 D DG 2 1_555 0.400  -0.872 3.133 -4.229 3.539  38.221 -1.729 -1.095 2.984 5.370  6.417  
38.602 5  AA_DA7DC8:DG11DT12_DD A 7  ? D 12 ? A 8  ? D 11 ? 
1 A DC 8  1_555 D DG 2 1_555 A DC 9  1_555 D DG 1 1_555 -0.713 -1.803 3.411 -5.201 -4.700 27.961 -2.460 0.145  3.727 -9.539 10.556 
28.810 6  AA_DC8DC9:DG10DG11_DD A 8  ? D 11 ? A 9  ? D 10 ? 
1 A DC 9  1_555 D DG 1 1_555 A DT 10 1_555 B DA 5 1_555 -0.111 -1.640 3.179 -0.798 -3.246 24.189 -2.859 0.013  3.369 -7.699 1.893  
24.415 7  AA_DC9DT10:DA5DG10_BD A 9  ? D 10 ? A 10 ? B 5  ? 
1 A DT 10 1_555 B DA 5 1_555 A DG 11 1_555 B DC 4 1_555 -0.596 1.444  3.027 -0.739 6.011  41.408 1.419  0.761  3.206 8.447  1.038  
41.830 8  AA_DT10DG11:DC4DA5_BB A 10 ? B 5  ? A 11 ? B 4  ? 
1 A DG 11 1_555 B DC 4 1_555 A DA 12 1_555 B DT 3 1_555 -0.307 -0.366 3.469 1.846  3.521  33.829 -1.214 0.834  3.393 6.025  -3.159 
34.055 9  AA_DG11DA12:DT3DC4_BB A 11 ? B 4  ? A 12 ? B 3  ? 
1 A DA 12 1_555 B DT 3 1_555 A DC 13 1_555 B DG 2 1_555 0.434  -0.862 3.415 -2.339 0.575  31.546 -1.691 -1.245 3.359 1.057  4.294  
31.635 10 AA_DA12DC13:DG2DT3_BB A 12 ? B 3  ? A 13 ? B 2  ? 
1 A DC 13 1_555 B DG 2 1_555 A DG 14 1_555 B DC 1 1_555 -0.085 -0.736 3.123 -1.537 1.629  34.990 -1.454 -0.077 3.087 2.706  2.553  
35.059 11 AA_DC13DG14:DC1DG2_BB A 13 ? B 2  ? A 14 ? B 1  ? 
1 A DG 14 1_555 B DC 1 1_555 A DA 15 1_555 C DT 9 1_555 -0.666 -0.342 3.359 1.853  -2.737 38.770 -0.173 1.231  3.340 -4.113 -2.786 
38.905 12 AA_DG14DA15:DT9DC1_CB A 14 ? B 1  ? A 15 ? C 9  ? 
1 A DA 15 1_555 C DT 9 1_555 A DC 16 1_555 C DG 8 1_555 0.268  -0.236 3.204 -1.405 5.366  30.267 -1.465 -0.772 3.101 10.169 2.663  
30.759 13 AA_DA15DC16:DG8DT9_CC A 15 ? C 9  ? A 16 ? C 8  ? 
1 A DC 16 1_555 C DG 8 1_555 A DA 17 1_555 C DT 7 1_555 0.011  -0.119 3.169 0.600  4.390  37.020 -0.748 0.059  3.134 6.884  -0.941 
37.275 14 AA_DC16DA17:DT7DG8_CC A 16 ? C 8  ? A 17 ? C 7  ? 
1 A DA 17 1_555 C DT 7 1_555 A DC 18 1_555 C DG 6 1_555 0.079  -0.741 3.344 0.091  -1.708 28.425 -1.105 -0.138 3.382 -3.475 -0.186 
28.475 15 AA_DA17DC18:DG6DT7_CC A 17 ? C 7  ? A 18 ? C 6  ? 
1 A DC 18 1_555 C DG 6 1_555 A DT 19 1_555 C DA 5 1_555 0.105  -0.431 3.417 0.922  0.023  38.170 -0.662 -0.040 3.418 0.035  -1.409 
38.180 16 AA_DC18DT19:DA5DG6_CC A 18 ? C 6  ? A 19 ? C 5  ? 
1 A DT 19 1_555 C DA 5 1_555 A DC 20 1_555 C DG 4 1_555 -0.188 0.166  3.312 1.218  3.545  40.022 -0.167 0.413  3.308 5.166  -1.775 
40.190 17 AA_DT19DC20:DG4DA5_CC A 19 ? C 5  ? A 20 ? C 4  ? 
1 A DC 20 1_555 C DG 4 1_555 A DA 21 1_555 C DT 3 1_555 0.789  1.066  3.387 -0.780 1.486  41.419 1.341  -1.201 3.406 2.100  1.102  
41.452 18 AA_DC20DA21:DT3DG4_CC A 20 ? C 4  ? A 21 ? C 3  ? 
# 
loop_
_pdbx_audit_support.funding_organization 
_pdbx_audit_support.country 
_pdbx_audit_support.grant_number 
_pdbx_audit_support.ordinal 
'Department of Energy (DOE, United States)'        'United States' DE-SC0007991     1 
'National Science Foundation (NSF, United States)' 'United States' CCF-1526650      2 
'National Science Foundation (NSF, United States)' 'United States' EFRI-1332411     3 
'National Science Foundation (NSF, United States)' 'United States' CCF-1526650      4 
'Army Research Office'                             'United States' W911NF-11-1-0024 5 
'Office of Naval Research'                         'United States' N000141110729    6 
'Department of Energy (DOE, United States)'        'United States' DE-SC0007991     7 
'Gordon and Betty Moore Foundation'                'United States' GBMF3849         8 
# 
_atom_sites.entry_id                    5KEK 
_atom_sites.fract_transf_matrix[1][1]   -0.00255270 
_atom_sites.fract_transf_matrix[1][2]   -0.00738697 
_atom_sites.fract_transf_matrix[1][3]   -0.01509648 
_atom_sites.fract_transf_matrix[2][1]   0.00719558 
_atom_sites.fract_transf_matrix[2][2]   -0.01501126 
_atom_sites.fract_transf_matrix[2][3]   -0.00344266 
_atom_sites.fract_transf_matrix[3][1]   -0.01356520 
_atom_sites.fract_transf_matrix[3][2]   -0.00791690 
_atom_sites.fract_transf_matrix[3][3]   0.00616765 
_atom_sites.fract_transf_vector[1]      2.262921 
_atom_sites.fract_transf_vector[2]      1.635306 
_atom_sites.fract_transf_vector[3]      1.324098 
# 
loop_
_atom_type.symbol 
AS 
C  
N  
O  
P  
# 
loop_
_atom_site.group_PDB 
_atom_site.id 
_atom_site.type_symbol 
_atom_site.label_atom_id 
_atom_site.label_alt_id 
_atom_site.label_comp_id 
_atom_site.label_asym_id 
_atom_site.label_entity_id 
_atom_site.label_seq_id 
_atom_site.pdbx_PDB_ins_code 
_atom_site.Cartn_x 
_atom_site.Cartn_y 
_atom_site.Cartn_z 
_atom_site.occupancy 
_atom_site.B_iso_or_equiv 
_atom_site.pdbx_formal_charge 
_atom_site.auth_seq_id 
_atom_site.auth_comp_id 
_atom_site.auth_asym_id 
_atom_site.auth_atom_id 
_atom_site.pdbx_PDB_model_num 
ATOM   1   C  "C5'" . DG  A 1 1  ? -22.864 20.194  -15.038 1.00 98.83  ? 1   DG  A "C5'" 1 
ATOM   2   C  "C4'" . DG  A 1 1  ? -22.440 21.415  -15.848 1.00 98.40  ? 1   DG  A "C4'" 1 
ATOM   3   O  "O4'" . DG  A 1 1  ? -23.336 22.516  -15.572 1.00 86.34  ? 1   DG  A "O4'" 1 
ATOM   4   C  "C3'" . DG  A 1 1  ? -21.018 21.918  -15.563 1.00 98.48  ? 1   DG  A "C3'" 1 
ATOM   5   O  "O3'" . DG  A 1 1  ? -20.182 21.599  -16.636 1.00 102.11 ? 1   DG  A "O3'" 1 
ATOM   6   C  "C2'" . DG  A 1 1  ? -21.142 23.428  -15.433 1.00 88.09  ? 1   DG  A "C2'" 1 
ATOM   7   C  "C1'" . DG  A 1 1  ? -22.602 23.626  -15.083 1.00 89.52  ? 1   DG  A "C1'" 1 
ATOM   8   N  N9    . DG  A 1 1  ? -22.868 23.822  -13.650 1.00 88.59  ? 1   DG  A N9    1 
ATOM   9   C  C8    . DG  A 1 1  ? -23.917 23.302  -12.914 1.00 88.34  ? 1   DG  A C8    1 
ATOM   10  N  N7    . DG  A 1 1  ? -23.928 23.694  -11.666 1.00 78.10  ? 1   DG  A N7    1 
ATOM   11  C  C5    . DG  A 1 1  ? -22.831 24.528  -11.569 1.00 75.37  ? 1   DG  A C5    1 
ATOM   12  C  C6    . DG  A 1 1  ? -22.349 25.237  -10.464 1.00 78.44  ? 1   DG  A C6    1 
ATOM   13  O  O6    . DG  A 1 1  ? -22.813 25.258  -9.318  1.00 79.99  ? 1   DG  A O6    1 
ATOM   14  N  N1    . DG  A 1 1  ? -21.205 25.978  -10.781 1.00 85.83  ? 1   DG  A N1    1 
ATOM   15  C  C2    . DG  A 1 1  ? -20.609 26.018  -12.033 1.00 89.17  ? 1   DG  A C2    1 
ATOM   16  N  N2    . DG  A 1 1  ? -19.508 26.785  -12.160 1.00 85.43  ? 1   DG  A N2    1 
ATOM   17  N  N3    . DG  A 1 1  ? -21.064 25.350  -13.085 1.00 86.44  ? 1   DG  A N3    1 
ATOM   18  C  C4    . DG  A 1 1  ? -22.168 24.624  -12.780 1.00 81.15  ? 1   DG  A C4    1 
ATOM   19  P  P     . DA  A 1 2  ? -18.803 20.848  -16.347 1.00 116.83 ? 2   DA  A P     1 
ATOM   20  O  OP1   . DA  A 1 2  ? -18.229 20.467  -17.662 1.00 104.73 ? 2   DA  A OP1   1 
ATOM   21  O  OP2   . DA  A 1 2  ? -19.095 19.855  -15.280 1.00 119.46 ? 2   DA  A OP2   1 
ATOM   22  O  "O5'" . DA  A 1 2  ? -17.893 21.943  -15.634 1.00 98.85  ? 2   DA  A "O5'" 1 
ATOM   23  C  "C5'" . DA  A 1 2  ? -17.680 23.176  -16.252 1.00 98.31  ? 2   DA  A "C5'" 1 
ATOM   24  C  "C4'" . DA  A 1 2  ? -16.882 24.054  -15.337 1.00 96.99  ? 2   DA  A "C4'" 1 
ATOM   25  O  "O4'" . DA  A 1 2  ? -17.664 24.353  -14.151 1.00 96.34  ? 2   DA  A "O4'" 1 
ATOM   26  C  "C3'" . DA  A 1 2  ? -15.599 23.425  -14.845 1.00 91.45  ? 2   DA  A "C3'" 1 
ATOM   27  O  "O3'" . DA  A 1 2  ? -14.607 24.423  -14.760 1.00 97.37  ? 2   DA  A "O3'" 1 
ATOM   28  C  "C2'" . DA  A 1 2  ? -15.985 22.863  -13.474 1.00 91.54  ? 2   DA  A "C2'" 1 
ATOM   29  C  "C1'" . DA  A 1 2  ? -17.019 23.861  -12.995 1.00 89.77  ? 2   DA  A "C1'" 1 
ATOM   30  N  N9    . DA  A 1 2  ? -18.047 23.284  -12.129 1.00 88.55  ? 2   DA  A N9    1 
ATOM   31  C  C8    . DA  A 1 2  ? -18.925 22.293  -12.460 1.00 89.94  ? 2   DA  A C8    1 
ATOM   32  N  N7    . DA  A 1 2  ? -19.762 21.988  -11.490 1.00 89.91  ? 2   DA  A N7    1 
ATOM   33  C  C5    . DA  A 1 2  ? -19.418 22.849  -10.453 1.00 80.43  ? 2   DA  A C5    1 
ATOM   34  C  C6    . DA  A 1 2  ? -19.941 23.032  -9.148  1.00 79.42  ? 2   DA  A C6    1 
ATOM   35  N  N6    . DA  A 1 2  ? -20.965 22.313  -8.659  1.00 76.03  ? 2   DA  A N6    1 
ATOM   36  N  N1    . DA  A 1 2  ? -19.364 23.977  -8.363  1.00 77.09  ? 2   DA  A N1    1 
ATOM   37  C  C2    . DA  A 1 2  ? -18.349 24.683  -8.862  1.00 80.39  ? 2   DA  A C2    1 
ATOM   38  N  N3    . DA  A 1 2  ? -17.783 24.604  -10.074 1.00 82.99  ? 2   DA  A N3    1 
ATOM   39  C  C4    . DA  A 1 2  ? -18.367 23.658  -10.826 1.00 81.81  ? 2   DA  A C4    1 
ATOM   40  P  P     . DG  A 1 3  ? -13.231 24.157  -13.981 1.00 102.91 ? 3   DG  A P     1 
ATOM   41  O  OP1   . DG  A 1 3  ? -12.230 25.130  -14.480 1.00 101.97 ? 3   DG  A OP1   1 
ATOM   42  O  OP2   . DG  A 1 3  ? -12.940 22.702  -14.008 1.00 107.36 ? 3   DG  A OP2   1 
ATOM   43  O  "O5'" . DG  A 1 3  ? -13.568 24.564  -12.493 1.00 86.29  ? 3   DG  A "O5'" 1 
ATOM   44  C  "C5'" . DG  A 1 3  ? -13.282 25.852  -12.062 1.00 88.61  ? 3   DG  A "C5'" 1 
ATOM   45  C  "C4'" . DG  A 1 3  ? -13.134 25.845  -10.574 1.00 87.06  ? 3   DG  A "C4'" 1 
ATOM   46  O  "O4'" . DG  A 1 3  ? -14.314 25.215  -9.992  1.00 89.38  ? 3   DG  A "O4'" 1 
ATOM   47  C  "C3'" . DG  A 1 3  ? -11.953 25.029  -10.083 1.00 87.18  ? 3   DG  A "C3'" 1 
ATOM   48  O  "O3'" . DG  A 1 3  ? -11.387 25.658  -8.975  1.00 85.72  ? 3   DG  A "O3'" 1 
ATOM   49  C  "C2'" . DG  A 1 3  ? -12.605 23.706  -9.681  1.00 95.62  ? 3   DG  A "C2'" 1 
ATOM   50  C  "C1'" . DG  A 1 3  ? -13.891 24.234  -9.077  1.00 89.63  ? 3   DG  A "C1'" 1 
ATOM   51  N  N9    . DG  A 1 3  ? -14.953 23.225  -8.876  1.00 84.33  ? 3   DG  A N9    1 
ATOM   52  C  C8    . DG  A 1 3  ? -15.389 22.275  -9.772  1.00 86.56  ? 3   DG  A C8    1 
ATOM   53  N  N7    . DG  A 1 3  ? -16.344 21.515  -9.307  1.00 79.48  ? 3   DG  A N7    1 
ATOM   54  C  C5    . DG  A 1 3  ? -16.553 21.989  -8.022  1.00 78.13  ? 3   DG  A C5    1 
ATOM   55  C  C6    . DG  A 1 3  ? -17.471 21.563  -7.039  1.00 78.72  ? 3   DG  A C6    1 
ATOM   56  O  O6    . DG  A 1 3  ? -18.303 20.631  -7.103  1.00 75.54  ? 3   DG  A O6    1 
ATOM   57  N  N1    . DG  A 1 3  ? -17.360 22.322  -5.877  1.00 80.02  ? 3   DG  A N1    1 
ATOM   58  C  C2    . DG  A 1 3  ? -16.472 23.356  -5.688  1.00 79.90  ? 3   DG  A C2    1 
ATOM   59  N  N2    . DG  A 1 3  ? -16.515 23.959  -4.488  1.00 80.02  ? 3   DG  A N2    1 
ATOM   60  N  N3    . DG  A 1 3  ? -15.611 23.767  -6.603  1.00 75.66  ? 3   DG  A N3    1 
ATOM   61  C  C4    . DG  A 1 3  ? -15.709 23.043  -7.740  1.00 77.98  ? 3   DG  A C4    1 
ATOM   62  P  P     . DC  A 1 4  ? -9.828  25.441  -8.673  1.00 108.13 ? 4   DC  A P     1 
ATOM   63  O  OP1   . DC  A 1 4  ? -9.139  26.132  -9.792  1.00 109.53 ? 4   DC  A OP1   1 
ATOM   64  O  OP2   . DC  A 1 4  ? -9.588  24.004  -8.407  1.00 105.59 ? 4   DC  A OP2   1 
ATOM   65  O  "O5'" . DC  A 1 4  ? -9.553  26.204  -7.291  1.00 91.39  ? 4   DC  A "O5'" 1 
ATOM   66  C  "C5'" . DC  A 1 4  ? -10.610 26.725  -6.564  1.00 88.84  ? 4   DC  A "C5'" 1 
ATOM   67  C  "C4'" . DC  A 1 4  ? -10.883 25.875  -5.354  1.00 86.04  ? 4   DC  A "C4'" 1 
ATOM   68  O  "O4'" . DC  A 1 4  ? -11.880 24.891  -5.643  1.00 90.01  ? 4   DC  A "O4'" 1 
ATOM   69  C  "C3'" . DC  A 1 4  ? -9.695  25.102  -4.816  1.00 90.73  ? 4   DC  A "C3'" 1 
ATOM   70  O  "O3'" . DC  A 1 4  ? -9.367  25.677  -3.572  1.00 97.42  ? 4   DC  A "O3'" 1 
ATOM   71  C  "C2'" . DC  A 1 4  ? -10.224 23.644  -4.682  1.00 92.46  ? 4   DC  A "C2'" 1 
ATOM   72  C  "C1'" . DC  A 1 4  ? -11.727 23.859  -4.715  1.00 88.54  ? 4   DC  A "C1'" 1 
ATOM   73  N  N1    . DC  A 1 4  ? -12.581 22.677  -5.183  1.00 83.72  ? 4   DC  A N1    1 
ATOM   74  C  C2    . DC  A 1 4  ? -13.502 22.059  -4.305  1.00 78.74  ? 4   DC  A C2    1 
ATOM   75  O  O2    . DC  A 1 4  ? -13.573 22.441  -3.132  1.00 84.46  ? 4   DC  A O2    1 
ATOM   76  N  N3    . DC  A 1 4  ? -14.273 21.038  -4.770  1.00 76.72  ? 4   DC  A N3    1 
ATOM   77  C  C4    . DC  A 1 4  ? -14.168 20.647  -6.050  1.00 82.20  ? 4   DC  A C4    1 
ATOM   78  N  N4    . DC  A 1 4  ? -14.933 19.631  -6.476  1.00 75.48  ? 4   DC  A N4    1 
ATOM   79  C  C5    . DC  A 1 4  ? -13.262 21.274  -6.948  1.00 85.39  ? 4   DC  A C5    1 
ATOM   80  C  C6    . DC  A 1 4  ? -12.506 22.277  -6.480  1.00 85.73  ? 4   DC  A C6    1 
ATOM   81  P  P     . DA  A 1 5  ? -8.517  24.872  -2.479  1.00 113.10 ? 5   DA  A P     1 
ATOM   82  O  OP1   . DA  A 1 5  ? -7.948  25.877  -1.534  1.00 97.94  ? 5   DA  A OP1   1 
ATOM   83  O  OP2   . DA  A 1 5  ? -7.627  23.967  -3.269  1.00 104.74 ? 5   DA  A OP2   1 
ATOM   84  O  "O5'" . DA  A 1 5  ? -9.620  24.055  -1.626  1.00 93.57  ? 5   DA  A "O5'" 1 
ATOM   85  C  "C5'" . DA  A 1 5  ? -9.982  24.511  -0.306  1.00 89.68  ? 5   DA  A "C5'" 1 
ATOM   86  C  "C4'" . DA  A 1 5  ? -10.124 23.355  0.685   1.00 91.68  ? 5   DA  A "C4'" 1 
ATOM   87  O  "O4'" . DA  A 1 5  ? -10.936 22.300  0.098   1.00 96.26  ? 5   DA  A "O4'" 1 
ATOM   88  C  "C3'" . DA  A 1 5  ? -8.827  22.667  1.084   1.00 87.81  ? 5   DA  A "C3'" 1 
ATOM   89  O  "O3'" . DA  A 1 5  ? -9.010  22.002  2.321   1.00 90.59  ? 5   DA  A "O3'" 1 
ATOM   90  C  "C2'" . DA  A 1 5  ? -8.677  21.656  -0.034  1.00 87.47  ? 5   DA  A "C2'" 1 
ATOM   91  C  "C1'" . DA  A 1 5  ? -10.118 21.162  -0.134  1.00 89.22  ? 5   DA  A "C1'" 1 
ATOM   92  N  N9    . DA  A 1 5  ? -10.454 20.594  -1.438  1.00 79.60  ? 5   DA  A N9    1 
ATOM   93  C  C8    . DA  A 1 5  ? -9.815  20.818  -2.620  1.00 85.65  ? 5   DA  A C8    1 
ATOM   94  N  N7    . DA  A 1 5  ? -10.335 20.159  -3.632  1.00 88.98  ? 5   DA  A N7    1 
ATOM   95  C  C5    . DA  A 1 5  ? -11.387 19.460  -3.064  1.00 77.76  ? 5   DA  A C5    1 
ATOM   96  C  C6    . DA  A 1 5  ? -12.347 18.578  -3.606  1.00 75.00  ? 5   DA  A C6    1 
ATOM   97  N  N6    . DA  A 1 5  ? -12.396 18.239  -4.892  1.00 74.18  ? 5   DA  A N6    1 
ATOM   98  N  N1    . DA  A 1 5  ? -13.247 18.052  -2.770  1.00 74.24  ? 5   DA  A N1    1 
ATOM   99  C  C2    . DA  A 1 5  ? -13.198 18.396  -1.483  1.00 77.71  ? 5   DA  A C2    1 
ATOM   100 N  N3    . DA  A 1 5  ? -12.349 19.218  -0.863  1.00 80.06  ? 5   DA  A N3    1 
ATOM   101 C  C4    . DA  A 1 5  ? -11.465 19.717  -1.716  1.00 72.90  ? 5   DA  A C4    1 
ATOM   102 P  P     . DG  A 1 6  ? -7.739  21.485  3.167   1.00 105.63 ? 6   DG  A P     1 
ATOM   103 O  OP1   . DG  A 1 6  ? -7.352  22.613  4.048   1.00 103.23 ? 6   DG  A OP1   1 
ATOM   104 O  OP2   . DG  A 1 6  ? -6.726  20.866  2.276   1.00 94.45  ? 6   DG  A OP2   1 
ATOM   105 O  "O5'" . DG  A 1 6  ? -8.324  20.294  4.053   1.00 90.29  ? 6   DG  A "O5'" 1 
ATOM   106 C  "C5'" . DG  A 1 6  ? -9.712  20.142  4.199   1.00 83.09  ? 6   DG  A "C5'" 1 
ATOM   107 C  "C4'" . DG  A 1 6  ? -10.139 18.745  3.795   1.00 85.52  ? 6   DG  A "C4'" 1 
ATOM   108 O  "O4'" . DG  A 1 6  ? -10.241 18.645  2.357   1.00 93.36  ? 6   DG  A "O4'" 1 
ATOM   109 C  "C3'" . DG  A 1 6  ? -9.189  17.622  4.196   1.00 80.47  ? 6   DG  A "C3'" 1 
ATOM   110 O  "O3'" . DG  A 1 6  ? -9.896  16.659  4.845   1.00 81.82  ? 6   DG  A "O3'" 1 
ATOM   111 C  "C2'" . DG  A 1 6  ? -8.693  17.078  2.862   1.00 82.63  ? 6   DG  A "C2'" 1 
ATOM   112 C  "C1'" . DG  A 1 6  ? -9.897  17.340  2.013   1.00 77.98  ? 6   DG  A "C1'" 1 
ATOM   113 N  N9    . DG  A 1 6  ? -9.617  17.303  0.610   1.00 70.89  ? 6   DG  A N9    1 
ATOM   114 C  C8    . DG  A 1 6  ? -8.613  17.961  -0.044  1.00 76.04  ? 6   DG  A C8    1 
ATOM   115 N  N7    . DG  A 1 6  ? -8.608  17.742  -1.334  1.00 78.48  ? 6   DG  A N7    1 
ATOM   116 C  C5    . DG  A 1 6  ? -9.691  16.886  -1.538  1.00 77.01  ? 6   DG  A C5    1 
ATOM   117 C  C6    . DG  A 1 6  ? -10.188 16.288  -2.739  1.00 73.82  ? 6   DG  A C6    1 
ATOM   118 O  O6    . DG  A 1 6  ? -9.760  16.409  -3.908  1.00 74.63  ? 6   DG  A O6    1 
ATOM   119 N  N1    . DG  A 1 6  ? -11.290 15.479  -2.485  1.00 65.58  ? 6   DG  A N1    1 
ATOM   120 C  C2    . DG  A 1 6  ? -11.839 15.278  -1.239  1.00 73.05  ? 6   DG  A C2    1 
ATOM   121 N  N2    . DG  A 1 6  ? -12.900 14.468  -1.190  1.00 75.75  ? 6   DG  A N2    1 
ATOM   122 N  N3    . DG  A 1 6  ? -11.384 15.829  -0.114  1.00 70.32  ? 6   DG  A N3    1 
ATOM   123 C  C4    . DG  A 1 6  ? -10.317 16.613  -0.340  1.00 72.44  ? 6   DG  A C4    1 
ATOM   124 P  P     . DA  A 1 7  ? -9.126  15.684  5.853   1.00 104.14 ? 7   DA  A P     1 
ATOM   125 O  OP1   . DA  A 1 7  ? -9.530  16.154  7.206   1.00 113.14 ? 7   DA  A OP1   1 
ATOM   126 O  OP2   . DA  A 1 7  ? -7.683  15.624  5.471   1.00 78.00  ? 7   DA  A OP2   1 
ATOM   127 O  "O5'" . DA  A 1 7  ? -9.809  14.271  5.595   1.00 87.64  ? 7   DA  A "O5'" 1 
ATOM   128 C  "C5'" . DA  A 1 7  ? -11.206 14.208  5.442   1.00 92.00  ? 7   DA  A "C5'" 1 
ATOM   129 C  "C4'" . DA  A 1 7  ? -11.555 13.338  4.265   1.00 89.25  ? 7   DA  A "C4'" 1 
ATOM   130 O  "O4'" . DA  A 1 7  ? -11.013 13.913  3.063   1.00 89.03  ? 7   DA  A "O4'" 1 
ATOM   131 C  "C3'" . DA  A 1 7  ? -10.936 11.961  4.333   1.00 85.03  ? 7   DA  A "C3'" 1 
ATOM   132 O  "O3'" . DA  A 1 7  ? -11.861 11.031  4.850   1.00 90.25  ? 7   DA  A "O3'" 1 
ATOM   133 C  "C2'" . DA  A 1 7  ? -10.549 11.643  2.884   1.00 83.44  ? 7   DA  A "C2'" 1 
ATOM   134 C  "C1'" . DA  A 1 7  ? -10.957 12.886  2.114   1.00 84.53  ? 7   DA  A "C1'" 1 
ATOM   135 N  N9    . DA  A 1 7  ? -10.030 13.252  1.033   1.00 79.33  ? 7   DA  A N9    1 
ATOM   136 C  C8    . DA  A 1 7  ? -8.954  14.093  1.109   1.00 78.28  ? 7   DA  A C8    1 
ATOM   137 N  N7    . DA  A 1 7  ? -8.313  14.236  -0.034  1.00 74.28  ? 7   DA  A N7    1 
ATOM   138 C  C5    . DA  A 1 7  ? -9.024  13.437  -0.916  1.00 69.91  ? 7   DA  A C5    1 
ATOM   139 C  C6    . DA  A 1 7  ? -8.851  13.150  -2.281  1.00 71.76  ? 7   DA  A C6    1 
ATOM   140 N  N6    . DA  A 1 7  ? -7.867  13.668  -3.012  1.00 70.60  ? 7   DA  A N6    1 
ATOM   141 N  N1    . DA  A 1 7  ? -9.724  12.306  -2.865  1.00 71.54  ? 7   DA  A N1    1 
ATOM   142 C  C2    . DA  A 1 7  ? -10.708 11.796  -2.116  1.00 74.08  ? 7   DA  A C2    1 
ATOM   143 N  N3    . DA  A 1 7  ? -10.968 11.989  -0.824  1.00 70.11  ? 7   DA  A N3    1 
ATOM   144 C  C4    . DA  A 1 7  ? -10.079 12.824  -0.279  1.00 70.24  ? 7   DA  A C4    1 
ATOM   145 P  P     . DC  A 1 8  ? -11.353 9.546   5.205   1.00 107.55 ? 8   DC  A P     1 
ATOM   146 O  OP1   . DC  A 1 8  ? -12.393 8.788   5.938   1.00 92.59  ? 8   DC  A OP1   1 
ATOM   147 O  OP2   . DC  A 1 8  ? -9.964  9.651   5.737   1.00 82.91  ? 8   DC  A OP2   1 
ATOM   148 O  "O5'" . DC  A 1 8  ? -11.301 8.856   3.786   1.00 93.36  ? 8   DC  A "O5'" 1 
ATOM   149 C  "C5'" . DC  A 1 8  ? -12.433 8.897   2.948   1.00 86.89  ? 8   DC  A "C5'" 1 
ATOM   150 C  "C4'" . DC  A 1 8  ? -12.073 8.189   1.689   1.00 90.74  ? 8   DC  A "C4'" 1 
ATOM   151 O  "O4'" . DC  A 1 8  ? -11.312 9.097   0.857   1.00 89.22  ? 8   DC  A "O4'" 1 
ATOM   152 C  "C3'" . DC  A 1 8  ? -11.159 6.991   1.951   1.00 93.40  ? 8   DC  A "C3'" 1 
ATOM   153 O  "O3'" . DC  A 1 8  ? -11.780 5.789   1.534   1.00 99.90  ? 8   DC  A "O3'" 1 
ATOM   154 C  "C2'" . DC  A 1 8  ? -9.881  7.292   1.158   1.00 92.45  ? 8   DC  A "C2'" 1 
ATOM   155 C  "C1'" . DC  A 1 8  ? -10.317 8.369   0.184   1.00 84.27  ? 8   DC  A "C1'" 1 
ATOM   156 N  N1    . DC  A 1 8  ? -9.214  9.282   -0.143  1.00 71.87  ? 8   DC  A N1    1 
ATOM   157 C  C2    . DC  A 1 8  ? -8.683  9.309   -1.430  1.00 73.15  ? 8   DC  A C2    1 
ATOM   158 O  O2    . DC  A 1 8  ? -9.169  8.584   -2.305  1.00 73.57  ? 8   DC  A O2    1 
ATOM   159 N  N3    . DC  A 1 8  ? -7.657  10.140  -1.689  1.00 72.69  ? 8   DC  A N3    1 
ATOM   160 C  C4    . DC  A 1 8  ? -7.161  10.898  -0.715  1.00 74.06  ? 8   DC  A C4    1 
ATOM   161 N  N4    . DC  A 1 8  ? -6.142  11.721  -1.007  1.00 77.43  ? 8   DC  A N4    1 
ATOM   162 C  C5    . DC  A 1 8  ? -7.688  10.863  0.597   1.00 68.16  ? 8   DC  A C5    1 
ATOM   163 C  C6    . DC  A 1 8  ? -8.693  10.043  0.831   1.00 67.15  ? 8   DC  A C6    1 
ATOM   164 P  P     . DC  A 1 9  ? -10.889 4.496   1.183   1.00 119.79 ? 9   DC  A P     1 
ATOM   165 O  OP1   . DC  A 1 9  ? -11.800 3.318   1.161   1.00 107.14 ? 9   DC  A OP1   1 
ATOM   166 O  OP2   . DC  A 1 9  ? -9.715  4.491   2.117   1.00 95.93  ? 9   DC  A OP2   1 
ATOM   167 O  "O5'" . DC  A 1 9  ? -10.448 4.769   -0.343  1.00 87.53  ? 9   DC  A "O5'" 1 
ATOM   168 C  "C5'" . DC  A 1 9  ? -11.433 5.063   -1.323  1.00 78.20  ? 9   DC  A "C5'" 1 
ATOM   169 C  "C4'" . DC  A 1 9  ? -10.974 4.627   -2.707  1.00 82.44  ? 9   DC  A "C4'" 1 
ATOM   170 O  "O4'" . DC  A 1 9  ? -9.929  5.521   -3.191  1.00 87.85  ? 9   DC  A "O4'" 1 
ATOM   171 C  "C3'" . DC  A 1 9  ? -10.352 3.245   -2.783  1.00 76.67  ? 9   DC  A "C3'" 1 
ATOM   172 O  "O3'" . DC  A 1 9  ? -10.453 2.783   -4.098  1.00 74.89  ? 9   DC  A "O3'" 1 
ATOM   173 C  "C2'" . DC  A 1 9  ? -8.903  3.552   -2.453  1.00 76.60  ? 9   DC  A "C2'" 1 
ATOM   174 C  "C1'" . DC  A 1 9  ? -8.709  4.805   -3.295  1.00 78.37  ? 9   DC  A "C1'" 1 
ATOM   175 N  N1    . DC  A 1 9  ? -7.569  5.688   -2.850  1.00 74.87  ? 9   DC  A N1    1 
ATOM   176 C  C2    . DC  A 1 9  ? -6.553  6.024   -3.759  1.00 68.90  ? 9   DC  A C2    1 
ATOM   177 O  O2    . DC  A 1 9  ? -6.617  5.600   -4.921  1.00 68.62  ? 9   DC  A O2    1 
ATOM   178 N  N3    . DC  A 1 9  ? -5.538  6.816   -3.337  1.00 63.73  ? 9   DC  A N3    1 
ATOM   179 C  C4    . DC  A 1 9  ? -5.524  7.261   -2.075  1.00 64.73  ? 9   DC  A C4    1 
ATOM   180 N  N4    . DC  A 1 9  ? -4.527  8.053   -1.707  1.00 63.64  ? 9   DC  A N4    1 
ATOM   181 C  C5    . DC  A 1 9  ? -6.533  6.921   -1.137  1.00 64.16  ? 9   DC  A C5    1 
ATOM   182 C  C6    . DC  A 1 9  ? -7.528  6.143   -1.560  1.00 73.17  ? 9   DC  A C6    1 
ATOM   183 P  P     . DT  A 1 10 ? -9.642  1.473   -4.541  1.00 86.23  ? 10  DT  A P     1 
ATOM   184 O  OP1   . DT  A 1 10 ? -10.272 0.988   -5.799  1.00 88.01  ? 10  DT  A OP1   1 
ATOM   185 O  OP2   . DT  A 1 10 ? -9.503  0.655   -3.300  1.00 69.84  ? 10  DT  A OP2   1 
ATOM   186 O  "O5'" . DT  A 1 10 ? -8.193  1.993   -4.975  1.00 74.46  ? 10  DT  A "O5'" 1 
ATOM   187 C  "C5'" . DT  A 1 10 ? -8.069  2.955   -5.995  1.00 80.98  ? 10  DT  A "C5'" 1 
ATOM   188 C  "C4'" . DT  A 1 10 ? -7.087  2.494   -7.044  1.00 87.73  ? 10  DT  A "C4'" 1 
ATOM   189 O  "O4'" . DT  A 1 10 ? -5.848  3.253   -6.928  1.00 83.19  ? 10  DT  A "O4'" 1 
ATOM   190 C  "C3'" . DT  A 1 10 ? -6.689  1.044   -6.923  1.00 85.53  ? 10  DT  A "C3'" 1 
ATOM   191 O  "O3'" . DT  A 1 10 ? -6.319  0.534   -8.196  1.00 93.49  ? 10  DT  A "O3'" 1 
ATOM   192 C  "C2'" . DT  A 1 10 ? -5.494  1.127   -5.987  1.00 90.09  ? 10  DT  A "C2'" 1 
ATOM   193 C  "C1'" . DT  A 1 10 ? -4.821  2.424   -6.435  1.00 79.51  ? 10  DT  A "C1'" 1 
ATOM   194 N  N1    . DT  A 1 10 ? -4.132  3.148   -5.326  1.00 67.10  ? 10  DT  A N1    1 
ATOM   195 C  C2    . DT  A 1 10 ? -2.963  3.815   -5.579  1.00 69.20  ? 10  DT  A C2    1 
ATOM   196 O  O2    . DT  A 1 10 ? -2.436  3.856   -6.679  1.00 76.91  ? 10  DT  A O2    1 
ATOM   197 N  N3    . DT  A 1 10 ? -2.428  4.448   -4.503  1.00 64.53  ? 10  DT  A N3    1 
ATOM   198 C  C4    . DT  A 1 10 ? -2.925  4.476   -3.221  1.00 66.15  ? 10  DT  A C4    1 
ATOM   199 O  O4    . DT  A 1 10 ? -2.355  5.060   -2.306  1.00 67.04  ? 10  DT  A O4    1 
ATOM   200 C  C5    . DT  A 1 10 ? -4.150  3.761   -3.026  1.00 68.08  ? 10  DT  A C5    1 
ATOM   201 C  C7    . DT  A 1 10 ? -4.789  3.724   -1.674  1.00 64.78  ? 10  DT  A C7    1 
ATOM   202 C  C6    . DT  A 1 10 ? -4.685  3.134   -4.078  1.00 67.53  ? 10  DT  A C6    1 
ATOM   203 P  P     . DG  A 1 11 ? -6.237  -1.057  -8.421  1.00 109.86 ? 11  DG  A P     1 
ATOM   204 O  OP1   . DG  A 1 11 ? -7.072  -1.405  -9.609  1.00 95.06  ? 11  DG  A OP1   1 
ATOM   205 O  OP2   . DG  A 1 11 ? -6.395  -1.730  -7.101  1.00 96.25  ? 11  DG  A OP2   1 
ATOM   206 O  "O5'" . DG  A 1 11 ? -4.715  -1.289  -8.788  1.00 99.10  ? 11  DG  A "O5'" 1 
ATOM   207 C  "C5'" . DG  A 1 11 ? -4.224  -0.845  -10.033 1.00 98.76  ? 11  DG  A "C5'" 1 
ATOM   208 C  "C4'" . DG  A 1 11 ? -2.729  -1.062  -10.087 1.00 93.25  ? 11  DG  A "C4'" 1 
ATOM   209 O  "O4'" . DG  A 1 11 ? -2.087  -0.202  -9.115  1.00 93.57  ? 11  DG  A "O4'" 1 
ATOM   210 C  "C3'" . DG  A 1 11 ? -2.298  -2.476  -9.757  1.00 85.49  ? 11  DG  A "C3'" 1 
ATOM   211 O  "O3'" . DG  A 1 11 ? -1.268  -2.852  -10.592 1.00 92.69  ? 11  DG  A "O3'" 1 
ATOM   212 C  "C2'" . DG  A 1 11 ? -1.843  -2.388  -8.314  1.00 83.87  ? 11  DG  A "C2'" 1 
ATOM   213 C  "C1'" . DG  A 1 11 ? -1.361  -0.956  -8.189  1.00 81.24  ? 11  DG  A "C1'" 1 
ATOM   214 N  N9    . DG  A 1 11 ? -1.633  -0.444  -6.861  1.00 76.64  ? 11  DG  A N9    1 
ATOM   215 C  C8    . DG  A 1 11 ? -2.633  -0.863  -6.035  1.00 77.05  ? 11  DG  A C8    1 
ATOM   216 N  N7    . DG  A 1 11 ? -2.628  -0.271  -4.880  1.00 70.62  ? 11  DG  A N7    1 
ATOM   217 C  C5    . DG  A 1 11 ? -1.554  0.586   -4.945  1.00 63.77  ? 11  DG  A C5    1 
ATOM   218 C  C6    . DG  A 1 11 ? -1.070  1.473   -3.982  1.00 69.97  ? 11  DG  A C6    1 
ATOM   219 O  O6    . DG  A 1 11 ? -1.515  1.685   -2.840  1.00 76.61  ? 11  DG  A O6    1 
ATOM   220 N  N1    . DG  A 1 11 ? 0.045   2.150   -4.429  1.00 63.67  ? 11  DG  A N1    1 
ATOM   221 C  C2    . DG  A 1 11 ? 0.598   2.005   -5.658  1.00 64.69  ? 11  DG  A C2    1 
ATOM   222 N  N2    . DG  A 1 11 ? 1.659   2.776   -5.907  1.00 63.77  ? 11  DG  A N2    1 
ATOM   223 N  N3    . DG  A 1 11 ? 0.156   1.163   -6.578  1.00 68.07  ? 11  DG  A N3    1 
ATOM   224 C  C4    . DG  A 1 11 ? -0.919  0.488   -6.148  1.00 66.28  ? 11  DG  A C4    1 
ATOM   225 P  P     . DA  A 1 12 ? -0.409  -4.167  -10.269 1.00 110.70 ? 12  DA  A P     1 
ATOM   226 O  OP1   . DA  A 1 12 ? -0.168  -4.695  -11.645 1.00 102.92 ? 12  DA  A OP1   1 
ATOM   227 O  OP2   . DA  A 1 12 ? -1.053  -5.024  -9.238  1.00 91.25  ? 12  DA  A OP2   1 
ATOM   228 O  "O5'" . DA  A 1 12 ? 0.954   -3.559  -9.687  1.00 87.10  ? 12  DA  A "O5'" 1 
ATOM   229 C  "C5'" . DA  A 1 12 ? 1.558   -2.537  -10.452 1.00 90.33  ? 12  DA  A "C5'" 1 
ATOM   230 C  "C4'" . DA  A 1 12 ? 2.881   -2.105  -9.883  1.00 86.34  ? 12  DA  A "C4'" 1 
ATOM   231 O  "O4'" . DA  A 1 12 ? 2.659   -1.367  -8.661  1.00 92.11  ? 12  DA  A "O4'" 1 
ATOM   232 C  "C3'" . DA  A 1 12 ? 3.839   -3.233  -9.555  1.00 84.79  ? 12  DA  A "C3'" 1 
ATOM   233 O  "O3'" . DA  A 1 12 ? 5.150   -2.859  -9.936  1.00 93.54  ? 12  DA  A "O3'" 1 
ATOM   234 C  "C2'" . DA  A 1 12 ? 3.702   -3.379  -8.040  1.00 89.25  ? 12  DA  A "C2'" 1 
ATOM   235 C  "C1'" . DA  A 1 12 ? 3.373   -1.957  -7.599  1.00 82.89  ? 12  DA  A "C1'" 1 
ATOM   236 N  N9    . DA  A 1 12 ? 2.525   -1.898  -6.419  1.00 69.21  ? 12  DA  A N9    1 
ATOM   237 C  C8    . DA  A 1 12 ? 1.387   -2.624  -6.192  1.00 73.39  ? 12  DA  A C8    1 
ATOM   238 N  N7    . DA  A 1 12 ? 0.814   -2.356  -5.041  1.00 73.32  ? 12  DA  A N7    1 
ATOM   239 C  C5    . DA  A 1 12 ? 1.630   -1.369  -4.487  1.00 70.74  ? 12  DA  A C5    1 
ATOM   240 C  C6    . DA  A 1 12 ? 1.572   -0.651  -3.265  1.00 65.04  ? 12  DA  A C6    1 
ATOM   241 N  N6    . DA  A 1 12 ? 0.614   -0.828  -2.355  1.00 67.86  ? 12  DA  A N6    1 
ATOM   242 N  N1    . DA  A 1 12 ? 2.540   0.252   -3.017  1.00 61.09  ? 12  DA  A N1    1 
ATOM   243 C  C2    . DA  A 1 12 ? 3.505   0.418   -3.930  1.00 67.99  ? 12  DA  A C2    1 
ATOM   244 N  N3    . DA  A 1 12 ? 3.665   -0.195  -5.116  1.00 68.14  ? 12  DA  A N3    1 
ATOM   245 C  C4    . DA  A 1 12 ? 2.684   -1.080  -5.332  1.00 65.41  ? 12  DA  A C4    1 
ATOM   246 P  P     . DC  A 1 13 ? 6.305   -3.968  -10.091 1.00 108.59 ? 13  DC  A P     1 
ATOM   247 O  OP1   . DC  A 1 13 ? 7.305   -3.330  -10.988 1.00 101.12 ? 13  DC  A OP1   1 
ATOM   248 O  OP2   . DC  A 1 13 ? 5.727   -5.281  -10.488 1.00 88.70  ? 13  DC  A OP2   1 
ATOM   249 O  "O5'" . DC  A 1 13 ? 6.898   -4.080  -8.600  1.00 94.98  ? 13  DC  A "O5'" 1 
ATOM   250 C  "C5'" . DC  A 1 13 ? 7.975   -3.224  -8.224  1.00 90.10  ? 13  DC  A "C5'" 1 
ATOM   251 C  "C4'" . DC  A 1 13 ? 7.758   -2.547  -6.872  1.00 85.22  ? 13  DC  A "C4'" 1 
ATOM   252 O  "O4'" . DC  A 1 13 ? 6.422   -2.722  -6.373  1.00 76.47  ? 13  DC  A "O4'" 1 
ATOM   253 C  "C3'" . DC  A 1 13 ? 8.589   -3.097  -5.731  1.00 90.24  ? 13  DC  A "C3'" 1 
ATOM   254 O  "O3'" . DC  A 1 13 ? 9.900   -2.647  -5.806  1.00 88.05  ? 13  DC  A "O3'" 1 
ATOM   255 C  "C2'" . DC  A 1 13 ? 7.874   -2.535  -4.501  1.00 79.30  ? 13  DC  A "C2'" 1 
ATOM   256 C  "C1'" . DC  A 1 13 ? 6.472   -2.239  -5.042  1.00 73.71  ? 13  DC  A "C1'" 1 
ATOM   257 N  N1    . DC  A 1 13 ? 5.376   -2.796  -4.245  1.00 66.24  ? 13  DC  A N1    1 
ATOM   258 C  C2    . DC  A 1 13 ? 5.136   -2.275  -2.950  1.00 66.87  ? 13  DC  A C2    1 
ATOM   259 O  O2    . DC  A 1 13 ? 5.877   -1.406  -2.506  1.00 69.36  ? 13  DC  A O2    1 
ATOM   260 N  N3    . DC  A 1 13 ? 4.099   -2.736  -2.226  1.00 61.03  ? 13  DC  A N3    1 
ATOM   261 C  C4    . DC  A 1 13 ? 3.312   -3.673  -2.745  1.00 67.62  ? 13  DC  A C4    1 
ATOM   262 N  N4    . DC  A 1 13 ? 2.308   -4.115  -1.989  1.00 65.34  ? 13  DC  A N4    1 
ATOM   263 C  C5    . DC  A 1 13 ? 3.524   -4.208  -4.071  1.00 68.74  ? 13  DC  A C5    1 
ATOM   264 C  C6    . DC  A 1 13 ? 4.561   -3.738  -4.778  1.00 65.09  ? 13  DC  A C6    1 
ATOM   265 P  P     . DG  A 1 14 ? 11.052  -3.566  -5.185  1.00 98.34  ? 14  DG  A P     1 
ATOM   266 O  OP1   . DG  A 1 14 ? 11.897  -4.064  -6.297  1.00 109.18 ? 14  DG  A OP1   1 
ATOM   267 O  OP2   . DG  A 1 14 ? 10.384  -4.518  -4.266  1.00 87.09  ? 14  DG  A OP2   1 
ATOM   268 O  "O5'" . DG  A 1 14 ? 11.895  -2.540  -4.315  1.00 100.62 ? 14  DG  A "O5'" 1 
ATOM   269 C  "C5'" . DG  A 1 14 ? 11.230  -1.456  -3.681  1.00 94.91  ? 14  DG  A "C5'" 1 
ATOM   270 C  "C4'" . DG  A 1 14 ? 11.052  -1.741  -2.203  1.00 95.08  ? 14  DG  A "C4'" 1 
ATOM   271 O  "O4'" . DG  A 1 14 ? 9.694   -2.127  -1.958  1.00 91.17  ? 14  DG  A "O4'" 1 
ATOM   272 C  "C3'" . DG  A 1 14 ? 11.925  -2.878  -1.647  1.00 87.66  ? 14  DG  A "C3'" 1 
ATOM   273 O  "O3'" . DG  A 1 14 ? 12.980  -2.318  -0.800  1.00 94.22  ? 14  DG  A "O3'" 1 
ATOM   274 C  "C2'" . DG  A 1 14 ? 10.939  -3.803  -0.908  1.00 85.38  ? 14  DG  A "C2'" 1 
ATOM   275 C  "C1'" . DG  A 1 14 ? 9.658   -2.962  -0.834  1.00 83.68  ? 14  DG  A "C1'" 1 
ATOM   276 N  N9    . DG  A 1 14 ? 8.411   -3.734  -0.894  1.00 72.86  ? 14  DG  A N9    1 
ATOM   277 C  C8    . DG  A 1 14 ? 7.971   -4.499  -1.940  1.00 72.51  ? 14  DG  A C8    1 
ATOM   278 N  N7    . DG  A 1 14 ? 6.820   -5.064  -1.725  1.00 67.29  ? 14  DG  A N7    1 
ATOM   279 C  C5    . DG  A 1 14 ? 6.466   -4.634  -0.464  1.00 62.76  ? 14  DG  A C5    1 
ATOM   280 C  C6    . DG  A 1 14 ? 5.314   -4.916  0.279   1.00 62.15  ? 14  DG  A C6    1 
ATOM   281 O  O6    . DG  A 1 14 ? 4.354   -5.619  -0.053  1.00 63.59  ? 14  DG  A O6    1 
ATOM   282 N  N1    . DG  A 1 14 ? 5.334   -4.298  1.522   1.00 58.55  ? 14  DG  A N1    1 
ATOM   283 C  C2    . DG  A 1 14 ? 6.349   -3.494  1.975   1.00 63.90  ? 14  DG  A C2    1 
ATOM   284 N  N2    . DG  A 1 14 ? 6.188   -2.973  3.195   1.00 61.15  ? 14  DG  A N2    1 
ATOM   285 N  N3    . DG  A 1 14 ? 7.442   -3.204  1.273   1.00 66.39  ? 14  DG  A N3    1 
ATOM   286 C  C4    . DG  A 1 14 ? 7.427   -3.808  0.063   1.00 64.12  ? 14  DG  A C4    1 
ATOM   287 P  P     . DA  A 1 15 ? 13.103  -2.574  0.793   1.00 111.39 ? 15  DA  A P     1 
ATOM   288 O  OP1   . DA  A 1 15 ? 14.033  -1.500  1.223   1.00 102.78 ? 15  DA  A OP1   1 
ATOM   289 O  OP2   . DA  A 1 15 ? 13.377  -4.018  1.069   1.00 87.46  ? 15  DA  A OP2   1 
ATOM   290 O  "O5'" . DA  A 1 15 ? 11.683  -2.156  1.439   1.00 99.77  ? 15  DA  A "O5'" 1 
ATOM   291 C  "C5'" . DA  A 1 15 ? 11.609  -1.095  2.410   1.00 93.69  ? 15  DA  A "C5'" 1 
ATOM   292 C  "C4'" . DA  A 1 15 ? 11.324  -1.609  3.834   1.00 95.38  ? 15  DA  A "C4'" 1 
ATOM   293 O  "O4'" . DA  A 1 15 ? 10.143  -2.470  3.880   1.00 93.22  ? 15  DA  A "O4'" 1 
ATOM   294 C  "C3'" . DA  A 1 15 ? 12.444  -2.376  4.526   1.00 89.66  ? 15  DA  A "C3'" 1 
ATOM   295 O  "O3'" . DA  A 1 15 ? 12.503  -1.941  5.895   1.00 96.20  ? 15  DA  A "O3'" 1 
ATOM   296 C  "C2'" . DA  A 1 15 ? 12.012  -3.844  4.386   1.00 87.86  ? 15  DA  A "C2'" 1 
ATOM   297 C  "C1'" . DA  A 1 15 ? 10.478  -3.760  4.401   1.00 87.31  ? 15  DA  A "C1'" 1 
ATOM   298 N  N9    . DA  A 1 15 ? 9.794   -4.759  3.540   1.00 82.84  ? 15  DA  A N9    1 
ATOM   299 C  C8    . DA  A 1 15 ? 10.228  -5.242  2.326   1.00 84.25  ? 15  DA  A C8    1 
ATOM   300 N  N7    . DA  A 1 15 ? 9.389   -6.085  1.738   1.00 72.13  ? 15  DA  A N7    1 
ATOM   301 C  C5    . DA  A 1 15 ? 8.327   -6.143  2.609   1.00 71.24  ? 15  DA  A C5    1 
ATOM   302 C  C6    . DA  A 1 15 ? 7.114   -6.847  2.550   1.00 71.30  ? 15  DA  A C6    1 
ATOM   303 N  N6    . DA  A 1 15 ? 6.789   -7.670  1.529   1.00 66.33  ? 15  DA  A N6    1 
ATOM   304 N  N1    . DA  A 1 15 ? 6.248   -6.683  3.587   1.00 68.29  ? 15  DA  A N1    1 
ATOM   305 C  C2    . DA  A 1 15 ? 6.600   -5.866  4.606   1.00 71.30  ? 15  DA  A C2    1 
ATOM   306 N  N3    . DA  A 1 15 ? 7.719   -5.146  4.768   1.00 71.75  ? 15  DA  A N3    1 
ATOM   307 C  C4    . DA  A 1 15 ? 8.547   -5.328  3.730   1.00 72.67  ? 15  DA  A C4    1 
ATOM   308 P  P     . DC  A 1 16 ? 13.333  -2.749  7.012   1.00 103.41 ? 16  DC  A P     1 
ATOM   309 O  OP1   . DC  A 1 16 ? 13.547  -1.862  8.189   1.00 98.01  ? 16  DC  A OP1   1 
ATOM   310 O  OP2   . DC  A 1 16 ? 14.447  -3.490  6.378   1.00 100.14 ? 16  DC  A OP2   1 
ATOM   311 O  "O5'" . DC  A 1 16 ? 12.286  -3.797  7.532   1.00 95.09  ? 16  DC  A "O5'" 1 
ATOM   312 C  "C5'" . DC  A 1 16 ? 11.460  -3.441  8.587   1.00 100.23 ? 16  DC  A "C5'" 1 
ATOM   313 C  "C4'" . DC  A 1 16 ? 10.702  -4.650  9.051   1.00 98.92  ? 16  DC  A "C4'" 1 
ATOM   314 O  "O4'" . DC  A 1 16 ? 10.160  -5.345  7.902   1.00 90.30  ? 16  DC  A "O4'" 1 
ATOM   315 C  "C3'" . DC  A 1 16 ? 11.541  -5.672  9.807   1.00 93.28  ? 16  DC  A "C3'" 1 
ATOM   316 O  "O3'" . DC  A 1 16 ? 10.821  -6.021  10.959  1.00 99.64  ? 16  DC  A "O3'" 1 
ATOM   317 C  "C2'" . DC  A 1 16 ? 11.679  -6.837  8.807   1.00 85.66  ? 16  DC  A "C2'" 1 
ATOM   318 C  "C1'" . DC  A 1 16 ? 10.363  -6.713  8.068   1.00 83.89  ? 16  DC  A "C1'" 1 
ATOM   319 N  N1    . DC  A 1 16 ? 10.296  -7.333  6.740   1.00 74.58  ? 16  DC  A N1    1 
ATOM   320 C  C2    . DC  A 1 16 ? 9.152   -8.047  6.410   1.00 79.31  ? 16  DC  A C2    1 
ATOM   321 O  O2    . DC  A 1 16 ? 8.263   -8.169  7.265   1.00 84.67  ? 16  DC  A O2    1 
ATOM   322 N  N3    . DC  A 1 16 ? 9.045   -8.606  5.182   1.00 76.44  ? 16  DC  A N3    1 
ATOM   323 C  C4    . DC  A 1 16 ? 10.020  -8.449  4.297   1.00 77.82  ? 16  DC  A C4    1 
ATOM   324 N  N4    . DC  A 1 16 ? 9.869   -9.028  3.087   1.00 71.41  ? 16  DC  A N4    1 
ATOM   325 C  C5    . DC  A 1 16 ? 11.199  -7.699  4.615   1.00 75.02  ? 16  DC  A C5    1 
ATOM   326 C  C6    . DC  A 1 16 ? 11.283  -7.158  5.841   1.00 74.48  ? 16  DC  A C6    1 
ATOM   327 P  P     . DA  A 1 17 ? 11.390  -7.092  12.005  1.00 109.41 ? 17  DA  A P     1 
ATOM   328 O  OP1   . DA  A 1 17 ? 10.773  -6.710  13.301  1.00 98.99  ? 17  DA  A OP1   1 
ATOM   329 O  OP2   . DA  A 1 17 ? 12.870  -7.183  11.846  1.00 95.18  ? 17  DA  A OP2   1 
ATOM   330 O  "O5'" . DA  A 1 17 ? 10.689  -8.439  11.515  1.00 93.09  ? 17  DA  A "O5'" 1 
ATOM   331 C  "C5'" . DA  A 1 17 ? 9.436   -8.334  10.896  1.00 90.77  ? 17  DA  A "C5'" 1 
ATOM   332 C  "C4'" . DA  A 1 17 ? 8.412   -9.174  11.586  1.00 93.97  ? 17  DA  A "C4'" 1 
ATOM   333 O  "O4'" . DA  A 1 17 ? 7.763   -9.976  10.594  1.00 87.37  ? 17  DA  A "O4'" 1 
ATOM   334 C  "C3'" . DA  A 1 17 ? 8.978   -10.183 12.545  1.00 92.49  ? 17  DA  A "C3'" 1 
ATOM   335 O  "O3'" . DA  A 1 17 ? 7.935   -10.659 13.359  1.00 101.82 ? 17  DA  A "O3'" 1 
ATOM   336 C  "C2'" . DA  A 1 17 ? 9.483   -11.268 11.595  1.00 83.17  ? 17  DA  A "C2'" 1 
ATOM   337 C  "C1'" . DA  A 1 17 ? 8.511   -11.145 10.412  1.00 82.09  ? 17  DA  A "C1'" 1 
ATOM   338 N  N9    . DA  A 1 17 ? 9.179   -11.087 9.125   1.00 73.20  ? 17  DA  A N9    1 
ATOM   339 C  C8    . DA  A 1 17 ? 10.381  -10.519 8.834   1.00 76.50  ? 17  DA  A C8    1 
ATOM   340 N  N7    . DA  A 1 17 ? 10.743  -10.663 7.579   1.00 72.70  ? 17  DA  A N7    1 
ATOM   341 C  C5    . DA  A 1 17 ? 9.716   -11.392 7.026   1.00 66.44  ? 17  DA  A C5    1 
ATOM   342 C  C6    . DA  A 1 17 ? 9.493   -11.873 5.729   1.00 66.94  ? 17  DA  A C6    1 
ATOM   343 N  N6    . DA  A 1 17 ? 10.337  -11.684 4.727   1.00 71.21  ? 17  DA  A N6    1 
ATOM   344 N  N1    . DA  A 1 17 ? 8.360   -12.556 5.496   1.00 67.36  ? 17  DA  A N1    1 
ATOM   345 C  C2    . DA  A 1 17 ? 7.509   -12.745 6.512   1.00 71.42  ? 17  DA  A C2    1 
ATOM   346 N  N3    . DA  A 1 17 ? 7.612   -12.342 7.783   1.00 70.67  ? 17  DA  A N3    1 
ATOM   347 C  C4    . DA  A 1 17 ? 8.747   -11.660 7.968   1.00 70.19  ? 17  DA  A C4    1 
ATOM   348 P  P     . DC  A 1 18 ? 8.222   -11.820 14.425  1.00 107.50 ? 18  DC  A P     1 
ATOM   349 O  OP1   . DC  A 1 18 ? 7.228   -11.717 15.526  1.00 88.39  ? 18  DC  A OP1   1 
ATOM   350 O  OP2   . DC  A 1 18 ? 9.667   -11.728 14.718  1.00 110.81 ? 18  DC  A OP2   1 
ATOM   351 O  "O5'" . DC  A 1 18 ? 7.951   -13.153 13.605  1.00 82.26  ? 18  DC  A "O5'" 1 
ATOM   352 C  "C5'" . DC  A 1 18 ? 6.702   -13.318 13.038  1.00 89.18  ? 18  DC  A "C5'" 1 
ATOM   353 C  "C4'" . DC  A 1 18 ? 6.714   -14.467 12.072  1.00 94.25  ? 18  DC  A "C4'" 1 
ATOM   354 O  "O4'" . DC  A 1 18 ? 7.480   -14.111 10.905  1.00 90.00  ? 18  DC  A "O4'" 1 
ATOM   355 C  "C3'" . DC  A 1 18 ? 7.349   -15.756 12.602  1.00 88.47  ? 18  DC  A "C3'" 1 
ATOM   356 O  "O3'" . DC  A 1 18 ? 6.320   -16.754 12.802  1.00 96.84  ? 18  DC  A "O3'" 1 
ATOM   357 C  "C2'" . DC  A 1 18 ? 8.333   -16.147 11.490  1.00 86.40  ? 18  DC  A "C2'" 1 
ATOM   358 C  "C1'" . DC  A 1 18 ? 7.875   -15.297 10.315  1.00 77.88  ? 18  DC  A "C1'" 1 
ATOM   359 N  N1    . DC  A 1 18 ? 8.950   -15.011 9.337   1.00 74.25  ? 18  DC  A N1    1 
ATOM   360 C  C2    . DC  A 1 18 ? 8.808   -15.435 7.998   1.00 72.10  ? 18  DC  A C2    1 
ATOM   361 O  O2    . DC  A 1 18 ? 7.771   -16.026 7.654   1.00 66.46  ? 18  DC  A O2    1 
ATOM   362 N  N3    . DC  A 1 18 ? 9.815   -15.182 7.118   1.00 69.12  ? 18  DC  A N3    1 
ATOM   363 C  C4    . DC  A 1 18 ? 10.910  -14.538 7.531   1.00 67.84  ? 18  DC  A C4    1 
ATOM   364 N  N4    . DC  A 1 18 ? 11.865  -14.311 6.638   1.00 64.83  ? 18  DC  A N4    1 
ATOM   365 C  C5    . DC  A 1 18 ? 11.073  -14.103 8.884   1.00 69.58  ? 18  DC  A C5    1 
ATOM   366 C  C6    . DC  A 1 18 ? 10.081  -14.363 9.747   1.00 71.34  ? 18  DC  A C6    1 
ATOM   367 P  P     . DT  A 1 19 ? 6.646   -18.334 12.841  1.00 100.62 ? 19  DT  A P     1 
ATOM   368 O  OP1   . DT  A 1 19 ? 5.428   -19.021 13.339  1.00 94.41  ? 19  DT  A OP1   1 
ATOM   369 O  OP2   . DT  A 1 19 ? 7.953   -18.563 13.517  1.00 87.15  ? 19  DT  A OP2   1 
ATOM   370 O  "O5'" . DT  A 1 19 ? 6.785   -18.735 11.299  1.00 90.72  ? 19  DT  A "O5'" 1 
ATOM   371 C  "C5'" . DT  A 1 19 ? 5.760   -18.407 10.375  1.00 84.54  ? 19  DT  A "C5'" 1 
ATOM   372 C  "C4'" . DT  A 1 19 ? 5.700   -19.440 9.255   1.00 90.26  ? 19  DT  A "C4'" 1 
ATOM   373 O  "O4'" . DT  A 1 19 ? 6.723   -19.163 8.260   1.00 87.03  ? 19  DT  A "O4'" 1 
ATOM   374 C  "C3'" . DT  A 1 19 ? 5.928   -20.889 9.669   1.00 96.45  ? 19  DT  A "C3'" 1 
ATOM   375 O  "O3'" . DT  A 1 19 ? 5.200   -21.751 8.768   1.00 104.78 ? 19  DT  A "O3'" 1 
ATOM   376 C  "C2'" . DT  A 1 19 ? 7.450   -21.045 9.516   1.00 96.64  ? 19  DT  A "C2'" 1 
ATOM   377 C  "C1'" . DT  A 1 19 ? 7.734   -20.166 8.291   1.00 87.41  ? 19  DT  A "C1'" 1 
ATOM   378 N  N1    . DT  A 1 19 ? 9.095   -19.467 8.289   1.00 75.87  ? 19  DT  A N1    1 
ATOM   379 C  C2    . DT  A 1 19 ? 9.784   -19.345 7.093   1.00 79.39  ? 19  DT  A C2    1 
ATOM   380 O  O2    . DT  A 1 19 ? 9.369   -19.806 6.012   1.00 75.25  ? 19  DT  A O2    1 
ATOM   381 N  N3    . DT  A 1 19 ? 10.989  -18.661 7.199   1.00 74.96  ? 19  DT  A N3    1 
ATOM   382 C  C4    . DT  A 1 19 ? 11.542  -18.097 8.339   1.00 68.80  ? 19  DT  A C4    1 
ATOM   383 O  O4    . DT  A 1 19 ? 12.616  -17.510 8.340   1.00 67.45  ? 19  DT  A O4    1 
ATOM   384 C  C5    . DT  A 1 19 ? 10.778  -18.256 9.532   1.00 72.53  ? 19  DT  A C5    1 
ATOM   385 C  C7    . DT  A 1 19 ? 11.309  -17.681 10.816  1.00 76.17  ? 19  DT  A C7    1 
ATOM   386 C  C6    . DT  A 1 19 ? 9.602   -18.922 9.461   1.00 72.13  ? 19  DT  A C6    1 
ATOM   387 P  P     . DC  A 1 20 ? 5.352   -23.350 8.838   1.00 113.09 ? 20  DC  A P     1 
ATOM   388 O  OP1   . DC  A 1 20 ? 4.081   -23.957 8.346   1.00 92.85  ? 20  DC  A OP1   1 
ATOM   389 O  OP2   . DC  A 1 20 ? 5.906   -23.647 10.195  1.00 97.14  ? 20  DC  A OP2   1 
ATOM   390 O  "O5'" . DC  A 1 20 ? 6.417   -23.682 7.688   1.00 97.57  ? 20  DC  A "O5'" 1 
ATOM   391 C  "C5'" . DC  A 1 20 ? 6.017   -23.567 6.309   1.00 100.69 ? 20  DC  A "C5'" 1 
ATOM   392 C  "C4'" . DC  A 1 20 ? 6.986   -24.293 5.376   1.00 107.56 ? 20  DC  A "C4'" 1 
ATOM   393 O  "O4'" . DC  A 1 20 ? 8.254   -23.566 5.290   1.00 105.22 ? 20  DC  A "O4'" 1 
ATOM   394 C  "C3'" . DC  A 1 20 ? 7.357   -25.703 5.816   1.00 107.78 ? 20  DC  A "C3'" 1 
ATOM   395 O  "O3'" . DC  A 1 20 ? 7.627   -26.513 4.676   1.00 114.11 ? 20  DC  A "O3'" 1 
ATOM   396 C  "C2'" . DC  A 1 20 ? 8.618   -25.457 6.636   1.00 99.80  ? 20  DC  A "C2'" 1 
ATOM   397 C  "C1'" . DC  A 1 20 ? 9.293   -24.374 5.812   1.00 94.86  ? 20  DC  A "C1'" 1 
ATOM   398 N  N1    . DC  A 1 20 ? 10.206  -23.554 6.622   1.00 84.65  ? 20  DC  A N1    1 
ATOM   399 C  C2    . DC  A 1 20 ? 11.321  -22.958 6.014   1.00 82.45  ? 20  DC  A C2    1 
ATOM   400 O  O2    . DC  A 1 20 ? 11.486  -23.096 4.777   1.00 75.57  ? 20  DC  A O2    1 
ATOM   401 N  N3    . DC  A 1 20 ? 12.180  -22.229 6.794   1.00 78.02  ? 20  DC  A N3    1 
ATOM   402 C  C4    . DC  A 1 20 ? 11.950  -22.107 8.112   1.00 76.69  ? 20  DC  A C4    1 
ATOM   403 N  N4    . DC  A 1 20 ? 12.811  -21.378 8.838   1.00 68.54  ? 20  DC  A N4    1 
ATOM   404 C  C5    . DC  A 1 20 ? 10.823  -22.729 8.738   1.00 80.36  ? 20  DC  A C5    1 
ATOM   405 C  C6    . DC  A 1 20 ? 9.989   -23.436 7.966   1.00 78.61  ? 20  DC  A C6    1 
ATOM   406 P  P     . DA  A 1 21 ? 8.187   -28.015 4.861   1.00 124.70 ? 21  DA  A P     1 
ATOM   407 O  OP1   . DA  A 1 21 ? 7.278   -28.865 4.044   1.00 113.23 ? 21  DA  A OP1   1 
ATOM   408 O  OP2   . DA  A 1 21 ? 8.441   -28.304 6.305   1.00 109.14 ? 21  DA  A OP2   1 
ATOM   409 O  "O5'" . DA  A 1 21 ? 9.618   -27.992 4.139   1.00 102.75 ? 21  DA  A "O5'" 1 
ATOM   410 C  "C5'" . DA  A 1 21 ? 9.680   -28.008 2.728   1.00 100.42 ? 21  DA  A "C5'" 1 
ATOM   411 C  "C4'" . DA  A 1 21 ? 11.073  -27.664 2.257   1.00 102.68 ? 21  DA  A "C4'" 1 
ATOM   412 O  "O4'" . DA  A 1 21 ? 11.661  -26.723 3.185   1.00 97.46  ? 21  DA  A "O4'" 1 
ATOM   413 C  "C3'" . DA  A 1 21 ? 12.046  -28.837 2.182   1.00 99.58  ? 21  DA  A "C3'" 1 
ATOM   414 O  "O3'" . DA  A 1 21 ? 12.969  -28.644 1.082   1.00 91.37  ? 21  DA  A "O3'" 1 
ATOM   415 C  "C2'" . DA  A 1 21 ? 12.741  -28.773 3.541   1.00 93.54  ? 21  DA  A "C2'" 1 
ATOM   416 C  "C1'" . DA  A 1 21 ? 12.806  -27.276 3.779   1.00 84.62  ? 21  DA  A "C1'" 1 
ATOM   417 N  N9    . DA  A 1 21 ? 12.759  -26.918 5.165   1.00 81.50  ? 21  DA  A N9    1 
ATOM   418 C  C8    . DA  A 1 21 ? 11.845  -27.325 6.093   1.00 86.32  ? 21  DA  A C8    1 
ATOM   419 N  N7    . DA  A 1 21 ? 12.044  -26.812 7.282   1.00 84.54  ? 21  DA  A N7    1 
ATOM   420 C  C5    . DA  A 1 21 ? 13.152  -26.002 7.102   1.00 78.29  ? 21  DA  A C5    1 
ATOM   421 C  C6    . DA  A 1 21 ? 13.865  -25.183 7.976   1.00 80.65  ? 21  DA  A C6    1 
ATOM   422 N  N6    . DA  A 1 21 ? 13.539  -25.045 9.258   1.00 89.98  ? 21  DA  A N6    1 
ATOM   423 N  N1    . DA  A 1 21 ? 14.936  -24.512 7.487   1.00 80.57  ? 21  DA  A N1    1 
ATOM   424 C  C2    . DA  A 1 21 ? 15.249  -24.654 6.193   1.00 83.73  ? 21  DA  A C2    1 
ATOM   425 N  N3    . DA  A 1 21 ? 14.641  -25.399 5.267   1.00 83.56  ? 21  DA  A N3    1 
ATOM   426 C  C4    . DA  A 1 21 ? 13.593  -26.053 5.799   1.00 81.49  ? 21  DA  A C4    1 
ATOM   427 P  P     . DC  B 2 1  ? -3.904  -3.761  6.211   1.00 85.09  ? 1   DC  B P     1 
ATOM   428 O  OP1   . DC  B 2 1  ? -4.417  -4.767  7.155   1.00 70.13  ? 1   DC  B OP1   1 
ATOM   429 O  OP2   . DC  B 2 1  ? -4.215  -3.941  4.766   1.00 72.78  ? 1   DC  B OP2   1 
ATOM   430 O  "O5'" . DC  B 2 1  ? -2.316  -3.713  6.433   1.00 73.60  ? 1   DC  B "O5'" 1 
ATOM   431 C  "C5'" . DC  B 2 1  ? -1.767  -4.205  7.646   1.00 70.21  ? 1   DC  B "C5'" 1 
ATOM   432 C  "C4'" . DC  B 2 1  ? -0.290  -3.868  7.760   1.00 62.95  ? 1   DC  B "C4'" 1 
ATOM   433 O  "O4'" . DC  B 2 1  ? 0.457   -4.771  6.953   1.00 57.99  ? 1   DC  B "O4'" 1 
ATOM   434 C  "C3'" . DC  B 2 1  ? 0.080   -2.494  7.273   1.00 61.31  ? 1   DC  B "C3'" 1 
ATOM   435 O  "O3'" . DC  B 2 1  ? 0.070   -1.632  8.332   1.00 66.57  ? 1   DC  B "O3'" 1 
ATOM   436 C  "C2'" . DC  B 2 1  ? 1.490   -2.653  6.734   1.00 57.14  ? 1   DC  B "C2'" 1 
ATOM   437 C  "C1'" . DC  B 2 1  ? 1.595   -4.143  6.452   1.00 53.42  ? 1   DC  B "C1'" 1 
ATOM   438 N  N1    . DC  B 2 1  ? 1.634   -4.490  5.076   1.00 50.54  ? 1   DC  B N1    1 
ATOM   439 C  C2    . DC  B 2 1  ? 2.723   -4.153  4.297   1.00 56.07  ? 1   DC  B C2    1 
ATOM   440 O  O2    . DC  B 2 1  ? 3.632   -3.488  4.798   1.00 60.00  ? 1   DC  B O2    1 
ATOM   441 N  N3    . DC  B 2 1  ? 2.753   -4.553  3.008   1.00 53.39  ? 1   DC  B N3    1 
ATOM   442 C  C4    . DC  B 2 1  ? 1.762   -5.277  2.524   1.00 50.01  ? 1   DC  B C4    1 
ATOM   443 N  N4    . DC  B 2 1  ? 1.822   -5.653  1.244   1.00 53.75  ? 1   DC  B N4    1 
ATOM   444 C  C5    . DC  B 2 1  ? 0.657   -5.639  3.314   1.00 50.60  ? 1   DC  B C5    1 
ATOM   445 C  C6    . DC  B 2 1  ? 0.633   -5.230  4.574   1.00 50.44  ? 1   DC  B C6    1 
ATOM   446 P  P     . DG  B 2 2  ? -0.137  -0.064  8.065   1.00 89.69  ? 2   DG  B P     1 
ATOM   447 O  OP1   . DG  B 2 2  ? 0.112   0.575   9.378   1.00 89.87  ? 2   DG  B OP1   1 
ATOM   448 O  OP2   . DG  B 2 2  ? -1.385  0.156   7.276   1.00 76.04  ? 2   DG  B OP2   1 
ATOM   449 O  "O5'" . DG  B 2 2  ? 1.111   0.357   7.176   1.00 78.12  ? 2   DG  B "O5'" 1 
ATOM   450 C  "C5'" . DG  B 2 2  ? 2.142   1.134   7.762   1.00 74.57  ? 2   DG  B "C5'" 1 
ATOM   451 C  "C4'" . DG  B 2 2  ? 3.254   1.239   6.776   1.00 78.14  ? 2   DG  B "C4'" 1 
ATOM   452 O  "O4'" . DG  B 2 2  ? 3.122   0.115   5.912   1.00 68.94  ? 2   DG  B "O4'" 1 
ATOM   453 C  "C3'" . DG  B 2 2  ? 3.148   2.421   5.836   1.00 82.79  ? 2   DG  B "C3'" 1 
ATOM   454 O  "O3'" . DG  B 2 2  ? 3.871   3.537   6.351   1.00 93.49  ? 2   DG  B "O3'" 1 
ATOM   455 C  "C2'" . DG  B 2 2  ? 3.783   1.904   4.543   1.00 71.58  ? 2   DG  B "C2'" 1 
ATOM   456 C  "C1'" . DG  B 2 2  ? 3.725   0.405   4.693   1.00 64.09  ? 2   DG  B "C1'" 1 
ATOM   457 N  N9    . DG  B 2 2  ? 2.949   -0.245  3.693   1.00 62.10  ? 2   DG  B N9    1 
ATOM   458 C  C8    . DG  B 2 2  ? 1.667   -0.718  3.819   1.00 63.17  ? 2   DG  B C8    1 
ATOM   459 N  N7    . DG  B 2 2  ? 1.247   -1.323  2.736   1.00 62.10  ? 2   DG  B N7    1 
ATOM   460 C  C5    . DG  B 2 2  ? 2.326   -1.237  1.866   1.00 55.76  ? 2   DG  B C5    1 
ATOM   461 C  C6    . DG  B 2 2  ? 2.466   -1.709  0.565   1.00 58.17  ? 2   DG  B C6    1 
ATOM   462 O  O6    . DG  B 2 2  ? 1.636   -2.306  -0.110  1.00 63.50  ? 2   DG  B O6    1 
ATOM   463 N  N1    . DG  B 2 2  ? 3.713   -1.419  0.039   1.00 58.31  ? 2   DG  B N1    1 
ATOM   464 C  C2    . DG  B 2 2  ? 4.696   -0.748  0.714   1.00 60.52  ? 2   DG  B C2    1 
ATOM   465 N  N2    . DG  B 2 2  ? 5.845   -0.555  0.062   1.00 63.43  ? 2   DG  B N2    1 
ATOM   466 N  N3    . DG  B 2 2  ? 4.579   -0.316  1.946   1.00 59.35  ? 2   DG  B N3    1 
ATOM   467 C  C4    . DG  B 2 2  ? 3.371   -0.586  2.449   1.00 58.19  ? 2   DG  B C4    1 
ATOM   468 P  P     . DT  B 2 3  ? 3.707   4.993   5.671   1.00 104.75 ? 3   DT  B P     1 
ATOM   469 O  OP1   . DT  B 2 3  ? 4.360   5.940   6.608   1.00 103.49 ? 3   DT  B OP1   1 
ATOM   470 O  OP2   . DT  B 2 3  ? 2.289   5.173   5.240   1.00 85.93  ? 3   DT  B OP2   1 
ATOM   471 O  "O5'" . DT  B 2 3  ? 4.579   4.924   4.326   1.00 90.32  ? 3   DT  B "O5'" 1 
ATOM   472 C  "C5'" . DT  B 2 3  ? 5.921   4.452   4.365   1.00 84.09  ? 3   DT  B "C5'" 1 
ATOM   473 C  "C4'" . DT  B 2 3  ? 6.438   4.300   2.959   1.00 88.01  ? 3   DT  B "C4'" 1 
ATOM   474 O  "O4'" . DT  B 2 3  ? 5.694   3.260   2.279   1.00 80.68  ? 3   DT  B "O4'" 1 
ATOM   475 C  "C3'" . DT  B 2 3  ? 6.270   5.549   2.094   1.00 93.05  ? 3   DT  B "C3'" 1 
ATOM   476 O  "O3'" . DT  B 2 3  ? 7.417   5.733   1.301   1.00 94.76  ? 3   DT  B "O3'" 1 
ATOM   477 C  "C2'" . DT  B 2 3  ? 5.048   5.223   1.240   1.00 81.88  ? 3   DT  B "C2'" 1 
ATOM   478 C  "C1'" . DT  B 2 3  ? 5.265   3.743   1.024   1.00 72.67  ? 3   DT  B "C1'" 1 
ATOM   479 N  N1    . DT  B 2 3  ? 4.035   3.012   0.641   1.00 65.91  ? 3   DT  B N1    1 
ATOM   480 C  C2    . DT  B 2 3  ? 3.950   2.422   -0.608  1.00 62.50  ? 3   DT  B C2    1 
ATOM   481 O  O2    . DT  B 2 3  ? 4.833   2.489   -1.441  1.00 62.88  ? 3   DT  B O2    1 
ATOM   482 N  N3    . DT  B 2 3  ? 2.781   1.758   -0.850  1.00 60.97  ? 3   DT  B N3    1 
ATOM   483 C  C4    . DT  B 2 3  ? 1.703   1.623   0.017   1.00 66.10  ? 3   DT  B C4    1 
ATOM   484 O  O4    . DT  B 2 3  ? 0.665   1.016   -0.297  1.00 63.70  ? 3   DT  B O4    1 
ATOM   485 C  C5    . DT  B 2 3  ? 1.870   2.265   1.310   1.00 65.72  ? 3   DT  B C5    1 
ATOM   486 C  C7    . DT  B 2 3  ? 0.776   2.206   2.334   1.00 67.19  ? 3   DT  B C7    1 
ATOM   487 C  C6    . DT  B 2 3  ? 3.011   2.922   1.548   1.00 63.55  ? 3   DT  B C6    1 
ATOM   488 P  P     . DC  B 2 4  ? 7.687   7.166   0.647   1.00 97.25  ? 4   DC  B P     1 
ATOM   489 O  OP1   . DC  B 2 4  ? 9.155   7.376   0.616   1.00 88.25  ? 4   DC  B OP1   1 
ATOM   490 O  OP2   . DC  B 2 4  ? 6.752   8.136   1.298   1.00 91.69  ? 4   DC  B OP2   1 
ATOM   491 O  "O5'" . DC  B 2 4  ? 7.259   6.941   -0.855  1.00 75.57  ? 4   DC  B "O5'" 1 
ATOM   492 C  "C5'" . DC  B 2 4  ? 8.001   6.067   -1.617  1.00 74.98  ? 4   DC  B "C5'" 1 
ATOM   493 C  "C4'" . DC  B 2 4  ? 7.462   6.051   -3.015  1.00 74.28  ? 4   DC  B "C4'" 1 
ATOM   494 O  "O4'" . DC  B 2 4  ? 6.211   5.329   -3.043  1.00 74.10  ? 4   DC  B "O4'" 1 
ATOM   495 C  "C3'" . DC  B 2 4  ? 7.182   7.424   -3.578  1.00 70.61  ? 4   DC  B "C3'" 1 
ATOM   496 O  "O3'" . DC  B 2 4  ? 7.893   7.562   -4.783  1.00 71.04  ? 4   DC  B "O3'" 1 
ATOM   497 C  "C2'" . DC  B 2 4  ? 5.650   7.460   -3.772  1.00 70.86  ? 4   DC  B "C2'" 1 
ATOM   498 C  "C1'" . DC  B 2 4  ? 5.283   5.987   -3.857  1.00 67.91  ? 4   DC  B "C1'" 1 
ATOM   499 N  N1    . DC  B 2 4  ? 3.918   5.604   -3.320  1.00 63.48  ? 4   DC  B N1    1 
ATOM   500 C  C2    . DC  B 2 4  ? 3.040   4.834   -4.108  1.00 63.09  ? 4   DC  B C2    1 
ATOM   501 O  O2    . DC  B 2 4  ? 3.367   4.537   -5.262  1.00 69.78  ? 4   DC  B O2    1 
ATOM   502 N  N3    . DC  B 2 4  ? 1.852   4.453   -3.594  1.00 58.22  ? 4   DC  B N3    1 
ATOM   503 C  C4    . DC  B 2 4  ? 1.538   4.781   -2.346  1.00 60.82  ? 4   DC  B C4    1 
ATOM   504 N  N4    . DC  B 2 4  ? 0.351   4.389   -1.878  1.00 62.88  ? 4   DC  B N4    1 
ATOM   505 C  C5    . DC  B 2 4  ? 2.417   5.541   -1.520  1.00 61.84  ? 4   DC  B C5    1 
ATOM   506 C  C6    . DC  B 2 4  ? 3.591   5.919   -2.041  1.00 63.72  ? 4   DC  B C6    1 
ATOM   507 P  P     . DA  B 2 5  ? 7.862   8.949   -5.581  1.00 74.27  ? 5   DA  B P     1 
ATOM   508 O  OP1   . DA  B 2 5  ? 8.998   8.919   -6.514  1.00 65.37  ? 5   DA  B OP1   1 
ATOM   509 O  OP2   . DA  B 2 5  ? 7.670   10.083  -4.614  1.00 67.23  ? 5   DA  B OP2   1 
ATOM   510 O  "O5'" . DA  B 2 5  ? 6.569   8.808   -6.470  1.00 58.19  ? 5   DA  B "O5'" 1 
ATOM   511 C  "C5'" . DA  B 2 5  ? 6.581   8.004   -7.591  1.00 65.80  ? 5   DA  B "C5'" 1 
ATOM   512 C  "C4'" . DA  B 2 5  ? 5.296   8.251   -8.287  1.00 73.13  ? 5   DA  B "C4'" 1 
ATOM   513 O  "O4'" . DA  B 2 5  ? 4.245   7.579   -7.564  1.00 78.47  ? 5   DA  B "O4'" 1 
ATOM   514 C  "C3'" . DA  B 2 5  ? 4.932   9.693   -8.195  1.00 73.28  ? 5   DA  B "C3'" 1 
ATOM   515 O  "O3'" . DA  B 2 5  ? 5.498   10.382  -9.295  1.00 68.50  ? 5   DA  B "O3'" 1 
ATOM   516 C  "C2'" . DA  B 2 5  ? 3.406   9.687   -8.208  1.00 68.74  ? 5   DA  B "C2'" 1 
ATOM   517 C  "C1'" . DA  B 2 5  ? 3.055   8.332   -7.631  1.00 66.35  ? 5   DA  B "C1'" 1 
ATOM   518 N  N9    . DA  B 2 5  ? 2.489   8.404   -6.305  1.00 65.53  ? 5   DA  B N9    1 
ATOM   519 C  C8    . DA  B 2 5  ? 2.943   9.143   -5.232  1.00 72.47  ? 5   DA  B C8    1 
ATOM   520 N  N7    . DA  B 2 5  ? 2.218   8.987   -4.126  1.00 62.79  ? 5   DA  B N7    1 
ATOM   521 C  C5    . DA  B 2 5  ? 1.236   8.091   -4.527  1.00 62.75  ? 5   DA  B C5    1 
ATOM   522 C  C6    . DA  B 2 5  ? 0.161   7.523   -3.853  1.00 61.90  ? 5   DA  B C6    1 
ATOM   523 N  N6    . DA  B 2 5  ? -0.129  7.792   -2.573  1.00 62.36  ? 5   DA  B N6    1 
ATOM   524 N  N1    . DA  B 2 5  ? -0.615  6.665   -4.539  1.00 63.73  ? 5   DA  B N1    1 
ATOM   525 C  C2    . DA  B 2 5  ? -0.324  6.407   -5.816  1.00 61.31  ? 5   DA  B C2    1 
ATOM   526 N  N3    . DA  B 2 5  ? 0.647   6.900   -6.562  1.00 57.91  ? 5   DA  B N3    1 
ATOM   527 C  C4    . DA  B 2 5  ? 1.398   7.728   -5.858  1.00 61.33  ? 5   DA  B C4    1 
ATOM   528 C  "C5'" . DT  C 3 1  ? 18.593  -24.954 18.785  1.00 85.07  ? 1   DT  C "C5'" 1 
ATOM   529 C  "C4'" . DT  C 3 1  ? 19.932  -24.657 18.147  1.00 80.27  ? 1   DT  C "C4'" 1 
ATOM   530 O  "O4'" . DT  C 3 1  ? 20.237  -25.708 17.199  1.00 89.00  ? 1   DT  C "O4'" 1 
ATOM   531 C  "C3'" . DT  C 3 1  ? 19.970  -23.358 17.364  1.00 86.04  ? 1   DT  C "C3'" 1 
ATOM   532 O  "O3'" . DT  C 3 1  ? 21.236  -22.707 17.472  1.00 92.90  ? 1   DT  C "O3'" 1 
ATOM   533 C  "C2'" . DT  C 3 1  ? 19.693  -23.801 15.936  1.00 88.69  ? 1   DT  C "C2'" 1 
ATOM   534 C  "C1'" . DT  C 3 1  ? 20.298  -25.190 15.883  1.00 82.76  ? 1   DT  C "C1'" 1 
ATOM   535 N  N1    . DT  C 3 1  ? 19.537  -26.101 14.961  1.00 82.55  ? 1   DT  C N1    1 
ATOM   536 C  C2    . DT  C 3 1  ? 20.059  -26.406 13.706  1.00 86.14  ? 1   DT  C C2    1 
ATOM   537 O  O2    . DT  C 3 1  ? 21.139  -25.994 13.304  1.00 93.15  ? 1   DT  C O2    1 
ATOM   538 N  N3    . DT  C 3 1  ? 19.266  -27.228 12.933  1.00 80.15  ? 1   DT  C N3    1 
ATOM   539 C  C4    . DT  C 3 1  ? 18.037  -27.765 13.279  1.00 78.02  ? 1   DT  C C4    1 
ATOM   540 O  O4    . DT  C 3 1  ? 17.405  -28.496 12.520  1.00 77.74  ? 1   DT  C O4    1 
ATOM   541 C  C5    . DT  C 3 1  ? 17.551  -27.408 14.600  1.00 74.69  ? 1   DT  C C5    1 
ATOM   542 C  C7    . DT  C 3 1  ? 16.238  -27.931 15.076  1.00 74.15  ? 1   DT  C C7    1 
ATOM   543 C  C6    . DT  C 3 1  ? 18.308  -26.599 15.364  1.00 79.93  ? 1   DT  C C6    1 
ATOM   544 P  P     . DC  C 3 2  ? 21.397  -21.190 16.928  1.00 103.54 ? 2   DC  C P     1 
ATOM   545 O  OP1   . DC  C 3 2  ? 22.680  -20.653 17.449  1.00 96.11  ? 2   DC  C OP1   1 
ATOM   546 O  OP2   . DC  C 3 2  ? 20.132  -20.434 17.120  1.00 97.72  ? 2   DC  C OP2   1 
ATOM   547 O  "O5'" . DC  C 3 2  ? 21.555  -21.348 15.356  1.00 82.38  ? 2   DC  C "O5'" 1 
ATOM   548 C  "C5'" . DC  C 3 2  ? 22.801  -21.154 14.794  1.00 85.53  ? 2   DC  C "C5'" 1 
ATOM   549 C  "C4'" . DC  C 3 2  ? 22.809  -21.724 13.428  1.00 81.89  ? 2   DC  C "C4'" 1 
ATOM   550 O  "O4'" . DC  C 3 2  ? 21.698  -22.614 13.308  1.00 83.46  ? 2   DC  C "O4'" 1 
ATOM   551 C  "C3'" . DC  C 3 2  ? 22.594  -20.703 12.332  1.00 84.42  ? 2   DC  C "C3'" 1 
ATOM   552 O  "O3'" . DC  C 3 2  ? 23.798  -20.458 11.678  1.00 89.75  ? 2   DC  C "O3'" 1 
ATOM   553 C  "C2'" . DC  C 3 2  ? 21.569  -21.361 11.389  1.00 85.40  ? 2   DC  C "C2'" 1 
ATOM   554 C  "C1'" . DC  C 3 2  ? 21.466  -22.763 11.946  1.00 80.87  ? 2   DC  C "C1'" 1 
ATOM   555 N  N1    . DC  C 3 2  ? 20.150  -23.396 11.741  1.00 79.62  ? 2   DC  C N1    1 
ATOM   556 C  C2    . DC  C 3 2  ? 19.894  -24.048 10.533  1.00 77.68  ? 2   DC  C C2    1 
ATOM   557 O  O2    . DC  C 3 2  ? 20.769  -24.070 9.669   1.00 81.65  ? 2   DC  C O2    1 
ATOM   558 N  N3    . DC  C 3 2  ? 18.699  -24.639 10.349  1.00 77.67  ? 2   DC  C N3    1 
ATOM   559 C  C4    . DC  C 3 2  ? 17.779  -24.597 11.318  1.00 84.26  ? 2   DC  C C4    1 
ATOM   560 N  N4    . DC  C 3 2  ? 16.604  -25.196 11.083  1.00 85.77  ? 2   DC  C N4    1 
ATOM   561 C  C5    . DC  C 3 2  ? 18.021  -23.940 12.570  1.00 77.26  ? 2   DC  C C5    1 
ATOM   562 C  C6    . DC  C 3 2  ? 19.210  -23.357 12.732  1.00 78.36  ? 2   DC  C C6    1 
ATOM   563 P  P     . DT  C 3 3  ? 23.931  -19.146 10.771  1.00 104.21 ? 3   DT  C P     1 
ATOM   564 O  OP1   . DT  C 3 3  ? 25.331  -18.996 10.294  1.00 93.71  ? 3   DT  C OP1   1 
ATOM   565 O  OP2   . DT  C 3 3  ? 23.319  -18.087 11.614  1.00 107.00 ? 3   DT  C OP2   1 
ATOM   566 O  "O5'" . DT  C 3 3  ? 22.974  -19.438 9.521   1.00 81.67  ? 3   DT  C "O5'" 1 
ATOM   567 C  "C5'" . DT  C 3 3  ? 23.400  -20.269 8.516   1.00 76.62  ? 3   DT  C "C5'" 1 
ATOM   568 C  "C4'" . DT  C 3 3  ? 22.266  -20.597 7.582   1.00 86.62  ? 3   DT  C "C4'" 1 
ATOM   569 O  "O4'" . DT  C 3 3  ? 21.128  -21.114 8.292   1.00 91.02  ? 3   DT  C "O4'" 1 
ATOM   570 C  "C3'" . DT  C 3 3  ? 21.715  -19.419 6.809   1.00 96.65  ? 3   DT  C "C3'" 1 
ATOM   571 O  "O3'" . DT  C 3 3  ? 22.149  -19.522 5.504   1.00 101.79 ? 3   DT  C "O3'" 1 
ATOM   572 C  "C2'" . DT  C 3 3  ? 20.173  -19.564 6.921   1.00 95.39  ? 3   DT  C "C2'" 1 
ATOM   573 C  "C1'" . DT  C 3 3  ? 20.047  -20.983 7.408   1.00 89.69  ? 3   DT  C "C1'" 1 
ATOM   574 N  N1    . DT  C 3 3  ? 18.752  -21.359 8.108   1.00 89.04  ? 3   DT  C N1    1 
ATOM   575 C  C2    . DT  C 3 3  ? 17.858  -22.211 7.458   1.00 91.58  ? 3   DT  C C2    1 
ATOM   576 O  O2    . DT  C 3 3  ? 18.035  -22.637 6.312   1.00 89.30  ? 3   DT  C O2    1 
ATOM   577 N  N3    . DT  C 3 3  ? 16.742  -22.546 8.200   1.00 84.11  ? 3   DT  C N3    1 
ATOM   578 C  C4    . DT  C 3 3  ? 16.442  -22.144 9.499   1.00 85.62  ? 3   DT  C C4    1 
ATOM   579 O  O4    . DT  C 3 3  ? 15.417  -22.495 10.083  1.00 84.99  ? 3   DT  C O4    1 
ATOM   580 C  C5    . DT  C 3 3  ? 17.418  -21.279 10.123  1.00 82.43  ? 3   DT  C C5    1 
ATOM   581 C  C7    . DT  C 3 3  ? 17.186  -20.789 11.525  1.00 69.59  ? 3   DT  C C7    1 
ATOM   582 C  C6    . DT  C 3 3  ? 18.520  -20.937 9.410   1.00 84.27  ? 3   DT  C C6    1 
ATOM   583 P  P     . DG  C 3 4  ? 22.774  -18.230 4.809   1.00 109.44 ? 4   DG  C P     1 
ATOM   584 O  OP1   . DG  C 3 4  ? 24.205  -18.447 4.467   1.00 93.57  ? 4   DG  C OP1   1 
ATOM   585 O  OP2   . DG  C 3 4  ? 22.423  -17.136 5.753   1.00 104.98 ? 4   DG  C OP2   1 
ATOM   586 O  "O5'" . DG  C 3 4  ? 21.923  -18.114 3.464   1.00 95.78  ? 4   DG  C "O5'" 1 
ATOM   587 C  "C5'" . DG  C 3 4  ? 22.077  -19.079 2.459   1.00 84.99  ? 4   DG  C "C5'" 1 
ATOM   588 C  "C4'" . DG  C 3 4  ? 20.725  -19.473 1.926   1.00 93.01  ? 4   DG  C "C4'" 1 
ATOM   589 O  "O4'" . DG  C 3 4  ? 19.826  -19.691 3.030   1.00 97.23  ? 4   DG  C "O4'" 1 
ATOM   590 C  "C3'" . DG  C 3 4  ? 20.041  -18.439 1.030   1.00 91.96  ? 4   DG  C "C3'" 1 
ATOM   591 O  "O3'" . DG  C 3 4  ? 19.745  -19.077 -0.218  1.00 95.99  ? 4   DG  C "O3'" 1 
ATOM   592 C  "C2'" . DG  C 3 4  ? 18.775  -18.033 1.827   1.00 91.90  ? 4   DG  C "C2'" 1 
ATOM   593 C  "C1'" . DG  C 3 4  ? 18.538  -19.290 2.648   1.00 95.43  ? 4   DG  C "C1'" 1 
ATOM   594 N  N9    . DG  C 3 4  ? 17.755  -19.148 3.887   1.00 93.91  ? 4   DG  C N9    1 
ATOM   595 C  C8    . DG  C 3 4  ? 18.067  -18.375 4.978   1.00 90.21  ? 4   DG  C C8    1 
ATOM   596 N  N7    . DG  C 3 4  ? 17.233  -18.514 5.979   1.00 84.82  ? 4   DG  C N7    1 
ATOM   597 C  C5    . DG  C 3 4  ? 16.315  -19.445 5.531   1.00 82.75  ? 4   DG  C C5    1 
ATOM   598 C  C6    . DG  C 3 4  ? 15.189  -19.987 6.182   1.00 83.77  ? 4   DG  C C6    1 
ATOM   599 O  O6    . DG  C 3 4  ? 14.764  -19.734 7.320   1.00 86.12  ? 4   DG  C O6    1 
ATOM   600 N  N1    . DG  C 3 4  ? 14.520  -20.908 5.378   1.00 81.33  ? 4   DG  C N1    1 
ATOM   601 C  C2    . DG  C 3 4  ? 14.904  -21.273 4.109   1.00 82.50  ? 4   DG  C C2    1 
ATOM   602 N  N2    . DG  C 3 4  ? 14.129  -22.185 3.496   1.00 81.45  ? 4   DG  C N2    1 
ATOM   603 N  N3    . DG  C 3 4  ? 15.967  -20.777 3.483   1.00 84.25  ? 4   DG  C N3    1 
ATOM   604 C  C4    . DG  C 3 4  ? 16.622  -19.866 4.253   1.00 87.11  ? 4   DG  C C4    1 
ATOM   605 P  P     . DA  C 3 5  ? 18.698  -18.452 -1.264  1.00 109.75 ? 5   DA  C P     1 
ATOM   606 O  OP1   . DA  C 3 5  ? 18.884  -19.115 -2.583  1.00 91.36  ? 5   DA  C OP1   1 
ATOM   607 O  OP2   . DA  C 3 5  ? 18.774  -16.977 -1.136  1.00 109.25 ? 5   DA  C OP2   1 
ATOM   608 O  "O5'" . DA  C 3 5  ? 17.292  -18.949 -0.707  1.00 96.27  ? 5   DA  C "O5'" 1 
ATOM   609 C  "C5'" . DA  C 3 5  ? 16.937  -20.293 -0.860  1.00 95.82  ? 5   DA  C "C5'" 1 
ATOM   610 C  "C4'" . DA  C 3 5  ? 15.464  -20.434 -1.169  1.00 100.16 ? 5   DA  C "C4'" 1 
ATOM   611 O  "O4'" . DA  C 3 5  ? 14.689  -20.261 0.041   1.00 102.32 ? 5   DA  C "O4'" 1 
ATOM   612 C  "C3'" . DA  C 3 5  ? 14.889  -19.421 -2.129  1.00 91.58  ? 5   DA  C "C3'" 1 
ATOM   613 O  "O3'" . DA  C 3 5  ? 13.709  -19.959 -2.643  1.00 85.70  ? 5   DA  C "O3'" 1 
ATOM   614 C  "C2'" . DA  C 3 5  ? 14.581  -18.260 -1.191  1.00 92.36  ? 5   DA  C "C2'" 1 
ATOM   615 C  "C1'" . DA  C 3 5  ? 14.001  -19.023 -0.003  1.00 91.56  ? 5   DA  C "C1'" 1 
ATOM   616 N  N9    . DA  C 3 5  ? 14.197  -18.379 1.279   1.00 85.51  ? 5   DA  C N9    1 
ATOM   617 C  C8    . DA  C 3 5  ? 15.209  -17.537 1.638   1.00 89.12  ? 5   DA  C C8    1 
ATOM   618 N  N7    . DA  C 3 5  ? 15.137  -17.131 2.888   1.00 83.77  ? 5   DA  C N7    1 
ATOM   619 C  C5    . DA  C 3 5  ? 14.019  -17.767 3.378   1.00 78.42  ? 5   DA  C C5    1 
ATOM   620 C  C6    . DA  C 3 5  ? 13.405  -17.753 4.633   1.00 75.71  ? 5   DA  C C6    1 
ATOM   621 N  N6    . DA  C 3 5  ? 13.863  -17.046 5.655   1.00 78.70  ? 5   DA  C N6    1 
ATOM   622 N  N1    . DA  C 3 5  ? 12.294  -18.490 4.797   1.00 75.77  ? 5   DA  C N1    1 
ATOM   623 C  C2    . DA  C 3 5  ? 11.833  -19.199 3.758   1.00 81.38  ? 5   DA  C C2    1 
ATOM   624 N  N3    . DA  C 3 5  ? 12.331  -19.294 2.519   1.00 81.92  ? 5   DA  C N3    1 
ATOM   625 C  C4    . DA  C 3 5  ? 13.431  -18.545 2.398   1.00 80.80  ? 5   DA  C C4    1 
ATOM   626 P  P     . DG  C 3 6  ? 13.118  -19.396 -4.013  1.00 110.30 ? 6   DG  C P     1 
ATOM   627 O  OP1   . DG  C 3 6  ? 12.806  -20.551 -4.894  1.00 113.33 ? 6   DG  C OP1   1 
ATOM   628 O  OP2   . DG  C 3 6  ? 14.046  -18.310 -4.401  1.00 101.48 ? 6   DG  C OP2   1 
ATOM   629 O  "O5'" . DG  C 3 6  ? 11.732  -18.722 -3.606  1.00 106.75 ? 6   DG  C "O5'" 1 
ATOM   630 C  "C5'" . DG  C 3 6  ? 11.498  -18.396 -2.267  1.00 102.53 ? 6   DG  C "C5'" 1 
ATOM   631 C  "C4'" . DG  C 3 6  ? 10.294  -19.119 -1.741  1.00 95.50  ? 6   DG  C "C4'" 1 
ATOM   632 O  "O4'" . DG  C 3 6  ? 10.324  -19.065 -0.291  1.00 88.84  ? 6   DG  C "O4'" 1 
ATOM   633 C  "C3'" . DG  C 3 6  ? 9.012   -18.431 -2.133  1.00 88.65  ? 6   DG  C "C3'" 1 
ATOM   634 O  "O3'" . DG  C 3 6  ? 7.923   -19.296 -2.009  1.00 84.68  ? 6   DG  C "O3'" 1 
ATOM   635 C  "C2'" . DG  C 3 6  ? 8.952   -17.302 -1.108  1.00 89.37  ? 6   DG  C "C2'" 1 
ATOM   636 C  "C1'" . DG  C 3 6  ? 9.517   -17.976 0.152   1.00 87.39  ? 6   DG  C "C1'" 1 
ATOM   637 N  N9    . DG  C 3 6  ? 10.332  -17.069 0.955   1.00 77.66  ? 6   DG  C N9    1 
ATOM   638 C  C8    . DG  C 3 6  ? 11.416  -16.362 0.526   1.00 79.56  ? 6   DG  C C8    1 
ATOM   639 N  N7    . DG  C 3 6  ? 11.945  -15.612 1.453   1.00 82.51  ? 6   DG  C N7    1 
ATOM   640 C  C5    . DG  C 3 6  ? 11.159  -15.833 2.568   1.00 71.95  ? 6   DG  C C5    1 
ATOM   641 C  C6    . DG  C 3 6  ? 11.264  -15.293 3.862   1.00 68.21  ? 6   DG  C C6    1 
ATOM   642 O  O6    . DG  C 3 6  ? 12.093  -14.500 4.288   1.00 74.01  ? 6   DG  C O6    1 
ATOM   643 N  N1    . DG  C 3 6  ? 10.290  -15.765 4.702   1.00 65.75  ? 6   DG  C N1    1 
ATOM   644 C  C2    . DG  C 3 6  ? 9.323   -16.652 4.346   1.00 73.47  ? 6   DG  C C2    1 
ATOM   645 N  N2    . DG  C 3 6  ? 8.454   -16.974 5.310   1.00 73.16  ? 6   DG  C N2    1 
ATOM   646 N  N3    . DG  C 3 6  ? 9.203   -17.186 3.129   1.00 77.86  ? 6   DG  C N3    1 
ATOM   647 C  C4    . DG  C 3 6  ? 10.158  -16.722 2.288   1.00 75.00  ? 6   DG  C C4    1 
ATOM   648 P  P     . DT  C 3 7  ? 6.445   -18.709 -2.234  1.00 108.05 ? 7   DT  C P     1 
ATOM   649 O  OP1   . DT  C 3 7  ? 5.587   -19.884 -2.515  1.00 101.30 ? 7   DT  C OP1   1 
ATOM   650 O  OP2   . DT  C 3 7  ? 6.543   -17.580 -3.196  1.00 102.43 ? 7   DT  C OP2   1 
ATOM   651 O  "O5'" . DT  C 3 7  ? 6.044   -18.036 -0.822  1.00 92.35  ? 7   DT  C "O5'" 1 
ATOM   652 C  "C5'" . DT  C 3 7  ? 6.098   -18.802 0.365   1.00 89.32  ? 7   DT  C "C5'" 1 
ATOM   653 C  "C4'" . DT  C 3 7  ? 5.142   -18.258 1.409   1.00 87.93  ? 7   DT  C "C4'" 1 
ATOM   654 O  "O4'" . DT  C 3 7  ? 5.849   -17.375 2.319   1.00 81.91  ? 7   DT  C "O4'" 1 
ATOM   655 C  "C3'" . DT  C 3 7  ? 3.978   -17.451 0.860   1.00 85.19  ? 7   DT  C "C3'" 1 
ATOM   656 O  "O3'" . DT  C 3 7  ? 2.841   -17.704 1.647   1.00 80.86  ? 7   DT  C "O3'" 1 
ATOM   657 C  "C2'" . DT  C 3 7  ? 4.460   -16.005 1.001   1.00 80.18  ? 7   DT  C "C2'" 1 
ATOM   658 C  "C1'" . DT  C 3 7  ? 5.293   -16.075 2.271   1.00 78.52  ? 7   DT  C "C1'" 1 
ATOM   659 N  N1    . DT  C 3 7  ? 6.418   -15.122 2.297   1.00 70.06  ? 7   DT  C N1    1 
ATOM   660 C  C2    . DT  C 3 7  ? 6.734   -14.491 3.476   1.00 68.64  ? 7   DT  C C2    1 
ATOM   661 O  O2    . DT  C 3 7  ? 6.114   -14.652 4.513   1.00 72.38  ? 7   DT  C O2    1 
ATOM   662 N  N3    . DT  C 3 7  ? 7.795   -13.653 3.405   1.00 64.45  ? 7   DT  C N3    1 
ATOM   663 C  C4    . DT  C 3 7  ? 8.570   -13.401 2.305   1.00 70.07  ? 7   DT  C C4    1 
ATOM   664 O  O4    . DT  C 3 7  ? 9.529   -12.633 2.336   1.00 71.37  ? 7   DT  C O4    1 
ATOM   665 C  C5    . DT  C 3 7  ? 8.187   -14.098 1.112   1.00 72.25  ? 7   DT  C C5    1 
ATOM   666 C  C7    . DT  C 3 7  ? 8.967   -13.895 -0.147  1.00 77.57  ? 7   DT  C C7    1 
ATOM   667 C  C6    . DT  C 3 7  ? 7.141   -14.920 1.165   1.00 69.92  ? 7   DT  C C6    1 
ATOM   668 P  P     . DG  C 3 8  ? 1.529   -16.798 1.498   1.00 81.74  ? 8   DG  C P     1 
ATOM   669 O  OP1   . DG  C 3 8  ? 0.388   -17.684 1.864   1.00 69.53  ? 8   DG  C OP1   1 
ATOM   670 O  OP2   . DG  C 3 8  ? 1.539   -16.174 0.147   1.00 75.00  ? 8   DG  C OP2   1 
ATOM   671 O  "O5'" . DG  C 3 8  ? 1.712   -15.727 2.672   1.00 68.32  ? 8   DG  C "O5'" 1 
ATOM   672 C  "C5'" . DG  C 3 8  ? 1.783   -16.224 3.980   1.00 66.22  ? 8   DG  C "C5'" 1 
ATOM   673 C  "C4'" . DG  C 3 8  ? 1.381   -15.202 5.022   1.00 68.67  ? 8   DG  C "C4'" 1 
ATOM   674 O  "O4'" . DG  C 3 8  ? 2.443   -14.244 5.222   1.00 69.72  ? 8   DG  C "O4'" 1 
ATOM   675 C  "C3'" . DG  C 3 8  ? 0.134   -14.388 4.737   1.00 65.37  ? 8   DG  C "C3'" 1 
ATOM   676 O  "O3'" . DG  C 3 8  ? -0.508  -14.112 5.993   1.00 64.21  ? 8   DG  C "O3'" 1 
ATOM   677 C  "C2'" . DG  C 3 8  ? 0.701   -13.137 4.076   1.00 62.42  ? 8   DG  C "C2'" 1 
ATOM   678 C  "C1'" . DG  C 3 8  ? 2.034   -12.964 4.790   1.00 62.09  ? 8   DG  C "C1'" 1 
ATOM   679 N  N9    . DG  C 3 8  ? 3.112   -12.445 3.950   1.00 62.50  ? 8   DG  C N9    1 
ATOM   680 C  C8    . DG  C 3 8  ? 3.379   -12.743 2.628   1.00 66.34  ? 8   DG  C C8    1 
ATOM   681 N  N7    . DG  C 3 8  ? 4.460   -12.146 2.175   1.00 63.65  ? 8   DG  C N7    1 
ATOM   682 C  C5    . DG  C 3 8  ? 4.919   -11.427 3.273   1.00 57.94  ? 8   DG  C C5    1 
ATOM   683 C  C6    . DG  C 3 8  ? 6.045   -10.592 3.405   1.00 65.24  ? 8   DG  C C6    1 
ATOM   684 O  O6    . DG  C 3 8  ? 6.886   -10.291 2.536   1.00 70.31  ? 8   DG  C O6    1 
ATOM   685 N  N1    . DG  C 3 8  ? 6.147   -10.075 4.695   1.00 60.20  ? 8   DG  C N1    1 
ATOM   686 C  C2    . DG  C 3 8  ? 5.253   -10.331 5.714   1.00 61.72  ? 8   DG  C C2    1 
ATOM   687 N  N2    . DG  C 3 8  ? 5.495   -9.743  6.893   1.00 65.18  ? 8   DG  C N2    1 
ATOM   688 N  N3    . DG  C 3 8  ? 4.206   -11.111 5.594   1.00 57.05  ? 8   DG  C N3    1 
ATOM   689 C  C4    . DG  C 3 8  ? 4.104   -11.618 4.362   1.00 55.70  ? 8   DG  C C4    1 
ATOM   690 P  P     . DT  C 3 9  ? -1.464  -12.837 6.217   1.00 68.61  ? 9   DT  C P     1 
ATOM   691 O  OP1   . DT  C 3 9  ? -2.359  -13.167 7.363   1.00 58.97  ? 9   DT  C OP1   1 
ATOM   692 O  OP2   . DT  C 3 9  ? -2.168  -12.491 4.946   1.00 64.31  ? 9   DT  C OP2   1 
ATOM   693 O  "O5'" . DT  C 3 9  ? -0.422  -11.691 6.700   1.00 57.80  ? 9   DT  C "O5'" 1 
ATOM   694 C  "C5'" . DT  C 3 9  ? -0.511  -11.143 8.050   1.00 48.30  ? 9   DT  C "C5'" 1 
ATOM   695 C  "C4'" . DT  C 3 9  ? -0.094  -9.692  8.048   1.00 53.85  ? 9   DT  C "C4'" 1 
ATOM   696 O  "O4'" . DT  C 3 9  ? 1.118   -9.512  7.230   1.00 63.08  ? 9   DT  C "O4'" 1 
ATOM   697 C  "C3'" . DT  C 3 9  ? -1.119  -8.770  7.406   1.00 62.80  ? 9   DT  C "C3'" 1 
ATOM   698 O  "O3'" . DT  C 3 9  ? -1.152  -7.546  8.072   1.00 57.73  ? 9   DT  C "O3'" 1 
ATOM   699 C  "C2'" . DT  C 3 9  ? -0.559  -8.587  6.015   1.00 57.95  ? 9   DT  C "C2'" 1 
ATOM   700 C  "C1'" . DT  C 3 9  ? 0.882   -8.422  6.373   1.00 52.02  ? 9   DT  C "C1'" 1 
ATOM   701 N  N1    . DT  C 3 9  ? 1.741   -8.463  5.204   1.00 52.52  ? 9   DT  C N1    1 
ATOM   702 C  C2    . DT  C 3 9  ? 2.912   -7.765  5.215   1.00 55.28  ? 9   DT  C C2    1 
ATOM   703 O  O2    . DT  C 3 9  ? 3.316   -7.157  6.189   1.00 55.86  ? 9   DT  C O2    1 
ATOM   704 N  N3    . DT  C 3 9  ? 3.606   -7.811  4.046   1.00 50.30  ? 9   DT  C N3    1 
ATOM   705 C  C4    . DT  C 3 9  ? 3.231   -8.465  2.895   1.00 55.60  ? 9   DT  C C4    1 
ATOM   706 O  O4    . DT  C 3 9  ? 3.923   -8.480  1.882   1.00 66.70  ? 9   DT  C O4    1 
ATOM   707 C  C5    . DT  C 3 9  ? 1.985   -9.141  2.950   1.00 47.33  ? 9   DT  C C5    1 
ATOM   708 C  C7    . DT  C 3 9  ? 1.501   -9.878  1.759   1.00 51.26  ? 9   DT  C C7    1 
ATOM   709 C  C6    . DT  C 3 9  ? 1.294   -9.094  4.075   1.00 50.05  ? 9   DT  C C6    1 
ATOM   710 P  P     . DG  D 4 1  ? 0.882   14.207  -9.330  1.00 69.97  ? 10  DG  D P     1 
ATOM   711 O  OP1   . DG  D 4 1  ? 1.964   15.084  -9.790  1.00 69.60  ? 10  DG  D OP1   1 
ATOM   712 O  OP2   . DG  D 4 1  ? 0.939   13.696  -7.961  1.00 58.34  ? 10  DG  D OP2   1 
ATOM   713 O  "O5'" . DG  D 4 1  ? 0.889   12.896  -10.203 1.00 68.64  ? 10  DG  D "O5'" 1 
ATOM   714 C  "C5'" . DG  D 4 1  ? 0.988   11.688  -9.531  1.00 66.13  ? 10  DG  D "C5'" 1 
ATOM   715 C  "C4'" . DG  D 4 1  ? 0.294   10.568  -10.265 1.00 65.23  ? 10  DG  D "C4'" 1 
ATOM   716 O  "O4'" . DG  D 4 1  ? 0.462   9.379   -9.466  1.00 75.33  ? 10  DG  D "O4'" 1 
ATOM   717 C  "C3'" . DG  D 4 1  ? -1.197  10.747  -10.425 1.00 62.90  ? 10  DG  D "C3'" 1 
ATOM   718 O  "O3'" . DG  D 4 1  ? -1.516  11.179  -11.733 1.00 74.49  ? 10  DG  D "O3'" 1 
ATOM   719 C  "C2'" . DG  D 4 1  ? -1.756  9.369   -10.146 1.00 59.29  ? 10  DG  D "C2'" 1 
ATOM   720 C  "C1'" . DG  D 4 1  ? -0.784  8.851   -9.105  1.00 70.33  ? 10  DG  D "C1'" 1 
ATOM   721 N  N9    . DG  D 4 1  ? -1.079  9.234   -7.709  1.00 66.15  ? 10  DG  D N9    1 
ATOM   722 C  C8    . DG  D 4 1  ? -0.409  10.150  -6.939  1.00 61.85  ? 10  DG  D C8    1 
ATOM   723 N  N7    . DG  D 4 1  ? -0.894  10.264  -5.729  1.00 58.58  ? 10  DG  D N7    1 
ATOM   724 C  C5    . DG  D 4 1  ? -1.939  9.367   -5.696  1.00 58.34  ? 10  DG  D C5    1 
ATOM   725 C  C6    . DG  D 4 1  ? -2.825  9.057   -4.651  1.00 61.78  ? 10  DG  D C6    1 
ATOM   726 O  O6    . DG  D 4 1  ? -2.856  9.530   -3.511  1.00 64.71  ? 10  DG  D O6    1 
ATOM   727 N  N1    . DG  D 4 1  ? -3.739  8.086   -5.018  1.00 58.51  ? 10  DG  D N1    1 
ATOM   728 C  C2    . DG  D 4 1  ? -3.783  7.489   -6.243  1.00 63.66  ? 10  DG  D C2    1 
ATOM   729 N  N2    . DG  D 4 1  ? -4.735  6.559   -6.407  1.00 72.05  ? 10  DG  D N2    1 
ATOM   730 N  N3    . DG  D 4 1  ? -2.959  7.773   -7.242  1.00 60.36  ? 10  DG  D N3    1 
ATOM   731 C  C4    . DG  D 4 1  ? -2.071  8.722   -6.899  1.00 60.25  ? 10  DG  D C4    1 
ATOM   732 P  P     . DG  D 4 2  ? -2.794  12.151  -11.962 1.00 85.45  ? 11  DG  D P     1 
ATOM   733 O  OP1   . DG  D 4 2  ? -2.990  12.224  -13.445 1.00 65.48  ? 11  DG  D OP1   1 
ATOM   734 O  OP2   . DG  D 4 2  ? -2.578  13.385  -11.135 1.00 57.73  ? 11  DG  D OP2   1 
ATOM   735 O  "O5'" . DG  D 4 2  ? -4.047  11.317  -11.350 1.00 71.46  ? 11  DG  D "O5'" 1 
ATOM   736 C  "C5'" . DG  D 4 2  ? -4.531  10.132  -12.057 1.00 72.12  ? 11  DG  D "C5'" 1 
ATOM   737 C  "C4'" . DG  D 4 2  ? -5.390  9.238   -11.156 1.00 72.69  ? 11  DG  D "C4'" 1 
ATOM   738 O  "O4'" . DG  D 4 2  ? -4.818  9.178   -9.843  1.00 71.03  ? 11  DG  D "O4'" 1 
ATOM   739 C  "C3'" . DG  D 4 2  ? -6.789  9.734   -10.900 1.00 75.87  ? 11  DG  D "C3'" 1 
ATOM   740 O  "O3'" . DG  D 4 2  ? -7.641  9.384   -11.978 1.00 84.42  ? 11  DG  D "O3'" 1 
ATOM   741 C  "C2'" . DG  D 4 2  ? -7.173  9.006   -9.608  1.00 66.03  ? 11  DG  D "C2'" 1 
ATOM   742 C  "C1'" . DG  D 4 2  ? -5.826  8.857   -8.905  1.00 67.17  ? 11  DG  D "C1'" 1 
ATOM   743 N  N9    . DG  D 4 2  ? -5.630  9.704   -7.725  1.00 64.59  ? 11  DG  D N9    1 
ATOM   744 C  C8    . DG  D 4 2  ? -4.724  10.728  -7.592  1.00 64.11  ? 11  DG  D C8    1 
ATOM   745 N  N7    . DG  D 4 2  ? -4.741  11.288  -6.418  1.00 59.78  ? 11  DG  D N7    1 
ATOM   746 C  C5    . DG  D 4 2  ? -5.716  10.589  -5.723  1.00 64.48  ? 11  DG  D C5    1 
ATOM   747 C  C6    . DG  D 4 2  ? -6.185  10.744  -4.383  1.00 70.09  ? 11  DG  D C6    1 
ATOM   748 O  O6    . DG  D 4 2  ? -5.818  11.561  -3.523  1.00 71.27  ? 11  DG  D O6    1 
ATOM   749 N  N1    . DG  D 4 2  ? -7.179  9.828   -4.074  1.00 68.23  ? 11  DG  D N1    1 
ATOM   750 C  C2    . DG  D 4 2  ? -7.663  8.874   -4.936  1.00 72.25  ? 11  DG  D C2    1 
ATOM   751 N  N2    . DG  D 4 2  ? -8.626  8.066   -4.446  1.00 70.56  ? 11  DG  D N2    1 
ATOM   752 N  N3    . DG  D 4 2  ? -7.235  8.722   -6.200  1.00 67.86  ? 11  DG  D N3    1 
ATOM   753 C  C4    . DG  D 4 2  ? -6.265  9.607   -6.514  1.00 61.38  ? 11  DG  D C4    1 
ATOM   754 P  P     . DT  D 4 3  ? -8.920  10.308  -12.288 1.00 96.96  ? 12  DT  D P     1 
ATOM   755 O  OP1   . DT  D 4 3  ? -9.407  9.963   -13.659 1.00 79.19  ? 12  DT  D OP1   1 
ATOM   756 O  OP2   . DT  D 4 3  ? -8.487  11.707  -11.964 1.00 84.83  ? 12  DT  D OP2   1 
ATOM   757 O  "O5'" . DT  D 4 3  ? -9.981  9.848   -11.168 1.00 63.22  ? 12  DT  D "O5'" 1 
ATOM   758 C  "C5'" . DT  D 4 3  ? -10.262 8.493   -11.039 1.00 63.05  ? 12  DT  D "C5'" 1 
ATOM   759 C  "C4'" . DT  D 4 3  ? -11.103 8.248   -9.827  1.00 76.02  ? 12  DT  D "C4'" 1 
ATOM   760 O  "O4'" . DT  D 4 3  ? -10.410 8.700   -8.623  1.00 79.43  ? 12  DT  D "O4'" 1 
ATOM   761 C  "C3'" . DT  D 4 3  ? -12.434 8.964   -9.835  1.00 79.56  ? 12  DT  D "C3'" 1 
ATOM   762 O  "O3'" . DT  D 4 3  ? -13.379 8.112   -9.304  1.00 86.64  ? 12  DT  D "O3'" 1 
ATOM   763 C  "C2'" . DT  D 4 3  ? -12.190 10.153  -8.910  1.00 80.65  ? 12  DT  D "C2'" 1 
ATOM   764 C  "C1'" . DT  D 4 3  ? -11.248 9.553   -7.881  1.00 70.51  ? 12  DT  D "C1'" 1 
ATOM   765 N  N1    . DT  D 4 3  ? -10.395 10.552  -7.277  1.00 65.76  ? 12  DT  D N1    1 
ATOM   766 C  C2    . DT  D 4 3  ? -10.478 10.805  -5.929  1.00 71.40  ? 12  DT  D C2    1 
ATOM   767 O  O2    . DT  D 4 3  ? -11.237 10.221  -5.185  1.00 78.33  ? 12  DT  D O2    1 
ATOM   768 N  N3    . DT  D 4 3  ? -9.618  11.762  -5.472  1.00 65.31  ? 12  DT  D N3    1 
ATOM   769 C  C4    . DT  D 4 3  ? -8.716  12.477  -6.226  1.00 66.66  ? 12  DT  D C4    1 
ATOM   770 O  O4    . DT  D 4 3  ? -7.989  13.321  -5.733  1.00 69.11  ? 12  DT  D O4    1 
ATOM   771 C  C5    . DT  D 4 3  ? -8.697  12.159  -7.642  1.00 64.78  ? 12  DT  D C5    1 
ATOM   772 C  C7    . DT  D 4 3  ? -7.766  12.870  -8.576  1.00 67.81  ? 12  DT  D C7    1 
ATOM   773 C  C6    . DT  D 4 3  ? -9.526  11.225  -8.082  1.00 65.31  ? 12  DT  D C6    1 
ATOM   774 P  P     . DC  D 4 4  ? -14.927 8.444   -9.472  1.00 93.94  ? 13  DC  D P     1 
ATOM   775 O  OP1   . DC  D 4 4  ? -15.491 7.251   -10.177 1.00 77.77  ? 13  DC  D OP1   1 
ATOM   776 O  OP2   . DC  D 4 4  ? -14.986 9.843   -9.992  1.00 80.21  ? 13  DC  D OP2   1 
ATOM   777 O  "O5'" . DC  D 4 4  ? -15.468 8.496   -7.976  1.00 68.47  ? 13  DC  D "O5'" 1 
ATOM   778 C  "C5'" . DC  D 4 4  ? -14.906 9.360   -7.104  1.00 61.52  ? 13  DC  D "C5'" 1 
ATOM   779 C  "C4'" . DC  D 4 4  ? -15.537 9.200   -5.765  1.00 72.25  ? 13  DC  D "C4'" 1 
ATOM   780 O  "O4'" . DC  D 4 4  ? -14.732 9.916   -4.817  1.00 82.15  ? 13  DC  D "O4'" 1 
ATOM   781 C  "C3'" . DC  D 4 4  ? -16.908 9.833   -5.638  1.00 81.30  ? 13  DC  D "C3'" 1 
ATOM   782 O  "O3'" . DC  D 4 4  ? -17.577 9.355   -4.464  1.00 79.58  ? 13  DC  D "O3'" 1 
ATOM   783 C  "C2'" . DC  D 4 4  ? -16.528 11.298  -5.489  1.00 80.35  ? 13  DC  D "C2'" 1 
ATOM   784 C  "C1'" . DC  D 4 4  ? -15.277 11.203  -4.612  1.00 75.80  ? 13  DC  D "C1'" 1 
ATOM   785 N  N1    . DC  D 4 4  ? -14.221 12.205  -4.934  1.00 71.59  ? 13  DC  D N1    1 
ATOM   786 C  C2    . DC  D 4 4  ? -13.645 12.921  -3.898  1.00 73.45  ? 13  DC  D C2    1 
ATOM   787 O  O2    . DC  D 4 4  ? -14.031 12.704  -2.746  1.00 74.31  ? 13  DC  D O2    1 
ATOM   788 N  N3    . DC  D 4 4  ? -12.680 13.828  -4.179  1.00 74.21  ? 13  DC  D N3    1 
ATOM   789 C  C4    . DC  D 4 4  ? -12.292 14.014  -5.438  1.00 74.37  ? 13  DC  D C4    1 
ATOM   790 N  N4    . DC  D 4 4  ? -11.333 14.918  -5.668  1.00 77.31  ? 13  DC  D N4    1 
ATOM   791 C  C5    . DC  D 4 4  ? -12.866 13.282  -6.516  1.00 69.63  ? 13  DC  D C5    1 
ATOM   792 C  C6    . DC  D 4 4  ? -13.816 12.395  -6.219  1.00 70.57  ? 13  DC  D C6    1 
ATOM   793 P  P     . DT  D 4 5  ? -19.080 9.832   -4.136  1.00 93.69  ? 14  DT  D P     1 
ATOM   794 O  OP1   . DT  D 4 5  ? -19.693 8.809   -3.253  1.00 86.34  ? 14  DT  D OP1   1 
ATOM   795 O  OP2   . DT  D 4 5  ? -19.709 10.227  -5.419  1.00 87.26  ? 14  DT  D OP2   1 
ATOM   796 O  "O5'" . DT  D 4 5  ? -18.905 11.126  -3.219  1.00 78.80  ? 14  DT  D "O5'" 1 
ATOM   797 C  "C5'" . DT  D 4 5  ? -18.570 10.952  -1.873  1.00 71.16  ? 14  DT  D "C5'" 1 
ATOM   798 C  "C4'" . DT  D 4 5  ? -18.427 12.292  -1.199  1.00 78.58  ? 14  DT  D "C4'" 1 
ATOM   799 O  "O4'" . DT  D 4 5  ? -17.334 13.046  -1.797  1.00 79.88  ? 14  DT  D "O4'" 1 
ATOM   800 C  "C3'" . DT  D 4 5  ? -19.648 13.166  -1.321  1.00 81.31  ? 14  DT  D "C3'" 1 
ATOM   801 O  "O3'" . DT  D 4 5  ? -20.001 13.677  -0.076  1.00 79.65  ? 14  DT  D "O3'" 1 
ATOM   802 C  "C2'" . DT  D 4 5  ? -19.215 14.269  -2.281  1.00 89.51  ? 14  DT  D "C2'" 1 
ATOM   803 C  "C1'" . DT  D 4 5  ? -17.738 14.370  -2.017  1.00 73.47  ? 14  DT  D "C1'" 1 
ATOM   804 N  N1    . DT  D 4 5  ? -16.961 14.907  -3.185  1.00 72.98  ? 14  DT  D N1    1 
ATOM   805 C  C2    . DT  D 4 5  ? -15.949 15.789  -2.952  1.00 74.30  ? 14  DT  D C2    1 
ATOM   806 O  O2    . DT  D 4 5  ? -15.650 16.169  -1.839  1.00 78.37  ? 14  DT  D O2    1 
ATOM   807 N  N3    . DT  D 4 5  ? -15.276 16.209  -4.075  1.00 76.14  ? 14  DT  D N3    1 
ATOM   808 C  C4    . DT  D 4 5  ? -15.517 15.836  -5.385  1.00 76.08  ? 14  DT  D C4    1 
ATOM   809 O  O4    . DT  D 4 5  ? -14.873 16.262  -6.337  1.00 78.41  ? 14  DT  D O4    1 
ATOM   810 C  C5    . DT  D 4 5  ? -16.589 14.924  -5.568  1.00 77.40  ? 14  DT  D C5    1 
ATOM   811 C  C7    . DT  D 4 5  ? -16.920 14.480  -6.958  1.00 78.38  ? 14  DT  D C7    1 
ATOM   812 C  C6    . DT  D 4 5  ? -17.265 14.495  -4.473  1.00 75.99  ? 14  DT  D C6    1 
ATOM   813 P  P     . DG  D 4 6  ? -21.465 13.362  0.489   1.00 91.77  ? 15  DG  D P     1 
ATOM   814 O  OP1   . DG  D 4 6  ? -21.360 12.309  1.540   1.00 94.38  ? 15  DG  D OP1   1 
ATOM   815 O  OP2   . DG  D 4 6  ? -22.275 13.066  -0.718  1.00 76.31  ? 15  DG  D OP2   1 
ATOM   816 O  "O5'" . DG  D 4 6  ? -21.906 14.745  1.184   1.00 85.66  ? 15  DG  D "O5'" 1 
ATOM   817 C  "C5'" . DG  D 4 6  ? -21.058 15.389  2.153   1.00 78.90  ? 15  DG  D "C5'" 1 
ATOM   818 C  "C4'" . DG  D 4 6  ? -20.937 16.836  1.786   1.00 77.54  ? 15  DG  D "C4'" 1 
ATOM   819 O  "O4'" . DG  D 4 6  ? -19.971 16.966  0.723   1.00 86.42  ? 15  DG  D "O4'" 1 
ATOM   820 C  "C3'" . DG  D 4 6  ? -22.197 17.376  1.171   1.00 78.60  ? 15  DG  D "C3'" 1 
ATOM   821 O  "O3'" . DG  D 4 6  ? -23.131 17.872  2.157   1.00 88.06  ? 15  DG  D "O3'" 1 
ATOM   822 C  "C2'" . DG  D 4 6  ? -21.727 18.457  0.196   1.00 77.80  ? 15  DG  D "C2'" 1 
ATOM   823 C  "C1'" . DG  D 4 6  ? -20.240 18.160  0.012   1.00 82.52  ? 15  DG  D "C1'" 1 
ATOM   824 N  N9    . DG  D 4 6  ? -19.862 17.983  -1.381  1.00 77.66  ? 15  DG  D N9    1 
ATOM   825 C  C8    . DG  D 4 6  ? -20.519 17.221  -2.311  1.00 78.56  ? 15  DG  D C8    1 
ATOM   826 N  N7    . DG  D 4 6  ? -19.962 17.240  -3.494  1.00 72.06  ? 15  DG  D N7    1 
ATOM   827 C  C5    . DG  D 4 6  ? -18.874 18.068  -3.339  1.00 72.35  ? 15  DG  D C5    1 
ATOM   828 C  C6    . DG  D 4 6  ? -17.917 18.447  -4.280  1.00 76.66  ? 15  DG  D C6    1 
ATOM   829 O  O6    . DG  D 4 6  ? -17.856 18.112  -5.471  1.00 86.52  ? 15  DG  D O6    1 
ATOM   830 N  N1    . DG  D 4 6  ? -16.963 19.308  -3.739  1.00 74.09  ? 15  DG  D N1    1 
ATOM   831 C  C2    . DG  D 4 6  ? -16.956 19.755  -2.438  1.00 79.03  ? 15  DG  D C2    1 
ATOM   832 N  N2    . DG  D 4 6  ? -15.951 20.598  -2.106  1.00 74.07  ? 15  DG  D N2    1 
ATOM   833 N  N3    . DG  D 4 6  ? -17.869 19.397  -1.522  1.00 77.77  ? 15  DG  D N3    1 
ATOM   834 C  C4    . DG  D 4 6  ? -18.792 18.548  -2.047  1.00 75.82  ? 15  DG  D C4    1 
ATOM   835 P  P     . DC  D 4 7  ? -22.712 18.697  3.475   1.00 92.64  ? 16  DC  D P     1 
ATOM   836 O  OP1   . DC  D 4 7  ? -21.978 17.805  4.404   1.00 87.43  ? 16  DC  D OP1   1 
ATOM   837 O  OP2   . DC  D 4 7  ? -24.005 19.232  3.963   1.00 84.12  ? 16  DC  D OP2   1 
ATOM   838 O  "O5'" . DC  D 4 7  ? -21.823 19.942  2.941   1.00 96.05  ? 16  DC  D "O5'" 1 
ATOM   839 C  "C5'" . DC  D 4 7  ? -22.449 21.085  2.212   1.00 98.30  ? 16  DC  D "C5'" 1 
ATOM   840 C  "C4'" . DC  D 4 7  ? -21.383 22.004  1.557   1.00 101.84 ? 16  DC  D "C4'" 1 
ATOM   841 O  "O4'" . DC  D 4 7  ? -20.916 21.436  0.307   1.00 99.32  ? 16  DC  D "O4'" 1 
ATOM   842 C  "C3'" . DC  D 4 7  ? -21.837 23.425  1.204   1.00 93.03  ? 16  DC  D "C3'" 1 
ATOM   843 O  "O3'" . DC  D 4 7  ? -21.213 24.374  2.095   1.00 91.02  ? 16  DC  D "O3'" 1 
ATOM   844 C  "C2'" . DC  D 4 7  ? -21.413 23.624  -0.284  1.00 84.88  ? 16  DC  D "C2'" 1 
ATOM   845 C  "C1'" . DC  D 4 7  ? -20.455 22.464  -0.531  1.00 85.02  ? 16  DC  D "C1'" 1 
ATOM   846 N  N1    . DC  D 4 7  ? -20.433 21.903  -1.950  1.00 77.86  ? 16  DC  D N1    1 
ATOM   847 C  C2    . DC  D 4 7  ? -19.382 22.205  -2.828  1.00 75.19  ? 16  DC  D C2    1 
ATOM   848 O  O2    . DC  D 4 7  ? -18.487 22.984  -2.472  1.00 76.58  ? 16  DC  D O2    1 
ATOM   849 N  N3    . DC  D 4 7  ? -19.390 21.653  -4.068  1.00 73.66  ? 16  DC  D N3    1 
ATOM   850 C  C4    . DC  D 4 7  ? -20.362 20.825  -4.430  1.00 70.06  ? 16  DC  D C4    1 
ATOM   851 N  N4    . DC  D 4 7  ? -20.319 20.306  -5.651  1.00 66.80  ? 16  DC  D N4    1 
ATOM   852 C  C5    . DC  D 4 7  ? -21.415 20.492  -3.553  1.00 73.77  ? 16  DC  D C5    1 
ATOM   853 C  C6    . DC  D 4 7  ? -21.408 21.039  -2.334  1.00 77.78  ? 16  DC  D C6    1 
HETATM 854 AS AS    . CAC E 5 .  ? -3.606  -13.252 10.522  0.75 128.04 ? 101 CAC C AS    1 
HETATM 855 AS AS    . CAC F 5 .  ? -3.756  14.300  -6.295  0.75 170.87 ? 101 CAC D AS    1 
# 
